data_7AGV
#
_entry.id   7AGV
#
_cell.length_a   72.945
_cell.length_b   127.598
_cell.length_c   81.881
_cell.angle_alpha   90.000
_cell.angle_beta   95.800
_cell.angle_gamma   90.000
#
_symmetry.space_group_name_H-M   'P 1 21 1'
#
loop_
_entity.id
_entity.type
_entity.pdbx_description
1 polymer 'K(+)/H(+) antiporter subunit KhtT'
2 non-polymer 'CALCIUM ION'
3 non-polymer 'ACETATE ION'
4 non-polymer "(2R,3R,3aS,5R,7aR,9R,10R,10aS,12R,14aR)-2,9-bis(6-amino-9H-purin-9-yl)octahydro-2H,7H-difuro[3,2-d:3',2'-j][1,3,7,9,2,8 ]tetraoxadiphosphacyclododecine-3,5,10,12-tetrol 5,12-dioxide"
5 water water
#
_entity_poly.entity_id   1
_entity_poly.type   'polypeptide(L)'
_entity_poly.pdbx_seq_one_letter_code
;GSGLNIKENDLPGIGKKFEIETRSHEKMTIIIHDDGRREIYRFNDRDPDELLSNISLDDSEARQIAAILGGMVYKPQALE
SIEMAFSDLIIEWFKVEKGAKSIGRTLGELDVRQNYDVTVIAIIKHNQEKLLNPGADSIIEENDTLVLSGERKHLKKLIH
DFLSGEGV
;
_entity_poly.pdbx_strand_id   A,B,C,D,E,F,G,H
#
loop_
_chem_comp.id
_chem_comp.type
_chem_comp.name
_chem_comp.formula
2BA non-polymer '(2R,3R,3aS,5R,7aR,9R,10R,10aS,12R,14aR)-2,9-bis(6-amino-9H-purin-9-yl)octahydro-2H,7H-difuro[3,2-d:3',2'-j][1,3,7,9,2,8 ]tetraoxadiphosphacyclododecine-3,5,10,12-tetrol 5,12-dioxide' 'C20 H24 N10 O12 P2'
ACT non-polymer 'ACETATE ION' 'C2 H3 O2 -1'
CA non-polymer 'CALCIUM ION' 'Ca 2'
#
# COMPACT_ATOMS: atom_id res chain seq x y z
N SER A 2 -17.66 -14.52 36.40
CA SER A 2 -17.48 -13.25 37.10
C SER A 2 -16.00 -12.90 37.21
N GLY A 3 -15.15 -13.93 37.24
CA GLY A 3 -13.74 -13.73 37.51
C GLY A 3 -12.85 -14.17 36.36
N LEU A 4 -11.95 -13.28 35.99
CA LEU A 4 -11.02 -13.55 34.93
C LEU A 4 -9.90 -14.45 35.41
N ASN A 5 -9.39 -15.30 34.51
N ASN A 5 -9.40 -15.30 34.52
CA ASN A 5 -8.10 -15.95 34.70
CA ASN A 5 -8.10 -15.93 34.70
C ASN A 5 -7.10 -15.23 33.84
C ASN A 5 -7.14 -15.15 33.85
N ILE A 6 -6.02 -14.73 34.43
CA ILE A 6 -5.05 -13.98 33.59
C ILE A 6 -3.65 -14.55 33.84
N LYS A 7 -2.95 -14.90 32.77
CA LYS A 7 -1.60 -15.44 32.91
C LYS A 7 -0.70 -14.37 32.33
N GLU A 8 0.29 -13.92 33.09
N GLU A 8 0.32 -13.98 33.11
CA GLU A 8 1.20 -12.93 32.56
CA GLU A 8 1.26 -12.95 32.71
C GLU A 8 2.58 -13.55 32.41
C GLU A 8 2.61 -13.59 32.42
N ASN A 9 3.26 -13.19 31.34
CA ASN A 9 4.61 -13.66 31.09
C ASN A 9 5.44 -12.51 30.59
N ASP A 10 6.67 -12.44 31.08
N ASP A 10 6.67 -12.41 31.07
CA ASP A 10 7.64 -11.48 30.58
CA ASP A 10 7.58 -11.39 30.56
C ASP A 10 8.08 -11.87 29.16
C ASP A 10 8.18 -11.82 29.24
N LEU A 11 8.27 -10.88 28.29
CA LEU A 11 8.94 -11.12 27.03
C LEU A 11 10.20 -10.29 27.09
N PRO A 12 11.33 -10.90 27.47
CA PRO A 12 12.57 -10.18 27.78
C PRO A 12 13.00 -9.24 26.66
N GLY A 13 13.09 -7.96 27.00
CA GLY A 13 13.51 -6.91 26.10
C GLY A 13 12.46 -6.47 25.10
N ILE A 14 11.29 -7.10 25.16
CA ILE A 14 10.22 -6.82 24.21
C ILE A 14 9.02 -6.14 24.85
N GLY A 15 8.55 -6.72 25.96
CA GLY A 15 7.39 -6.18 26.65
C GLY A 15 6.78 -7.21 27.58
N LYS A 16 5.47 -7.35 27.54
N LYS A 16 5.46 -7.35 27.55
CA LYS A 16 4.79 -8.34 28.35
CA LYS A 16 4.77 -8.29 28.43
C LYS A 16 3.66 -8.98 27.54
C LYS A 16 3.50 -8.86 27.76
N LYS A 17 3.22 -10.14 28.00
CA LYS A 17 2.12 -10.85 27.37
C LYS A 17 1.10 -11.16 28.47
N PHE A 18 -0.18 -10.88 28.21
CA PHE A 18 -1.26 -11.23 29.15
C PHE A 18 -2.23 -12.16 28.41
N GLU A 19 -2.48 -13.34 28.96
CA GLU A 19 -3.42 -14.26 28.31
C GLU A 19 -4.64 -14.31 29.20
N ILE A 20 -5.77 -13.87 28.68
CA ILE A 20 -6.96 -13.68 29.50
C ILE A 20 -8.04 -14.71 29.11
N GLU A 21 -8.69 -15.31 30.11
CA GLU A 21 -9.78 -16.23 29.79
C GLU A 21 -10.97 -15.78 30.59
N THR A 22 -12.08 -15.54 29.91
CA THR A 22 -13.26 -14.99 30.54
C THR A 22 -14.20 -16.03 31.08
N ARG A 23 -15.11 -15.54 31.93
CA ARG A 23 -16.25 -16.30 32.42
C ARG A 23 -17.04 -16.91 31.25
N SER A 24 -17.16 -16.15 30.17
CA SER A 24 -17.85 -16.65 28.96
C SER A 24 -17.07 -17.75 28.22
N HIS A 25 -15.91 -18.15 28.74
CA HIS A 25 -15.02 -19.10 28.06
C HIS A 25 -14.50 -18.57 26.71
N GLU A 26 -14.07 -17.31 26.70
CA GLU A 26 -13.49 -16.66 25.53
C GLU A 26 -12.06 -16.28 25.86
N LYS A 27 -11.17 -16.28 24.87
CA LYS A 27 -9.76 -16.05 25.13
C LYS A 27 -9.27 -14.81 24.39
N MET A 28 -8.46 -14.01 25.05
CA MET A 28 -7.85 -12.85 24.41
C MET A 28 -6.41 -12.77 24.91
N THR A 29 -5.48 -12.46 24.02
CA THR A 29 -4.09 -12.23 24.42
C THR A 29 -3.76 -10.80 24.09
N ILE A 30 -3.16 -10.10 25.05
CA ILE A 30 -2.75 -8.72 24.79
C ILE A 30 -1.23 -8.72 24.94
N ILE A 31 -0.53 -8.26 23.91
CA ILE A 31 0.91 -8.04 24.01
C ILE A 31 1.14 -6.55 24.10
N ILE A 32 1.84 -6.13 25.13
CA ILE A 32 2.21 -4.73 25.27
C ILE A 32 3.70 -4.63 24.98
N HIS A 33 4.07 -3.89 23.95
CA HIS A 33 5.47 -3.62 23.59
C HIS A 33 6.02 -2.39 24.29
N ASP A 34 7.32 -2.38 24.52
CA ASP A 34 7.91 -1.27 25.24
C ASP A 34 7.82 0.06 24.51
N ASP A 35 7.63 0.00 23.19
CA ASP A 35 7.53 1.23 22.41
C ASP A 35 6.12 1.76 22.42
N GLY A 36 5.21 1.02 23.06
CA GLY A 36 3.84 1.46 23.24
C GLY A 36 2.83 0.73 22.38
N ARG A 37 3.29 0.00 21.37
N ARG A 37 3.31 -0.01 21.39
CA ARG A 37 2.35 -0.72 20.54
CA ARG A 37 2.46 -0.86 20.55
C ARG A 37 1.73 -1.88 21.31
C ARG A 37 1.71 -1.87 21.41
N ARG A 38 0.43 -2.07 21.12
CA ARG A 38 -0.32 -3.21 21.64
C ARG A 38 -0.74 -4.09 20.48
N GLU A 39 -0.67 -5.40 20.66
CA GLU A 39 -1.34 -6.33 19.73
C GLU A 39 -2.35 -7.14 20.55
N ILE A 40 -3.55 -7.31 20.02
CA ILE A 40 -4.57 -8.10 20.68
C ILE A 40 -4.92 -9.26 19.75
N TYR A 41 -5.01 -10.47 20.30
CA TYR A 41 -5.41 -11.66 19.52
C TYR A 41 -6.62 -12.25 20.20
N ARG A 42 -7.56 -12.73 19.41
CA ARG A 42 -8.74 -13.41 19.93
C ARG A 42 -8.74 -14.83 19.36
N PHE A 43 -8.92 -15.83 20.22
CA PHE A 43 -8.76 -17.21 19.76
C PHE A 43 -10.00 -18.01 19.97
N ASN A 44 -10.17 -19.02 19.12
CA ASN A 44 -11.20 -20.02 19.34
C ASN A 44 -11.09 -20.65 20.74
N ASP A 45 -12.13 -20.47 21.55
CA ASP A 45 -12.24 -21.10 22.86
C ASP A 45 -11.79 -22.56 22.91
N ARG A 46 -12.43 -23.40 22.10
CA ARG A 46 -12.19 -24.83 22.04
C ARG A 46 -10.86 -25.19 21.35
N ASP A 47 -10.43 -24.34 20.41
CA ASP A 47 -9.24 -24.63 19.62
C ASP A 47 -8.40 -23.38 19.53
N PRO A 48 -7.50 -23.19 20.51
CA PRO A 48 -6.79 -21.91 20.62
C PRO A 48 -5.71 -21.75 19.55
N ASP A 49 -5.56 -22.75 18.71
CA ASP A 49 -4.69 -22.65 17.56
C ASP A 49 -5.38 -21.88 16.44
N GLU A 50 -6.68 -21.67 16.57
CA GLU A 50 -7.41 -20.96 15.52
C GLU A 50 -7.59 -19.50 15.86
N LEU A 51 -6.93 -18.63 15.13
CA LEU A 51 -7.04 -17.20 15.40
C LEU A 51 -8.33 -16.64 14.80
N LEU A 52 -9.11 -15.96 15.60
CA LEU A 52 -10.39 -15.41 15.13
C LEU A 52 -10.24 -14.00 14.54
N SER A 53 -9.50 -13.15 15.26
CA SER A 53 -9.22 -11.79 14.82
C SER A 53 -8.00 -11.28 15.58
N ASN A 54 -7.36 -10.23 15.08
CA ASN A 54 -6.26 -9.61 15.81
C ASN A 54 -6.24 -8.16 15.40
N ILE A 55 -5.62 -7.33 16.21
CA ILE A 55 -5.57 -5.93 15.89
C ILE A 55 -4.31 -5.33 16.47
N SER A 56 -3.71 -4.41 15.73
N SER A 56 -3.72 -4.38 15.75
CA SER A 56 -2.59 -3.66 16.24
CA SER A 56 -2.55 -3.67 16.26
C SER A 56 -3.12 -2.31 16.66
C SER A 56 -2.84 -2.21 16.50
N LEU A 57 -2.57 -1.77 17.73
CA LEU A 57 -2.94 -0.44 18.17
C LEU A 57 -1.72 0.33 18.64
N ASP A 58 -1.60 1.61 18.28
CA ASP A 58 -0.54 2.41 18.92
C ASP A 58 -0.93 2.77 20.35
N ASP A 59 -0.01 3.41 21.06
CA ASP A 59 -0.25 3.71 22.46
C ASP A 59 -1.47 4.59 22.64
N SER A 60 -1.60 5.63 21.81
CA SER A 60 -2.76 6.52 21.91
C SER A 60 -4.10 5.79 21.66
N GLU A 61 -4.15 5.00 20.60
CA GLU A 61 -5.37 4.22 20.30
C GLU A 61 -5.73 3.27 21.42
N ALA A 62 -4.72 2.59 21.96
CA ALA A 62 -4.95 1.65 23.03
C ALA A 62 -5.55 2.33 24.25
N ARG A 63 -5.03 3.51 24.58
CA ARG A 63 -5.54 4.18 25.77
C ARG A 63 -6.94 4.74 25.57
N GLN A 64 -7.27 5.16 24.35
CA GLN A 64 -8.62 5.63 24.06
C GLN A 64 -9.63 4.48 24.17
N ILE A 65 -9.31 3.35 23.54
CA ILE A 65 -10.18 2.19 23.66
C ILE A 65 -10.30 1.74 25.12
N ALA A 66 -9.20 1.78 25.85
CA ALA A 66 -9.22 1.37 27.26
C ALA A 66 -10.10 2.31 28.08
N ALA A 67 -10.06 3.61 27.78
CA ALA A 67 -10.90 4.55 28.49
C ALA A 67 -12.41 4.29 28.22
N ILE A 68 -12.77 4.01 26.98
CA ILE A 68 -14.17 3.63 26.66
C ILE A 68 -14.59 2.34 27.36
N LEU A 69 -13.80 1.29 27.19
CA LEU A 69 -14.07 -0.01 27.78
C LEU A 69 -14.17 0.04 29.30
N GLY A 70 -13.31 0.85 29.90
CA GLY A 70 -13.26 0.92 31.34
C GLY A 70 -14.27 1.82 32.01
N GLY A 71 -15.14 2.45 31.22
CA GLY A 71 -16.21 3.27 31.78
C GLY A 71 -15.79 4.69 32.12
N MET A 72 -14.71 5.15 31.48
CA MET A 72 -14.13 6.47 31.75
C MET A 72 -14.72 7.53 30.86
N VAL A 73 -15.37 7.12 29.78
CA VAL A 73 -16.06 8.05 28.90
C VAL A 73 -17.55 8.10 29.22
N TYR A 74 -18.22 6.98 29.02
CA TYR A 74 -19.56 6.77 29.53
C TYR A 74 -19.51 5.81 30.72
N LYS A 75 -19.97 6.26 31.88
CA LYS A 75 -20.05 5.43 33.07
C LYS A 75 -21.41 4.74 33.12
N PRO A 76 -21.42 3.40 33.23
CA PRO A 76 -22.69 2.67 33.39
C PRO A 76 -23.51 3.31 34.50
N GLN A 77 -24.76 3.62 34.21
CA GLN A 77 -25.51 4.50 35.08
C GLN A 77 -25.92 3.87 36.41
N ALA A 78 -25.94 2.55 36.46
CA ALA A 78 -26.39 1.86 37.66
C ALA A 78 -25.29 1.67 38.71
N LEU A 79 -24.04 1.70 38.26
CA LEU A 79 -22.92 1.54 39.18
C LEU A 79 -22.66 2.82 39.98
N GLU A 80 -22.80 2.75 41.30
CA GLU A 80 -22.51 3.92 42.14
C GLU A 80 -21.12 3.85 42.77
N SER A 81 -20.61 2.64 42.95
CA SER A 81 -19.26 2.43 43.45
C SER A 81 -18.68 1.15 42.87
N ILE A 82 -17.36 1.10 42.73
N ILE A 82 -17.36 1.08 42.74
CA ILE A 82 -16.69 -0.10 42.24
CA ILE A 82 -16.69 -0.14 42.30
C ILE A 82 -15.49 -0.45 43.12
C ILE A 82 -15.44 -0.46 43.11
N GLU A 83 -15.10 -1.72 43.09
N GLU A 83 -15.09 -1.74 43.15
CA GLU A 83 -13.94 -2.20 43.83
CA GLU A 83 -13.89 -2.21 43.83
C GLU A 83 -12.91 -2.78 42.88
C GLU A 83 -12.76 -2.27 42.81
N MET A 84 -11.68 -2.30 42.97
N MET A 84 -11.72 -1.49 43.06
CA MET A 84 -10.60 -2.78 42.12
CA MET A 84 -10.69 -1.22 42.04
C MET A 84 -10.25 -4.22 42.48
C MET A 84 -9.99 -2.46 41.48
N ALA A 85 -9.98 -5.04 41.47
N ALA A 85 -9.58 -2.37 40.23
CA ALA A 85 -9.49 -6.40 41.69
CA ALA A 85 -8.97 -3.50 39.52
C ALA A 85 -8.16 -6.36 42.44
C ALA A 85 -7.52 -3.71 39.95
N PHE A 86 -7.99 -7.27 43.40
N PHE A 86 -7.21 -4.94 40.34
CA PHE A 86 -6.74 -7.39 44.15
CA PHE A 86 -5.89 -5.31 40.85
C PHE A 86 -6.36 -6.10 44.88
C PHE A 86 -5.50 -4.43 42.02
N SER A 87 -7.36 -5.46 45.47
N SER A 87 -6.45 -4.23 42.91
CA SER A 87 -7.17 -4.16 46.09
CA SER A 87 -6.31 -3.39 44.09
C SER A 87 -8.39 -3.83 46.94
C SER A 87 -7.44 -3.74 45.05
N ASP A 88 -8.21 -2.99 47.94
N ASP A 88 -7.64 -2.94 46.09
CA ASP A 88 -9.31 -2.55 48.78
CA ASP A 88 -8.76 -3.13 46.99
C ASP A 88 -9.84 -1.21 48.28
C ASP A 88 -9.42 -1.79 47.32
N LEU A 89 -9.06 -0.57 47.41
N LEU A 89 -8.91 -0.74 46.68
CA LEU A 89 -9.41 0.75 46.88
CA LEU A 89 -9.44 0.61 46.85
C LEU A 89 -10.81 0.75 46.26
C LEU A 89 -10.85 0.66 46.29
N ILE A 90 -11.69 1.56 46.82
CA ILE A 90 -13.02 1.69 46.25
C ILE A 90 -13.24 3.07 45.61
N ILE A 91 -13.66 3.08 44.35
CA ILE A 91 -14.00 4.32 43.68
C ILE A 91 -15.51 4.54 43.79
N GLU A 92 -15.92 5.74 44.14
CA GLU A 92 -17.34 6.03 44.35
C GLU A 92 -17.78 7.34 43.70
N TRP A 93 -18.91 7.29 43.00
CA TRP A 93 -19.47 8.46 42.35
C TRP A 93 -20.60 9.01 43.21
N PHE A 94 -20.40 10.18 43.81
CA PHE A 94 -21.44 10.75 44.64
C PHE A 94 -21.95 12.09 44.13
N LYS A 95 -23.26 12.17 43.92
CA LYS A 95 -23.90 13.37 43.44
C LYS A 95 -24.38 14.18 44.63
N VAL A 96 -23.93 15.42 44.70
CA VAL A 96 -24.26 16.28 45.82
C VAL A 96 -25.72 16.69 45.74
N GLU A 97 -26.50 16.33 46.76
CA GLU A 97 -27.93 16.61 46.81
C GLU A 97 -28.22 18.08 47.08
N LYS A 98 -29.46 18.38 47.43
CA LYS A 98 -29.86 19.75 47.76
C LYS A 98 -29.65 20.04 49.24
N GLY A 99 -28.80 21.01 49.55
CA GLY A 99 -28.59 21.41 50.93
C GLY A 99 -27.50 20.66 51.67
N ALA A 100 -26.54 20.12 50.93
CA ALA A 100 -25.37 19.51 51.56
C ALA A 100 -24.42 20.61 52.00
N LYS A 101 -23.69 20.38 53.09
CA LYS A 101 -22.86 21.42 53.69
C LYS A 101 -21.68 21.81 52.79
N SER A 102 -21.39 20.98 51.80
CA SER A 102 -20.25 21.22 50.92
C SER A 102 -20.60 22.24 49.84
N ILE A 103 -21.88 22.32 49.50
CA ILE A 103 -22.36 23.15 48.41
C ILE A 103 -21.86 24.58 48.51
N GLY A 104 -21.02 24.98 47.57
CA GLY A 104 -20.45 26.31 47.55
C GLY A 104 -19.08 26.39 48.20
N ARG A 105 -18.63 25.29 48.80
CA ARG A 105 -17.32 25.27 49.43
C ARG A 105 -16.28 24.51 48.61
N THR A 106 -15.01 24.80 48.87
CA THR A 106 -13.93 24.26 48.04
C THR A 106 -13.30 22.99 48.64
N LEU A 107 -12.55 22.28 47.81
CA LEU A 107 -11.84 21.09 48.26
C LEU A 107 -10.83 21.42 49.37
N GLY A 108 -10.22 22.59 49.29
CA GLY A 108 -9.25 22.99 50.31
C GLY A 108 -9.95 23.31 51.62
N GLU A 109 -11.09 23.99 51.54
CA GLU A 109 -11.86 24.34 52.73
C GLU A 109 -12.40 23.10 53.44
N LEU A 110 -12.83 22.10 52.67
CA LEU A 110 -13.26 20.85 53.23
C LEU A 110 -12.06 19.99 53.66
N ASP A 111 -10.89 20.26 53.07
CA ASP A 111 -9.65 19.51 53.34
C ASP A 111 -9.87 17.99 53.22
N VAL A 112 -10.49 17.58 52.12
CA VAL A 112 -10.96 16.21 51.96
C VAL A 112 -9.87 15.15 52.14
N ARG A 113 -8.76 15.31 51.43
CA ARG A 113 -7.65 14.38 51.60
C ARG A 113 -7.02 14.49 53.00
N GLN A 114 -6.74 15.71 53.47
CA GLN A 114 -6.09 15.88 54.77
C GLN A 114 -6.88 15.27 55.92
N ASN A 115 -8.18 15.54 55.94
CA ASN A 115 -9.02 15.16 57.08
C ASN A 115 -9.87 13.91 56.90
N TYR A 116 -9.84 13.31 55.71
CA TYR A 116 -10.63 12.10 55.49
C TYR A 116 -9.86 10.99 54.79
N ASP A 117 -8.66 11.30 54.31
CA ASP A 117 -7.85 10.36 53.53
C ASP A 117 -8.57 9.85 52.29
N VAL A 118 -9.39 10.73 51.71
CA VAL A 118 -10.07 10.46 50.46
C VAL A 118 -9.56 11.41 49.40
N THR A 119 -9.32 10.90 48.18
CA THR A 119 -8.82 11.73 47.11
C THR A 119 -9.91 11.96 46.06
N VAL A 120 -10.23 13.22 45.78
CA VAL A 120 -11.18 13.50 44.69
C VAL A 120 -10.42 13.44 43.36
N ILE A 121 -10.70 12.44 42.53
CA ILE A 121 -9.91 12.26 41.32
C ILE A 121 -10.54 12.97 40.12
N ALA A 122 -11.81 13.35 40.26
CA ALA A 122 -12.52 14.02 39.17
C ALA A 122 -13.81 14.67 39.66
N ILE A 123 -14.28 15.68 38.90
CA ILE A 123 -15.56 16.31 39.19
C ILE A 123 -16.37 16.43 37.90
N ILE A 124 -17.59 15.88 37.92
CA ILE A 124 -18.49 15.90 36.77
C ILE A 124 -19.52 17.00 36.93
N LYS A 125 -19.47 18.00 36.05
CA LYS A 125 -20.40 19.11 36.13
C LYS A 125 -21.75 18.71 35.54
N HIS A 126 -22.77 19.55 35.74
CA HIS A 126 -24.09 19.28 35.20
C HIS A 126 -24.06 19.24 33.67
N ASN A 127 -23.16 20.05 33.10
CA ASN A 127 -22.95 20.07 31.66
C ASN A 127 -22.15 18.84 31.20
N GLN A 128 -21.81 17.98 32.16
CA GLN A 128 -21.22 16.66 31.92
C GLN A 128 -19.76 16.64 31.46
N GLU A 129 -19.07 17.76 31.58
CA GLU A 129 -17.65 17.78 31.30
C GLU A 129 -16.90 17.33 32.55
N LYS A 130 -15.82 16.58 32.35
CA LYS A 130 -15.06 16.03 33.47
C LYS A 130 -13.80 16.86 33.74
N LEU A 131 -13.70 17.38 34.97
CA LEU A 131 -12.49 18.03 35.41
C LEU A 131 -11.61 16.99 36.13
N LEU A 132 -10.44 16.71 35.55
CA LEU A 132 -9.53 15.73 36.14
C LEU A 132 -8.60 16.38 37.14
N ASN A 133 -8.26 15.62 38.17
CA ASN A 133 -7.41 16.07 39.26
C ASN A 133 -7.72 17.49 39.76
N PRO A 134 -8.90 17.67 40.37
CA PRO A 134 -9.25 18.99 40.93
C PRO A 134 -8.26 19.35 42.01
N GLY A 135 -8.14 20.65 42.31
CA GLY A 135 -7.23 21.12 43.33
C GLY A 135 -7.98 21.81 44.45
N ALA A 136 -7.24 22.52 45.30
CA ALA A 136 -7.82 23.10 46.50
C ALA A 136 -8.91 24.13 46.21
N ASP A 137 -8.79 24.84 45.09
CA ASP A 137 -9.71 25.92 44.77
C ASP A 137 -10.95 25.45 43.97
N SER A 138 -11.08 24.16 43.69
CA SER A 138 -12.29 23.68 43.01
C SER A 138 -13.51 23.78 43.92
N ILE A 139 -14.51 24.52 43.48
CA ILE A 139 -15.73 24.74 44.26
C ILE A 139 -16.71 23.60 44.01
N ILE A 140 -17.33 23.13 45.09
CA ILE A 140 -18.34 22.08 44.97
C ILE A 140 -19.72 22.71 44.79
N GLU A 141 -20.47 22.24 43.80
CA GLU A 141 -21.77 22.83 43.49
C GLU A 141 -22.90 21.79 43.44
N GLU A 142 -24.14 22.26 43.38
CA GLU A 142 -25.28 21.36 43.36
C GLU A 142 -25.30 20.52 42.07
N ASN A 143 -25.63 19.24 42.22
CA ASN A 143 -25.72 18.29 41.11
C ASN A 143 -24.38 17.89 40.51
N ASP A 144 -23.30 18.42 41.05
CA ASP A 144 -21.98 17.97 40.65
C ASP A 144 -21.80 16.55 41.16
N THR A 145 -21.22 15.68 40.33
CA THR A 145 -20.83 14.36 40.83
C THR A 145 -19.35 14.37 41.20
N LEU A 146 -19.03 13.91 42.40
CA LEU A 146 -17.65 13.80 42.84
C LEU A 146 -17.17 12.38 42.63
N VAL A 147 -15.98 12.24 42.08
CA VAL A 147 -15.40 10.91 41.89
C VAL A 147 -14.34 10.75 42.97
N LEU A 148 -14.62 9.86 43.91
CA LEU A 148 -13.81 9.74 45.11
C LEU A 148 -13.05 8.43 45.15
N SER A 149 -11.78 8.50 45.54
CA SER A 149 -10.98 7.30 45.69
C SER A 149 -10.49 7.16 47.10
N GLY A 150 -10.65 5.97 47.68
CA GLY A 150 -10.16 5.72 49.02
C GLY A 150 -10.72 4.46 49.62
N GLU A 151 -10.47 4.25 50.91
CA GLU A 151 -10.98 3.09 51.63
C GLU A 151 -12.44 3.31 52.02
N ARG A 152 -13.17 2.21 52.13
CA ARG A 152 -14.60 2.22 52.40
C ARG A 152 -14.96 2.97 53.67
N LYS A 153 -14.22 2.70 54.74
CA LYS A 153 -14.42 3.36 56.02
C LYS A 153 -14.36 4.87 55.88
N HIS A 154 -13.28 5.33 55.24
CA HIS A 154 -13.08 6.75 55.01
C HIS A 154 -14.13 7.37 54.10
N LEU A 155 -14.55 6.63 53.06
CA LEU A 155 -15.60 7.11 52.16
C LEU A 155 -16.93 7.31 52.88
N LYS A 156 -17.34 6.32 53.67
CA LYS A 156 -18.56 6.41 54.47
C LYS A 156 -18.52 7.64 55.36
N LYS A 157 -17.39 7.83 56.02
CA LYS A 157 -17.16 8.97 56.90
C LYS A 157 -17.37 10.30 56.18
N LEU A 158 -16.71 10.45 55.03
CA LEU A 158 -16.79 11.66 54.22
C LEU A 158 -18.21 11.92 53.73
N ILE A 159 -18.85 10.85 53.26
CA ILE A 159 -20.23 10.97 52.77
C ILE A 159 -21.18 11.35 53.90
N HIS A 160 -21.03 10.67 55.03
CA HIS A 160 -21.86 10.94 56.22
C HIS A 160 -21.73 12.39 56.68
N ASP A 161 -20.54 12.96 56.55
CA ASP A 161 -20.33 14.36 56.90
C ASP A 161 -20.76 15.28 55.77
N SER B 2 -4.39 10.86 18.83
CA SER B 2 -5.61 10.15 18.44
C SER B 2 -5.33 9.06 17.40
N GLY B 3 -5.90 9.22 16.21
CA GLY B 3 -5.78 8.22 15.17
C GLY B 3 -7.00 7.31 15.12
N LEU B 4 -8.02 7.66 15.91
CA LEU B 4 -9.26 6.88 15.96
C LEU B 4 -10.49 7.68 15.58
N ASN B 5 -11.29 7.14 14.67
CA ASN B 5 -12.62 7.65 14.42
C ASN B 5 -13.60 6.97 15.37
N ILE B 6 -14.20 7.72 16.28
CA ILE B 6 -15.14 7.16 17.25
C ILE B 6 -16.51 7.78 17.06
N LYS B 7 -17.55 6.97 17.00
CA LYS B 7 -18.90 7.51 16.98
C LYS B 7 -19.67 6.94 18.16
N GLU B 8 -20.33 7.81 18.93
CA GLU B 8 -21.10 7.35 20.07
C GLU B 8 -22.58 7.62 19.83
N ASN B 9 -23.41 6.62 20.14
N ASN B 9 -23.42 6.63 20.12
CA ASN B 9 -24.85 6.76 20.02
CA ASN B 9 -24.86 6.89 20.10
C ASN B 9 -25.58 6.20 21.25
C ASN B 9 -25.57 6.25 21.28
N ASP B 10 -26.75 6.76 21.56
CA ASP B 10 -27.49 6.32 22.72
C ASP B 10 -28.30 5.07 22.40
N LEU B 11 -28.36 4.15 23.36
CA LEU B 11 -29.25 2.98 23.24
C LEU B 11 -30.25 3.01 24.40
N PRO B 12 -31.41 3.62 24.18
CA PRO B 12 -32.46 3.74 25.20
C PRO B 12 -32.74 2.41 25.89
N GLY B 13 -32.78 2.44 27.23
CA GLY B 13 -33.04 1.24 28.01
C GLY B 13 -31.88 0.27 28.09
N ILE B 14 -30.79 0.56 27.37
CA ILE B 14 -29.62 -0.31 27.36
C ILE B 14 -28.34 0.38 27.87
N GLY B 15 -27.99 1.52 27.29
CA GLY B 15 -26.70 2.15 27.57
C GLY B 15 -26.22 2.94 26.35
N LYS B 16 -24.96 2.73 25.97
CA LYS B 16 -24.38 3.47 24.84
C LYS B 16 -23.65 2.51 23.89
N LYS B 17 -23.53 2.92 22.64
CA LYS B 17 -22.73 2.15 21.69
C LYS B 17 -21.63 3.05 21.14
N PHE B 18 -20.41 2.52 21.09
CA PHE B 18 -19.27 3.21 20.48
C PHE B 18 -18.80 2.42 19.27
N GLU B 19 -18.73 3.09 18.13
CA GLU B 19 -18.18 2.49 16.91
C GLU B 19 -16.83 3.12 16.61
N ILE B 20 -15.79 2.31 16.68
CA ILE B 20 -14.40 2.78 16.57
C ILE B 20 -13.75 2.28 15.28
N GLU B 21 -13.10 3.19 14.55
CA GLU B 21 -12.30 2.80 13.39
C GLU B 21 -10.87 3.31 13.52
N THR B 22 -9.90 2.40 13.35
CA THR B 22 -8.49 2.73 13.56
C THR B 22 -7.84 3.49 12.40
N ARG B 23 -6.63 3.98 12.64
CA ARG B 23 -5.84 4.66 11.61
C ARG B 23 -5.66 3.74 10.42
N SER B 24 -5.42 2.47 10.72
CA SER B 24 -5.22 1.44 9.70
C SER B 24 -6.54 0.82 9.28
N HIS B 25 -7.64 1.52 9.60
CA HIS B 25 -8.98 1.21 9.12
C HIS B 25 -9.65 -0.04 9.73
N GLU B 26 -9.16 -0.51 10.87
CA GLU B 26 -9.78 -1.65 11.56
C GLU B 26 -10.96 -1.16 12.38
N LYS B 27 -11.98 -2.00 12.56
CA LYS B 27 -13.18 -1.52 13.23
C LYS B 27 -13.69 -2.42 14.35
N MET B 28 -14.10 -1.76 15.44
CA MET B 28 -14.74 -2.47 16.52
C MET B 28 -15.92 -1.66 17.04
N THR B 29 -16.83 -2.35 17.70
CA THR B 29 -18.01 -1.72 18.28
C THR B 29 -18.04 -2.13 19.73
N ILE B 30 -18.15 -1.17 20.66
CA ILE B 30 -18.27 -1.54 22.07
C ILE B 30 -19.66 -1.13 22.55
N ILE B 31 -20.41 -2.06 23.13
CA ILE B 31 -21.70 -1.73 23.70
C ILE B 31 -21.52 -1.68 25.18
N ILE B 32 -21.93 -0.57 25.82
CA ILE B 32 -21.78 -0.46 27.26
C ILE B 32 -23.14 -0.39 27.90
N HIS B 33 -23.48 -1.40 28.71
CA HIS B 33 -24.79 -1.45 29.34
C HIS B 33 -24.78 -0.65 30.62
N ASP B 34 -25.93 -0.06 30.93
CA ASP B 34 -26.07 0.62 32.20
C ASP B 34 -25.90 -0.30 33.39
N ASP B 35 -26.11 -1.60 33.19
CA ASP B 35 -25.94 -2.58 34.27
C ASP B 35 -24.48 -3.03 34.43
N GLY B 36 -23.59 -2.51 33.58
CA GLY B 36 -22.17 -2.82 33.72
C GLY B 36 -21.61 -3.76 32.66
N ARG B 37 -22.50 -4.50 31.99
CA ARG B 37 -22.07 -5.44 30.96
C ARG B 37 -21.43 -4.68 29.79
N ARG B 38 -20.44 -5.30 29.16
CA ARG B 38 -19.91 -4.78 27.88
C ARG B 38 -19.96 -5.93 26.85
N GLU B 39 -20.25 -5.61 25.60
CA GLU B 39 -19.91 -6.53 24.50
C GLU B 39 -19.01 -5.80 23.51
N ILE B 40 -18.06 -6.51 22.93
CA ILE B 40 -17.18 -5.92 21.94
C ILE B 40 -17.32 -6.77 20.67
N TYR B 41 -17.43 -6.11 19.53
CA TYR B 41 -17.56 -6.78 18.24
C TYR B 41 -16.46 -6.31 17.31
N ARG B 42 -15.81 -7.24 16.61
CA ARG B 42 -14.81 -6.84 15.60
C ARG B 42 -15.31 -7.18 14.21
N PHE B 43 -15.18 -6.24 13.28
CA PHE B 43 -15.71 -6.44 11.94
C PHE B 43 -14.66 -6.32 10.84
N ASN B 44 -14.93 -6.96 9.71
CA ASN B 44 -14.12 -6.82 8.51
C ASN B 44 -14.09 -5.38 8.06
N ASP B 45 -12.88 -4.85 7.86
CA ASP B 45 -12.71 -3.44 7.55
C ASP B 45 -13.29 -3.04 6.19
N ARG B 46 -13.39 -4.00 5.27
CA ARG B 46 -13.92 -3.78 3.93
C ARG B 46 -15.39 -4.17 3.78
N ASP B 47 -15.98 -4.66 4.86
CA ASP B 47 -17.38 -5.07 4.88
C ASP B 47 -17.85 -5.06 6.32
N PRO B 48 -18.51 -3.96 6.74
CA PRO B 48 -18.91 -3.74 8.14
C PRO B 48 -19.92 -4.76 8.65
N ASP B 49 -20.54 -5.53 7.76
CA ASP B 49 -21.55 -6.50 8.17
C ASP B 49 -20.98 -7.91 8.38
N GLU B 50 -19.69 -8.08 8.10
CA GLU B 50 -19.01 -9.36 8.34
C GLU B 50 -18.34 -9.36 9.71
N LEU B 51 -18.82 -10.19 10.62
CA LEU B 51 -18.33 -10.23 11.98
C LEU B 51 -17.09 -11.11 12.04
N LEU B 52 -16.01 -10.60 12.64
CA LEU B 52 -14.79 -11.38 12.78
C LEU B 52 -14.77 -12.09 14.12
N SER B 53 -15.14 -11.37 15.18
CA SER B 53 -15.20 -11.94 16.50
C SER B 53 -16.05 -11.07 17.44
N ASN B 54 -16.43 -11.64 18.58
CA ASN B 54 -17.11 -10.85 19.60
C ASN B 54 -16.83 -11.44 20.97
N ILE B 55 -16.97 -10.64 22.03
CA ILE B 55 -16.73 -11.11 23.38
C ILE B 55 -17.68 -10.42 24.37
N SER B 56 -18.14 -11.17 25.36
CA SER B 56 -19.01 -10.60 26.38
C SER B 56 -18.27 -10.55 27.72
N LEU B 57 -18.41 -9.42 28.41
CA LEU B 57 -17.67 -9.11 29.64
C LEU B 57 -18.60 -8.51 30.69
N ASP B 58 -18.36 -8.78 31.96
CA ASP B 58 -19.05 -8.03 33.02
C ASP B 58 -18.19 -6.82 33.41
N ASP B 59 -18.68 -6.00 34.33
CA ASP B 59 -18.01 -4.75 34.67
C ASP B 59 -16.58 -4.96 35.19
N SER B 60 -16.44 -5.88 36.13
CA SER B 60 -15.12 -6.14 36.70
C SER B 60 -14.14 -6.65 35.64
N GLU B 61 -14.59 -7.54 34.76
CA GLU B 61 -13.75 -7.99 33.66
C GLU B 61 -13.35 -6.88 32.72
N ALA B 62 -14.30 -6.04 32.31
CA ALA B 62 -14.02 -4.96 31.40
C ALA B 62 -13.02 -4.01 32.05
N ARG B 63 -13.19 -3.76 33.34
CA ARG B 63 -12.25 -2.86 34.00
C ARG B 63 -10.83 -3.43 34.10
N GLN B 64 -10.72 -4.73 34.36
CA GLN B 64 -9.39 -5.34 34.42
C GLN B 64 -8.69 -5.36 33.07
N ILE B 65 -9.44 -5.69 32.03
CA ILE B 65 -8.90 -5.70 30.67
C ILE B 65 -8.49 -4.29 30.24
N ALA B 66 -9.33 -3.30 30.56
CA ALA B 66 -9.01 -1.91 30.23
C ALA B 66 -7.72 -1.48 30.94
N ALA B 67 -7.50 -1.93 32.16
CA ALA B 67 -6.31 -1.50 32.91
C ALA B 67 -5.05 -2.11 32.26
N ILE B 68 -5.17 -3.32 31.75
CA ILE B 68 -4.04 -3.93 31.03
C ILE B 68 -3.77 -3.19 29.71
N LEU B 69 -4.83 -3.06 28.93
CA LEU B 69 -4.76 -2.36 27.66
C LEU B 69 -4.23 -0.94 27.76
N GLY B 70 -4.64 -0.20 28.80
CA GLY B 70 -4.27 1.17 28.99
C GLY B 70 -2.92 1.40 29.64
N GLY B 71 -2.15 0.35 29.89
CA GLY B 71 -0.81 0.59 30.44
C GLY B 71 -0.78 0.82 31.94
N MET B 72 -1.83 0.41 32.63
N MET B 72 -1.84 0.43 32.64
CA MET B 72 -1.93 0.63 34.08
CA MET B 72 -1.90 0.65 34.09
C MET B 72 -1.40 -0.54 34.90
C MET B 72 -1.36 -0.54 34.90
N VAL B 73 -1.10 -1.65 34.23
CA VAL B 73 -0.56 -2.84 34.90
C VAL B 73 0.93 -2.92 34.55
N TYR B 74 1.22 -3.05 33.27
CA TYR B 74 2.58 -2.94 32.79
C TYR B 74 2.72 -1.68 31.93
N LYS B 75 3.64 -0.79 32.29
CA LYS B 75 3.87 0.41 31.50
C LYS B 75 4.88 0.12 30.39
N PRO B 76 4.57 0.48 29.13
CA PRO B 76 5.59 0.35 28.07
C PRO B 76 6.81 1.10 28.52
N GLN B 77 7.96 0.43 28.57
CA GLN B 77 9.12 0.99 29.24
C GLN B 77 9.68 2.22 28.54
N ALA B 78 9.51 2.32 27.23
CA ALA B 78 10.21 3.38 26.49
C ALA B 78 9.47 4.71 26.54
N LEU B 79 8.24 4.72 27.00
CA LEU B 79 7.48 5.96 27.03
C LEU B 79 7.86 6.80 28.23
N GLU B 80 8.11 8.07 27.97
CA GLU B 80 8.51 9.00 29.02
C GLU B 80 7.37 9.95 29.35
N SER B 81 6.51 10.21 28.37
CA SER B 81 5.31 11.00 28.62
C SER B 81 4.22 10.66 27.62
N ILE B 82 2.97 10.96 27.98
CA ILE B 82 1.84 10.75 27.07
C ILE B 82 0.80 11.88 27.15
N GLU B 83 0.09 12.10 26.03
CA GLU B 83 -1.08 12.95 26.05
C GLU B 83 -2.26 12.10 26.50
N MET B 84 -2.86 12.48 27.62
CA MET B 84 -3.97 11.70 28.19
C MET B 84 -5.14 11.55 27.22
N ALA B 85 -5.79 10.38 27.23
CA ALA B 85 -6.93 10.14 26.34
C ALA B 85 -8.12 11.02 26.70
N PHE B 86 -8.76 11.59 25.69
CA PHE B 86 -9.92 12.45 25.87
C PHE B 86 -9.65 13.61 26.83
N SER B 87 -8.45 14.16 26.75
CA SER B 87 -8.01 15.23 27.64
C SER B 87 -6.86 15.99 27.01
N ASP B 88 -6.64 17.21 27.48
CA ASP B 88 -5.48 17.98 27.08
C ASP B 88 -4.34 17.83 28.07
N LEU B 89 -4.59 17.07 29.13
CA LEU B 89 -3.57 16.85 30.16
C LEU B 89 -2.47 15.92 29.67
N ILE B 90 -1.29 16.07 30.25
CA ILE B 90 -0.14 15.23 29.92
C ILE B 90 0.27 14.43 31.15
N ILE B 91 0.66 13.17 30.96
CA ILE B 91 1.24 12.37 32.03
C ILE B 91 2.74 12.17 31.76
N GLU B 92 3.57 12.47 32.76
CA GLU B 92 5.00 12.36 32.57
C GLU B 92 5.61 11.49 33.66
N TRP B 93 6.57 10.65 33.28
CA TRP B 93 7.32 9.86 34.25
C TRP B 93 8.67 10.51 34.44
N PHE B 94 8.92 10.99 35.66
CA PHE B 94 10.14 11.75 35.95
C PHE B 94 10.99 11.12 37.06
N LYS B 95 12.22 10.77 36.70
CA LYS B 95 13.10 10.10 37.64
C LYS B 95 13.94 11.11 38.40
N VAL B 96 13.75 11.16 39.71
CA VAL B 96 14.53 12.04 40.58
C VAL B 96 15.93 11.45 40.68
N GLU B 97 16.95 12.19 40.27
CA GLU B 97 18.30 11.64 40.28
C GLU B 97 19.23 12.31 41.29
N LYS B 98 20.52 12.08 41.13
CA LYS B 98 21.53 12.51 42.09
C LYS B 98 21.45 14.01 42.40
N GLY B 99 21.45 14.33 43.69
CA GLY B 99 21.55 15.71 44.15
C GLY B 99 20.32 16.57 43.94
N ALA B 100 19.22 15.97 43.48
CA ALA B 100 17.98 16.72 43.28
C ALA B 100 17.49 17.32 44.60
N LYS B 101 17.18 18.61 44.58
CA LYS B 101 16.87 19.35 45.79
C LYS B 101 15.54 18.96 46.43
N SER B 102 14.75 18.13 45.75
CA SER B 102 13.47 17.68 46.29
C SER B 102 13.66 16.47 47.19
N ILE B 103 14.83 15.84 47.12
CA ILE B 103 15.10 14.60 47.85
C ILE B 103 14.98 14.75 49.37
N GLY B 104 14.11 13.93 49.96
CA GLY B 104 13.90 13.91 51.39
C GLY B 104 12.82 14.87 51.84
N ARG B 105 12.23 15.58 50.89
CA ARG B 105 11.18 16.54 51.20
C ARG B 105 9.83 15.92 50.84
N THR B 106 8.77 16.35 51.52
CA THR B 106 7.46 15.76 51.28
C THR B 106 6.67 16.55 50.23
N LEU B 107 5.63 15.94 49.67
CA LEU B 107 4.77 16.61 48.72
C LEU B 107 4.09 17.84 49.34
N GLY B 108 3.80 17.75 50.63
CA GLY B 108 3.22 18.87 51.35
C GLY B 108 4.19 20.04 51.37
N GLU B 109 5.44 19.78 51.75
CA GLU B 109 6.43 20.85 51.89
C GLU B 109 6.81 21.48 50.55
N LEU B 110 6.99 20.62 49.54
CA LEU B 110 7.23 21.09 48.18
C LEU B 110 5.97 21.75 47.63
N ASP B 111 4.81 21.29 48.08
CA ASP B 111 3.53 21.93 47.78
C ASP B 111 3.25 21.92 46.27
N VAL B 112 3.58 20.80 45.65
CA VAL B 112 3.55 20.64 44.20
C VAL B 112 2.26 21.11 43.53
N ARG B 113 1.12 20.53 43.88
CA ARG B 113 -0.13 20.91 43.22
C ARG B 113 -0.48 22.37 43.44
N GLN B 114 -0.26 22.86 44.67
CA GLN B 114 -0.57 24.26 44.96
C GLN B 114 0.32 25.21 44.16
N ASN B 115 1.62 24.92 44.11
CA ASN B 115 2.56 25.86 43.51
C ASN B 115 2.80 25.70 42.01
N TYR B 116 2.57 24.48 41.50
CA TYR B 116 2.88 24.16 40.10
C TYR B 116 1.70 23.66 39.28
N ASP B 117 0.54 23.52 39.93
CA ASP B 117 -0.65 22.99 39.27
C ASP B 117 -0.39 21.63 38.63
N VAL B 118 0.49 20.83 39.25
CA VAL B 118 0.77 19.48 38.80
C VAL B 118 0.35 18.52 39.91
N THR B 119 -0.34 17.45 39.54
CA THR B 119 -0.72 16.41 40.47
C THR B 119 0.20 15.19 40.37
N VAL B 120 0.83 14.82 41.48
CA VAL B 120 1.56 13.56 41.50
C VAL B 120 0.55 12.42 41.67
N ILE B 121 0.33 11.62 40.62
CA ILE B 121 -0.73 10.60 40.70
C ILE B 121 -0.24 9.23 41.19
N ALA B 122 1.06 9.00 41.03
CA ALA B 122 1.68 7.81 41.59
C ALA B 122 3.16 8.08 41.87
N ILE B 123 3.73 7.29 42.77
CA ILE B 123 5.17 7.27 42.97
C ILE B 123 5.65 5.83 42.79
N ILE B 124 6.58 5.63 41.86
CA ILE B 124 7.17 4.31 41.63
C ILE B 124 8.61 4.27 42.12
N LYS B 125 8.86 3.52 43.19
CA LYS B 125 10.20 3.40 43.73
C LYS B 125 11.13 2.68 42.77
N HIS B 126 12.43 2.76 43.04
CA HIS B 126 13.45 2.16 42.15
C HIS B 126 13.19 0.68 41.85
N ASN B 127 12.52 0.00 42.76
CA ASN B 127 12.29 -1.44 42.65
C ASN B 127 10.94 -1.82 42.02
N GLN B 128 10.30 -0.86 41.36
CA GLN B 128 9.05 -1.06 40.62
C GLN B 128 7.78 -1.10 41.48
N GLU B 129 7.93 -1.02 42.80
CA GLU B 129 6.77 -0.91 43.68
C GLU B 129 6.07 0.46 43.51
N LYS B 130 4.74 0.46 43.48
CA LYS B 130 4.00 1.65 43.08
C LYS B 130 2.98 2.11 44.12
N LEU B 131 3.02 3.40 44.44
CA LEU B 131 2.07 4.01 45.37
C LEU B 131 1.07 4.92 44.65
N LEU B 132 -0.20 4.53 44.65
CA LEU B 132 -1.24 5.29 43.98
C LEU B 132 -1.79 6.42 44.84
N ASN B 133 -2.07 7.55 44.20
CA ASN B 133 -2.53 8.75 44.88
C ASN B 133 -1.79 9.05 46.19
N PRO B 134 -0.51 9.42 46.10
CA PRO B 134 0.23 9.87 47.29
C PRO B 134 -0.32 11.17 47.86
N GLY B 135 -0.08 11.39 49.15
CA GLY B 135 -0.54 12.60 49.81
C GLY B 135 0.60 13.50 50.28
N ALA B 136 0.25 14.53 51.05
CA ALA B 136 1.21 15.54 51.51
C ALA B 136 2.39 14.97 52.29
N ASP B 137 2.19 13.79 52.88
CA ASP B 137 3.22 13.21 53.74
C ASP B 137 4.10 12.15 53.07
N SER B 138 3.89 11.90 51.78
CA SER B 138 4.77 11.00 51.05
C SER B 138 6.11 11.71 50.80
N ILE B 139 7.20 11.02 51.13
CA ILE B 139 8.53 11.59 50.97
C ILE B 139 9.15 11.20 49.63
N ILE B 140 9.71 12.18 48.94
CA ILE B 140 10.44 11.93 47.71
C ILE B 140 11.84 11.39 48.03
N GLU B 141 12.16 10.22 47.46
CA GLU B 141 13.43 9.57 47.73
C GLU B 141 14.30 9.37 46.48
N GLU B 142 15.58 9.12 46.74
CA GLU B 142 16.67 9.18 45.75
C GLU B 142 16.39 8.70 44.33
N ASN B 143 15.85 7.50 44.16
CA ASN B 143 15.68 6.96 42.80
C ASN B 143 14.23 6.82 42.36
N ASP B 144 13.33 7.45 43.10
CA ASP B 144 11.90 7.42 42.82
C ASP B 144 11.60 7.92 41.42
N THR B 145 10.56 7.37 40.81
CA THR B 145 10.00 7.96 39.62
C THR B 145 8.62 8.54 39.97
N LEU B 146 8.47 9.85 39.79
CA LEU B 146 7.18 10.51 40.03
C LEU B 146 6.34 10.41 38.77
N VAL B 147 5.08 10.00 38.90
CA VAL B 147 4.16 10.02 37.77
C VAL B 147 3.35 11.32 37.84
N LEU B 148 3.65 12.24 36.93
CA LEU B 148 3.12 13.61 37.03
C LEU B 148 2.02 13.86 36.02
N SER B 149 0.99 14.58 36.45
CA SER B 149 -0.09 14.97 35.55
C SER B 149 -0.37 16.46 35.59
N GLY B 150 -0.42 17.09 34.41
CA GLY B 150 -0.74 18.50 34.32
C GLY B 150 -0.53 19.03 32.91
N GLU B 151 -0.49 20.35 32.78
CA GLU B 151 -0.27 20.97 31.47
C GLU B 151 1.21 21.03 31.14
N ARG B 152 1.51 21.07 29.85
CA ARG B 152 2.89 21.07 29.35
C ARG B 152 3.75 22.15 29.98
N LYS B 153 3.24 23.38 30.02
CA LYS B 153 3.98 24.49 30.59
C LYS B 153 4.27 24.29 32.07
N HIS B 154 3.29 23.77 32.80
CA HIS B 154 3.45 23.59 34.24
C HIS B 154 4.42 22.44 34.56
N LEU B 155 4.36 21.38 33.77
CA LEU B 155 5.27 20.26 33.96
C LEU B 155 6.72 20.70 33.78
N LYS B 156 6.97 21.49 32.74
CA LYS B 156 8.32 21.94 32.44
C LYS B 156 8.91 22.78 33.58
N LYS B 157 8.09 23.63 34.19
CA LYS B 157 8.58 24.50 35.26
C LYS B 157 8.90 23.71 36.53
N LEU B 158 8.05 22.74 36.87
CA LEU B 158 8.28 21.90 38.05
C LEU B 158 9.57 21.09 37.93
N ILE B 159 9.77 20.46 36.79
CA ILE B 159 10.96 19.65 36.55
C ILE B 159 12.20 20.53 36.60
N HIS B 160 12.12 21.71 35.98
CA HIS B 160 13.21 22.68 36.00
C HIS B 160 13.55 23.20 37.40
N ASP B 161 12.53 23.44 38.22
CA ASP B 161 12.75 23.99 39.56
C ASP B 161 13.16 22.93 40.58
N PHE B 162 12.56 21.75 40.48
CA PHE B 162 12.90 20.63 41.34
C PHE B 162 13.38 19.44 40.52
N SER C 2 3.24 -3.26 0.65
CA SER C 2 4.24 -2.27 0.22
C SER C 2 5.63 -2.89 0.18
N GLY C 3 6.47 -2.41 -0.74
CA GLY C 3 7.83 -2.87 -0.86
C GLY C 3 8.80 -1.89 -0.22
N LEU C 4 10.08 -2.18 -0.39
CA LEU C 4 11.11 -1.36 0.22
C LEU C 4 11.62 -0.36 -0.84
N ASN C 5 12.31 0.69 -0.40
CA ASN C 5 13.22 1.40 -1.31
C ASN C 5 14.63 0.86 -1.14
N ILE C 6 15.27 0.43 -2.23
CA ILE C 6 16.57 -0.20 -2.10
C ILE C 6 17.54 0.42 -3.10
N LYS C 7 18.74 0.73 -2.63
CA LYS C 7 19.74 1.32 -3.53
C LYS C 7 20.97 0.44 -3.45
N GLU C 8 21.48 0.00 -4.59
CA GLU C 8 22.66 -0.87 -4.55
C GLU C 8 23.84 -0.13 -5.15
N ASN C 9 25.00 -0.17 -4.50
CA ASN C 9 26.19 0.45 -5.05
C ASN C 9 27.34 -0.57 -5.05
N ASP C 10 28.29 -0.37 -5.94
CA ASP C 10 29.42 -1.27 -6.05
C ASP C 10 30.47 -0.85 -5.04
N LEU C 11 31.14 -1.82 -4.43
CA LEU C 11 32.36 -1.56 -3.65
C LEU C 11 33.49 -2.26 -4.40
N PRO C 12 34.22 -1.52 -5.24
CA PRO C 12 35.16 -2.18 -6.15
C PRO C 12 36.16 -3.09 -5.43
N GLY C 13 36.18 -4.35 -5.82
CA GLY C 13 37.15 -5.32 -5.33
C GLY C 13 36.73 -5.89 -3.98
N ILE C 14 35.63 -5.39 -3.45
CA ILE C 14 35.17 -5.79 -2.10
C ILE C 14 33.84 -6.52 -2.11
N GLY C 15 32.86 -5.96 -2.80
CA GLY C 15 31.54 -6.57 -2.84
C GLY C 15 30.48 -5.59 -3.30
N LYS C 16 29.33 -5.64 -2.64
CA LYS C 16 28.23 -4.72 -2.95
C LYS C 16 27.65 -4.18 -1.63
N LYS C 17 27.13 -2.97 -1.70
CA LYS C 17 26.38 -2.34 -0.58
C LYS C 17 24.92 -2.14 -0.95
N PHE C 18 24.00 -2.56 -0.08
CA PHE C 18 22.58 -2.31 -0.30
C PHE C 18 22.07 -1.43 0.83
N GLU C 19 21.49 -0.30 0.47
CA GLU C 19 20.85 0.55 1.47
C GLU C 19 19.38 0.37 1.29
N ILE C 20 18.70 0.07 2.40
CA ILE C 20 17.31 -0.32 2.34
C ILE C 20 16.54 0.57 3.29
N GLU C 21 15.42 1.07 2.81
CA GLU C 21 14.53 1.89 3.63
C GLU C 21 13.09 1.40 3.54
N THR C 22 12.44 1.23 4.69
CA THR C 22 11.05 0.82 4.75
C THR C 22 10.15 2.03 4.55
N ARG C 23 8.89 1.80 4.17
CA ARG C 23 7.95 2.90 3.93
C ARG C 23 7.72 3.75 5.19
N SER C 24 8.09 3.19 6.34
CA SER C 24 8.03 3.89 7.62
C SER C 24 9.38 4.49 7.96
N HIS C 25 10.27 4.52 6.96
CA HIS C 25 11.58 5.17 7.08
C HIS C 25 12.59 4.54 8.03
N GLU C 26 12.44 3.24 8.35
CA GLU C 26 13.49 2.51 9.06
C GLU C 26 14.58 2.11 8.07
N LYS C 27 15.83 2.17 8.49
CA LYS C 27 16.92 2.00 7.52
C LYS C 27 17.92 0.94 7.93
N MET C 28 18.40 0.22 6.94
CA MET C 28 19.29 -0.89 7.18
C MET C 28 20.25 -0.87 6.01
N THR C 29 21.52 -1.16 6.26
CA THR C 29 22.51 -1.30 5.18
C THR C 29 23.06 -2.71 5.27
N ILE C 30 23.13 -3.40 4.13
CA ILE C 30 23.71 -4.76 4.10
C ILE C 30 24.91 -4.72 3.18
N ILE C 31 26.07 -5.14 3.69
CA ILE C 31 27.29 -5.20 2.87
C ILE C 31 27.52 -6.67 2.57
N ILE C 32 27.61 -7.02 1.29
CA ILE C 32 27.91 -8.40 0.94
C ILE C 32 29.34 -8.47 0.34
N HIS C 33 30.22 -9.20 1.02
CA HIS C 33 31.60 -9.38 0.58
C HIS C 33 31.76 -10.55 -0.36
N ASP C 34 32.75 -10.47 -1.25
CA ASP C 34 32.92 -11.54 -2.20
C ASP C 34 33.36 -12.86 -1.55
N ASP C 35 33.90 -12.79 -0.33
CA ASP C 35 34.31 -14.01 0.38
C ASP C 35 33.14 -14.65 1.16
N GLY C 36 31.96 -14.06 1.05
CA GLY C 36 30.73 -14.58 1.67
C GLY C 36 30.26 -13.88 2.93
N ARG C 37 31.14 -13.07 3.50
CA ARG C 37 30.85 -12.32 4.73
C ARG C 37 29.76 -11.28 4.49
N ARG C 38 28.88 -11.10 5.48
CA ARG C 38 27.86 -10.04 5.41
C ARG C 38 28.04 -9.16 6.66
N GLU C 39 27.82 -7.84 6.53
CA GLU C 39 27.64 -6.96 7.67
C GLU C 39 26.29 -6.27 7.50
N ILE C 40 25.49 -6.21 8.57
CA ILE C 40 24.24 -5.48 8.51
C ILE C 40 24.35 -4.34 9.53
N TYR C 41 23.90 -3.16 9.15
CA TYR C 41 23.95 -2.00 10.01
C TYR C 41 22.53 -1.50 10.10
N ARG C 42 22.09 -1.16 11.32
CA ARG C 42 20.77 -0.58 11.52
C ARG C 42 20.94 0.85 12.02
N PHE C 43 20.24 1.78 11.38
CA PHE C 43 20.40 3.20 11.74
C PHE C 43 19.17 3.84 12.30
N ASN C 44 19.41 4.86 13.12
CA ASN C 44 18.41 5.81 13.54
C ASN C 44 17.76 6.44 12.32
N ASP C 45 16.47 6.21 12.14
CA ASP C 45 15.72 6.73 11.00
C ASP C 45 15.81 8.25 10.89
N ARG C 46 16.01 8.92 12.02
CA ARG C 46 16.07 10.37 12.06
C ARG C 46 17.48 10.90 11.86
N ASP C 47 18.49 10.04 12.06
CA ASP C 47 19.87 10.47 12.04
C ASP C 47 20.80 9.38 11.53
N PRO C 48 21.34 9.56 10.31
CA PRO C 48 22.09 8.52 9.60
C PRO C 48 23.49 8.29 10.18
N ASP C 49 23.93 9.18 11.06
CA ASP C 49 25.22 9.07 11.70
C ASP C 49 25.14 8.24 12.98
N GLU C 50 23.94 7.81 13.35
CA GLU C 50 23.74 7.13 14.61
C GLU C 50 23.44 5.64 14.42
N LEU C 51 24.41 4.79 14.73
CA LEU C 51 24.23 3.35 14.53
C LEU C 51 23.46 2.79 15.73
N LEU C 52 22.40 2.06 15.45
CA LEU C 52 21.61 1.43 16.50
C LEU C 52 22.17 0.05 16.85
N SER C 53 22.56 -0.69 15.82
CA SER C 53 23.03 -2.06 16.02
C SER C 53 23.73 -2.54 14.77
N ASN C 54 24.56 -3.56 14.89
CA ASN C 54 25.19 -4.10 13.68
C ASN C 54 25.63 -5.53 13.96
N ILE C 55 25.78 -6.32 12.92
CA ILE C 55 26.08 -7.73 13.12
C ILE C 55 26.89 -8.22 11.93
N SER C 56 27.83 -9.13 12.17
CA SER C 56 28.64 -9.73 11.11
C SER C 56 28.29 -11.19 11.04
N LEU C 57 28.17 -11.69 9.82
CA LEU C 57 27.72 -13.05 9.59
C LEU C 57 28.62 -13.69 8.55
N ASP C 58 28.93 -14.97 8.70
CA ASP C 58 29.63 -15.65 7.60
C ASP C 58 28.57 -16.13 6.61
N ASP C 59 28.99 -16.74 5.49
CA ASP C 59 28.03 -17.11 4.44
C ASP C 59 26.94 -18.07 4.94
N SER C 60 27.33 -19.08 5.71
N SER C 60 27.35 -19.10 5.67
CA SER C 60 26.36 -20.07 6.17
CA SER C 60 26.37 -20.06 6.20
C SER C 60 25.40 -19.55 7.25
C SER C 60 25.34 -19.34 7.07
N GLU C 61 25.83 -18.54 8.01
CA GLU C 61 24.95 -17.88 8.98
C GLU C 61 23.97 -16.97 8.25
N ALA C 62 24.48 -16.22 7.28
CA ALA C 62 23.62 -15.33 6.51
C ALA C 62 22.50 -16.10 5.83
N ARG C 63 22.85 -17.23 5.23
CA ARG C 63 21.85 -17.99 4.48
C ARG C 63 20.86 -18.67 5.41
N GLN C 64 21.29 -19.05 6.60
CA GLN C 64 20.36 -19.62 7.57
CA GLN C 64 20.37 -19.62 7.59
C GLN C 64 19.33 -18.58 8.01
N ILE C 65 19.82 -17.39 8.35
CA ILE C 65 18.94 -16.32 8.75
C ILE C 65 18.00 -15.92 7.61
N ALA C 66 18.53 -15.86 6.40
CA ALA C 66 17.69 -15.58 5.22
C ALA C 66 16.59 -16.62 5.01
N ALA C 67 16.90 -17.89 5.23
CA ALA C 67 15.90 -18.97 5.06
C ALA C 67 14.77 -18.78 6.06
N ILE C 68 15.14 -18.45 7.30
CA ILE C 68 14.10 -18.24 8.34
C ILE C 68 13.27 -17.01 8.00
N LEU C 69 13.95 -15.88 7.76
CA LEU C 69 13.25 -14.64 7.45
C LEU C 69 12.37 -14.77 6.20
N GLY C 70 12.86 -15.53 5.21
CA GLY C 70 12.20 -15.65 3.93
C GLY C 70 11.07 -16.67 3.86
N GLY C 71 10.76 -17.31 4.99
CA GLY C 71 9.65 -18.24 5.04
C GLY C 71 9.95 -19.66 4.57
N MET C 72 11.23 -19.98 4.45
CA MET C 72 11.69 -21.29 3.99
C MET C 72 11.83 -22.30 5.12
N VAL C 73 11.75 -21.86 6.37
CA VAL C 73 11.75 -22.83 7.48
C VAL C 73 10.33 -23.01 7.99
N TYR C 74 9.73 -21.91 8.45
CA TYR C 74 8.29 -21.89 8.72
C TYR C 74 7.62 -20.96 7.73
N LYS C 75 6.65 -21.51 6.99
CA LYS C 75 5.83 -20.72 6.09
C LYS C 75 4.61 -20.18 6.84
N PRO C 76 4.36 -18.88 6.74
CA PRO C 76 3.15 -18.23 7.29
C PRO C 76 1.94 -18.97 6.80
N GLN C 77 1.10 -19.47 7.71
CA GLN C 77 0.07 -20.41 7.29
C GLN C 77 -0.99 -19.82 6.38
N ALA C 78 -1.26 -18.53 6.50
CA ALA C 78 -2.38 -17.95 5.75
C ALA C 78 -2.03 -17.52 4.33
N LEU C 79 -0.77 -17.61 3.94
CA LEU C 79 -0.38 -17.22 2.58
C LEU C 79 -0.47 -18.40 1.60
N GLU C 80 -1.27 -18.27 0.56
CA GLU C 80 -1.40 -19.35 -0.42
C GLU C 80 -0.69 -19.07 -1.75
N SER C 81 -0.33 -17.82 -1.98
CA SER C 81 0.57 -17.55 -3.09
C SER C 81 1.27 -16.24 -2.85
N ILE C 82 2.42 -16.08 -3.49
CA ILE C 82 3.20 -14.86 -3.35
C ILE C 82 3.82 -14.48 -4.69
N GLU C 83 4.22 -13.22 -4.84
CA GLU C 83 5.05 -12.86 -5.99
C GLU C 83 6.49 -12.92 -5.54
N MET C 84 7.31 -13.69 -6.25
CA MET C 84 8.68 -13.95 -5.83
C MET C 84 9.48 -12.65 -5.80
N ALA C 85 10.33 -12.46 -4.77
CA ALA C 85 11.15 -11.26 -4.68
C ALA C 85 12.02 -11.10 -5.93
N PHE C 86 12.01 -9.88 -6.47
CA PHE C 86 12.87 -9.45 -7.56
C PHE C 86 12.62 -10.27 -8.82
N SER C 87 11.37 -10.65 -9.02
CA SER C 87 10.99 -11.50 -10.14
C SER C 87 9.53 -11.23 -10.49
N ASP C 88 9.10 -11.66 -11.67
CA ASP C 88 7.67 -11.61 -11.99
C ASP C 88 6.96 -12.93 -11.73
N LEU C 89 7.69 -13.92 -11.24
CA LEU C 89 7.14 -15.26 -11.06
C LEU C 89 6.28 -15.34 -9.80
N ILE C 90 5.35 -16.27 -9.79
CA ILE C 90 4.45 -16.49 -8.67
C ILE C 90 4.81 -17.85 -8.10
N ILE C 91 4.79 -17.96 -6.79
CA ILE C 91 4.87 -19.24 -6.12
C ILE C 91 3.55 -19.52 -5.42
N GLU C 92 3.00 -20.71 -5.63
CA GLU C 92 1.71 -21.01 -5.06
C GLU C 92 1.70 -22.37 -4.37
N TRP C 93 0.99 -22.45 -3.26
CA TRP C 93 0.86 -23.70 -2.54
C TRP C 93 -0.49 -24.32 -2.89
N PHE C 94 -0.48 -25.50 -3.50
CA PHE C 94 -1.70 -26.19 -3.89
C PHE C 94 -1.81 -27.53 -3.16
N LYS C 95 -2.88 -27.70 -2.40
CA LYS C 95 -3.12 -28.95 -1.69
C LYS C 95 -3.95 -29.93 -2.52
N VAL C 96 -3.38 -31.09 -2.82
CA VAL C 96 -4.06 -32.10 -3.61
C VAL C 96 -5.21 -32.74 -2.85
N GLU C 97 -6.43 -32.54 -3.35
CA GLU C 97 -7.65 -32.95 -2.66
C GLU C 97 -8.12 -34.34 -3.09
N LYS C 98 -8.81 -35.02 -2.20
CA LYS C 98 -9.33 -36.36 -2.47
C LYS C 98 -10.19 -36.37 -3.73
N GLY C 99 -9.90 -37.30 -4.63
CA GLY C 99 -10.66 -37.42 -5.87
C GLY C 99 -10.05 -36.69 -7.05
N ALA C 100 -8.96 -35.95 -6.80
CA ALA C 100 -8.28 -35.25 -7.88
C ALA C 100 -7.60 -36.23 -8.82
N LYS C 101 -7.60 -35.91 -10.11
CA LYS C 101 -7.11 -36.83 -11.14
C LYS C 101 -5.60 -37.09 -11.11
N SER C 102 -4.85 -36.26 -10.38
CA SER C 102 -3.39 -36.38 -10.33
C SER C 102 -2.93 -37.41 -9.30
N ILE C 103 -3.80 -37.74 -8.35
CA ILE C 103 -3.50 -38.75 -7.32
C ILE C 103 -3.04 -40.06 -7.93
N GLY C 104 -1.85 -40.52 -7.55
CA GLY C 104 -1.29 -41.75 -8.07
C GLY C 104 -0.54 -41.60 -9.38
N ARG C 105 -0.40 -40.38 -9.87
CA ARG C 105 0.32 -40.14 -11.13
C ARG C 105 1.66 -39.45 -10.88
N THR C 106 2.64 -39.68 -11.74
CA THR C 106 3.97 -39.10 -11.54
C THR C 106 4.07 -37.74 -12.22
N LEU C 107 5.00 -36.91 -11.74
CA LEU C 107 5.25 -35.62 -12.36
C LEU C 107 5.56 -35.74 -13.85
N GLY C 108 6.27 -36.81 -14.20
CA GLY C 108 6.62 -37.08 -15.59
C GLY C 108 5.39 -37.39 -16.42
N GLU C 109 4.53 -38.25 -15.88
CA GLU C 109 3.28 -38.60 -16.54
C GLU C 109 2.36 -37.38 -16.71
N LEU C 110 2.40 -36.47 -15.73
CA LEU C 110 1.61 -35.24 -15.79
C LEU C 110 2.23 -34.19 -16.71
N ASP C 111 3.54 -34.27 -16.93
CA ASP C 111 4.23 -33.39 -17.87
C ASP C 111 4.02 -31.92 -17.55
N VAL C 112 3.96 -31.63 -16.26
CA VAL C 112 3.67 -30.30 -15.74
C VAL C 112 4.51 -29.19 -16.38
N ARG C 113 5.82 -29.29 -16.28
CA ARG C 113 6.66 -28.20 -16.76
C ARG C 113 6.57 -28.03 -18.28
N GLN C 114 6.39 -29.14 -18.98
CA GLN C 114 6.36 -29.08 -20.43
C GLN C 114 5.09 -28.42 -20.98
N ASN C 115 3.93 -28.91 -20.53
CA ASN C 115 2.66 -28.41 -21.05
C ASN C 115 2.12 -27.14 -20.40
N TYR C 116 2.69 -26.73 -19.27
CA TYR C 116 2.16 -25.56 -18.56
C TYR C 116 3.20 -24.47 -18.25
N ASP C 117 4.48 -24.78 -18.45
CA ASP C 117 5.57 -23.90 -18.01
C ASP C 117 5.48 -23.63 -16.51
N VAL C 118 5.15 -24.66 -15.74
CA VAL C 118 5.10 -24.54 -14.29
C VAL C 118 6.05 -25.56 -13.68
N THR C 119 6.94 -25.11 -12.81
CA THR C 119 7.87 -26.03 -12.17
C THR C 119 7.39 -26.39 -10.77
N VAL C 120 7.29 -27.67 -10.45
CA VAL C 120 7.07 -28.05 -9.06
C VAL C 120 8.41 -27.95 -8.35
N ILE C 121 8.57 -26.96 -7.46
CA ILE C 121 9.86 -26.75 -6.83
C ILE C 121 10.00 -27.53 -5.50
N ALA C 122 8.88 -27.98 -4.97
CA ALA C 122 8.88 -28.76 -3.73
C ALA C 122 7.60 -29.57 -3.57
N ILE C 123 7.69 -30.64 -2.80
CA ILE C 123 6.49 -31.40 -2.40
C ILE C 123 6.48 -31.54 -0.87
N ILE C 124 5.40 -31.10 -0.26
CA ILE C 124 5.26 -31.23 1.19
C ILE C 124 4.22 -32.29 1.52
N LYS C 125 4.65 -33.33 2.22
CA LYS C 125 3.72 -34.39 2.61
C LYS C 125 3.00 -34.00 3.88
N HIS C 126 1.83 -34.58 4.12
CA HIS C 126 0.96 -34.19 5.23
C HIS C 126 1.64 -34.22 6.59
N ASN C 127 2.72 -34.99 6.71
CA ASN C 127 3.49 -35.08 7.94
C ASN C 127 4.45 -33.90 8.12
N GLN C 128 4.35 -32.94 7.19
CA GLN C 128 5.26 -31.80 7.12
C GLN C 128 6.71 -32.27 6.93
N GLU C 129 7.05 -32.59 5.69
CA GLU C 129 8.41 -32.98 5.33
C GLU C 129 8.66 -32.58 3.87
N LYS C 130 9.58 -31.65 3.66
CA LYS C 130 9.73 -31.02 2.34
C LYS C 130 10.77 -31.71 1.46
N LEU C 131 10.30 -32.21 0.32
CA LEU C 131 11.17 -32.73 -0.74
C LEU C 131 11.46 -31.62 -1.73
N LEU C 132 12.71 -31.18 -1.79
CA LEU C 132 13.09 -30.09 -2.68
C LEU C 132 13.35 -30.64 -4.07
N ASN C 133 13.03 -29.82 -5.07
CA ASN C 133 13.25 -30.16 -6.48
C ASN C 133 12.89 -31.59 -6.84
N PRO C 134 11.59 -31.91 -6.81
CA PRO C 134 11.16 -33.22 -7.29
C PRO C 134 11.38 -33.39 -8.78
N GLY C 135 11.36 -34.63 -9.23
CA GLY C 135 11.57 -34.95 -10.62
C GLY C 135 10.41 -35.75 -11.18
N ALA C 136 10.63 -36.37 -12.33
CA ALA C 136 9.58 -37.03 -13.07
C ALA C 136 9.00 -38.26 -12.38
N ASP C 137 9.81 -38.89 -11.52
CA ASP C 137 9.38 -40.13 -10.88
C ASP C 137 8.70 -39.95 -9.51
N SER C 138 8.60 -38.71 -9.04
CA SER C 138 7.88 -38.45 -7.80
C SER C 138 6.39 -38.66 -8.01
N ILE C 139 5.79 -39.52 -7.18
CA ILE C 139 4.38 -39.80 -7.26
C ILE C 139 3.61 -38.82 -6.40
N ILE C 140 2.48 -38.36 -6.90
CA ILE C 140 1.64 -37.43 -6.16
C ILE C 140 0.62 -38.17 -5.30
N GLU C 141 0.48 -37.74 -4.05
CA GLU C 141 -0.42 -38.44 -3.12
C GLU C 141 -1.47 -37.50 -2.54
N GLU C 142 -2.48 -38.08 -1.90
CA GLU C 142 -3.50 -37.30 -1.22
C GLU C 142 -2.86 -36.48 -0.09
N ASN C 143 -3.38 -35.27 0.10
CA ASN C 143 -2.88 -34.34 1.11
C ASN C 143 -1.44 -33.87 0.90
N ASP C 144 -0.88 -34.15 -0.26
CA ASP C 144 0.40 -33.56 -0.60
C ASP C 144 0.16 -32.09 -0.89
N THR C 145 1.14 -31.27 -0.59
CA THR C 145 1.06 -29.88 -1.03
C THR C 145 2.15 -29.63 -2.05
N LEU C 146 1.74 -29.31 -3.27
CA LEU C 146 2.69 -28.97 -4.32
C LEU C 146 3.04 -27.49 -4.21
N VAL C 147 4.34 -27.17 -4.18
CA VAL C 147 4.79 -25.79 -4.23
C VAL C 147 5.12 -25.48 -5.68
N LEU C 148 4.31 -24.60 -6.27
CA LEU C 148 4.36 -24.39 -7.72
C LEU C 148 4.95 -23.04 -8.03
N SER C 149 5.68 -22.97 -9.14
CA SER C 149 6.30 -21.71 -9.53
C SER C 149 6.18 -21.43 -11.03
N GLY C 150 5.65 -20.25 -11.36
CA GLY C 150 5.51 -19.85 -12.75
C GLY C 150 4.75 -18.55 -12.92
N GLU C 151 4.40 -18.24 -14.16
CA GLU C 151 3.65 -17.02 -14.43
C GLU C 151 2.20 -17.21 -14.01
N ARG C 152 1.52 -16.10 -13.72
CA ARG C 152 0.17 -16.16 -13.19
C ARG C 152 -0.77 -16.89 -14.15
N LYS C 153 -0.75 -16.50 -15.42
CA LYS C 153 -1.68 -17.08 -16.39
C LYS C 153 -1.47 -18.59 -16.57
N HIS C 154 -0.23 -19.05 -16.40
CA HIS C 154 0.06 -20.47 -16.52
C HIS C 154 -0.37 -21.25 -15.27
N LEU C 155 -0.17 -20.66 -14.09
CA LEU C 155 -0.60 -21.30 -12.86
C LEU C 155 -2.12 -21.47 -12.83
N LYS C 156 -2.83 -20.47 -13.33
CA LYS C 156 -4.28 -20.52 -13.41
C LYS C 156 -4.71 -21.75 -14.19
N LYS C 157 -4.09 -21.96 -15.35
CA LYS C 157 -4.44 -23.08 -16.22
C LYS C 157 -4.27 -24.43 -15.53
N LEU C 158 -3.09 -24.66 -14.96
CA LEU C 158 -2.79 -25.91 -14.26
C LEU C 158 -3.76 -26.17 -13.12
N ILE C 159 -3.99 -25.14 -12.31
CA ILE C 159 -4.92 -25.25 -11.19
C ILE C 159 -6.33 -25.54 -11.70
N HIS C 160 -6.73 -24.80 -12.73
CA HIS C 160 -8.03 -25.02 -13.37
C HIS C 160 -8.14 -26.46 -13.88
N ASP C 161 -7.07 -26.97 -14.47
CA ASP C 161 -7.04 -28.35 -14.94
C ASP C 161 -6.75 -29.31 -13.80
N GLY D 3 28.08 -22.40 14.07
CA GLY D 3 28.12 -20.96 14.04
C GLY D 3 26.91 -20.34 14.73
N LEU D 4 25.72 -20.74 14.31
CA LEU D 4 24.48 -20.25 14.91
C LEU D 4 23.79 -21.26 15.83
N ASN D 5 23.41 -20.78 17.01
CA ASN D 5 22.50 -21.52 17.86
C ASN D 5 21.12 -21.01 17.53
N ILE D 6 20.23 -21.88 17.07
CA ILE D 6 18.87 -21.48 16.73
C ILE D 6 17.85 -22.26 17.56
N LYS D 7 16.91 -21.53 18.16
CA LYS D 7 15.82 -22.13 18.92
C LYS D 7 14.50 -21.69 18.31
N GLU D 8 13.66 -22.64 17.94
CA GLU D 8 12.35 -22.32 17.39
C GLU D 8 11.31 -22.69 18.46
N ASN D 9 10.34 -21.79 18.65
CA ASN D 9 9.26 -22.01 19.60
C ASN D 9 7.92 -21.71 18.94
N ASP D 10 6.90 -22.49 19.29
CA ASP D 10 5.57 -22.25 18.74
C ASP D 10 4.91 -21.06 19.46
N LEU D 11 4.19 -20.23 18.71
CA LEU D 11 3.34 -19.22 19.31
C LEU D 11 1.93 -19.60 18.88
N PRO D 12 1.22 -20.35 19.72
CA PRO D 12 -0.05 -20.98 19.34
C PRO D 12 -1.06 -19.99 18.81
N GLY D 13 -1.54 -20.22 17.59
CA GLY D 13 -2.54 -19.37 16.97
C GLY D 13 -1.92 -18.12 16.36
N ILE D 14 -0.61 -17.95 16.51
CA ILE D 14 0.03 -16.69 16.11
C ILE D 14 1.12 -16.89 15.02
N GLY D 15 2.01 -17.86 15.24
CA GLY D 15 3.11 -18.09 14.31
C GLY D 15 4.25 -18.82 15.01
N LYS D 16 5.48 -18.43 14.71
CA LYS D 16 6.65 -19.05 15.34
C LYS D 16 7.63 -17.97 15.73
N LYS D 17 8.41 -18.28 16.76
CA LYS D 17 9.48 -17.42 17.20
C LYS D 17 10.79 -18.17 17.01
N PHE D 18 11.77 -17.50 16.40
CA PHE D 18 13.11 -18.04 16.28
C PHE D 18 14.06 -17.17 17.08
N GLU D 19 14.81 -17.78 17.98
CA GLU D 19 15.85 -17.05 18.69
C GLU D 19 17.20 -17.52 18.20
N ILE D 20 17.96 -16.58 17.65
CA ILE D 20 19.22 -16.87 16.97
C ILE D 20 20.41 -16.23 17.68
N GLU D 21 21.46 -17.01 17.88
CA GLU D 21 22.62 -16.51 18.59
C GLU D 21 23.87 -16.85 17.82
N THR D 22 24.75 -15.85 17.66
CA THR D 22 26.02 -16.03 17.00
C THR D 22 27.10 -16.36 18.04
N ARG D 23 28.28 -16.73 17.58
CA ARG D 23 29.40 -16.95 18.50
C ARG D 23 29.87 -15.63 19.11
N SER D 24 29.62 -14.53 18.41
CA SER D 24 29.92 -13.20 18.94
C SER D 24 28.92 -12.82 20.03
N HIS D 25 28.01 -13.74 20.29
CA HIS D 25 26.82 -13.50 21.12
C HIS D 25 26.04 -12.26 20.69
N GLU D 26 25.94 -12.05 19.39
CA GLU D 26 24.93 -11.15 18.89
C GLU D 26 23.66 -12.00 18.89
N LYS D 27 22.57 -11.39 19.32
CA LYS D 27 21.30 -12.09 19.42
C LYS D 27 20.28 -11.45 18.49
N MET D 28 19.50 -12.29 17.83
CA MET D 28 18.43 -11.85 16.96
C MET D 28 17.21 -12.70 17.30
N THR D 29 16.05 -12.08 17.38
CA THR D 29 14.81 -12.84 17.51
C THR D 29 13.95 -12.50 16.32
N ILE D 30 13.47 -13.51 15.60
CA ILE D 30 12.57 -13.24 14.46
C ILE D 30 11.21 -13.83 14.78
N ILE D 31 10.16 -13.01 14.72
CA ILE D 31 8.82 -13.54 14.92
C ILE D 31 8.19 -13.61 13.53
N ILE D 32 7.63 -14.78 13.19
CA ILE D 32 6.95 -14.91 11.90
C ILE D 32 5.48 -15.15 12.17
N HIS D 33 4.65 -14.18 11.76
CA HIS D 33 3.21 -14.28 11.96
C HIS D 33 2.56 -15.05 10.82
N ASP D 34 1.42 -15.65 11.08
CA ASP D 34 0.74 -16.40 10.04
C ASP D 34 0.19 -15.57 8.89
N ASP D 35 0.00 -14.27 9.12
CA ASP D 35 -0.45 -13.39 8.03
C ASP D 35 0.72 -12.90 7.20
N GLY D 36 1.93 -13.31 7.58
CA GLY D 36 3.08 -12.90 6.81
C GLY D 36 3.96 -11.84 7.46
N ARG D 37 3.47 -11.14 8.49
CA ARG D 37 4.29 -10.13 9.16
C ARG D 37 5.49 -10.78 9.82
N ARG D 38 6.63 -10.10 9.74
CA ARG D 38 7.81 -10.49 10.56
C ARG D 38 8.13 -9.33 11.51
N GLU D 39 8.61 -9.64 12.71
CA GLU D 39 9.27 -8.64 13.53
C GLU D 39 10.65 -9.19 13.84
N ILE D 40 11.66 -8.33 13.85
CA ILE D 40 12.99 -8.76 14.18
C ILE D 40 13.43 -7.88 15.37
N TYR D 41 14.03 -8.49 16.39
CA TYR D 41 14.54 -7.77 17.55
C TYR D 41 16.02 -8.07 17.68
N ARG D 42 16.80 -7.05 18.03
CA ARG D 42 18.23 -7.25 18.23
C ARG D 42 18.65 -6.93 19.67
N PHE D 43 19.42 -7.84 20.26
CA PHE D 43 19.96 -7.67 21.60
C PHE D 43 21.46 -7.97 21.51
N ASN D 44 22.21 -7.43 22.46
CA ASN D 44 23.62 -7.76 22.62
C ASN D 44 23.85 -8.55 23.88
N ASP D 45 25.11 -8.58 24.33
CA ASP D 45 25.54 -9.37 25.49
C ASP D 45 25.54 -8.61 26.81
N ARG D 46 25.95 -7.34 26.78
CA ARG D 46 26.08 -6.54 27.99
C ARG D 46 24.75 -6.45 28.74
N ASP D 47 23.66 -6.43 27.99
CA ASP D 47 22.35 -6.49 28.62
C ASP D 47 21.39 -7.22 27.68
N PRO D 48 21.34 -8.55 27.80
CA PRO D 48 20.49 -9.38 26.93
C PRO D 48 19.02 -9.01 27.02
N ASP D 49 18.63 -8.28 28.06
CA ASP D 49 17.25 -7.81 28.20
C ASP D 49 17.11 -6.40 27.62
N GLU D 50 18.20 -5.87 27.08
CA GLU D 50 18.17 -4.54 26.50
C GLU D 50 18.07 -4.65 24.99
N LEU D 51 17.03 -4.03 24.45
CA LEU D 51 16.75 -4.08 23.04
C LEU D 51 17.55 -3.01 22.31
N LEU D 52 18.31 -3.39 21.28
CA LEU D 52 19.15 -2.43 20.58
C LEU D 52 18.38 -1.80 19.43
N SER D 53 17.66 -2.64 18.69
CA SER D 53 16.87 -2.13 17.59
C SER D 53 15.80 -3.17 17.27
N ASN D 54 14.84 -2.76 16.45
CA ASN D 54 13.79 -3.69 16.02
C ASN D 54 13.16 -3.14 14.77
N ILE D 55 12.53 -4.01 13.99
CA ILE D 55 11.93 -3.58 12.74
C ILE D 55 10.74 -4.48 12.42
N SER D 56 9.70 -3.90 11.85
CA SER D 56 8.53 -4.69 11.44
C SER D 56 8.49 -4.66 9.93
N LEU D 57 8.23 -5.81 9.31
CA LEU D 57 8.28 -5.99 7.87
C LEU D 57 7.04 -6.76 7.45
N ASP D 58 6.46 -6.45 6.30
CA ASP D 58 5.43 -7.34 5.75
C ASP D 58 6.07 -8.51 5.02
N ASP D 59 5.27 -9.43 4.49
CA ASP D 59 5.81 -10.60 3.83
C ASP D 59 6.74 -10.27 2.66
N SER D 60 6.32 -9.36 1.79
N SER D 60 6.32 -9.36 1.79
CA SER D 60 7.15 -9.01 0.62
CA SER D 60 7.16 -9.01 0.63
C SER D 60 8.46 -8.32 1.02
C SER D 60 8.48 -8.36 1.05
N GLU D 61 8.41 -7.46 2.02
CA GLU D 61 9.61 -6.81 2.52
C GLU D 61 10.57 -7.81 3.11
N ALA D 62 10.04 -8.77 3.87
CA ALA D 62 10.93 -9.75 4.51
C ALA D 62 11.62 -10.59 3.45
N ARG D 63 10.87 -10.97 2.43
CA ARG D 63 11.44 -11.82 1.40
C ARG D 63 12.45 -11.08 0.55
N GLN D 64 12.25 -9.79 0.36
CA GLN D 64 13.25 -8.99 -0.37
C GLN D 64 14.57 -8.93 0.40
N ILE D 65 14.44 -8.64 1.69
CA ILE D 65 15.61 -8.56 2.53
C ILE D 65 16.29 -9.94 2.57
N ALA D 66 15.49 -11.02 2.67
CA ALA D 66 16.06 -12.37 2.72
C ALA D 66 16.81 -12.72 1.42
N ALA D 67 16.28 -12.29 0.29
CA ALA D 67 16.93 -12.58 -0.99
C ALA D 67 18.29 -11.87 -1.08
N ILE D 68 18.35 -10.62 -0.62
CA ILE D 68 19.63 -9.89 -0.62
C ILE D 68 20.61 -10.55 0.34
N LEU D 69 20.14 -10.81 1.57
CA LEU D 69 21.01 -11.38 2.61
C LEU D 69 21.53 -12.76 2.18
N GLY D 70 20.67 -13.51 1.51
CA GLY D 70 20.95 -14.89 1.16
C GLY D 70 21.75 -15.08 -0.13
N GLY D 71 22.16 -14.00 -0.76
CA GLY D 71 23.04 -14.07 -1.93
C GLY D 71 22.31 -14.34 -3.24
N MET D 72 21.01 -14.08 -3.24
CA MET D 72 20.14 -14.30 -4.40
C MET D 72 20.06 -13.09 -5.33
N VAL D 73 20.54 -11.94 -4.88
CA VAL D 73 20.60 -10.76 -5.77
C VAL D 73 22.03 -10.57 -6.24
N TYR D 74 22.92 -10.36 -5.29
CA TYR D 74 24.33 -10.39 -5.60
C TYR D 74 24.95 -11.63 -4.95
N LYS D 75 25.51 -12.50 -5.76
CA LYS D 75 26.22 -13.67 -5.23
C LYS D 75 27.67 -13.29 -4.96
N PRO D 76 28.17 -13.61 -3.77
CA PRO D 76 29.59 -13.36 -3.46
C PRO D 76 30.46 -14.08 -4.50
N GLN D 77 31.35 -13.33 -5.13
CA GLN D 77 32.04 -13.80 -6.33
C GLN D 77 32.95 -14.99 -6.07
N ALA D 78 33.43 -15.16 -4.84
CA ALA D 78 34.44 -16.19 -4.60
C ALA D 78 33.89 -17.57 -4.27
N LEU D 79 32.57 -17.68 -4.16
CA LEU D 79 31.95 -18.96 -3.80
C LEU D 79 31.58 -19.78 -5.03
N GLU D 80 32.02 -21.03 -5.09
CA GLU D 80 31.77 -21.86 -6.26
C GLU D 80 30.70 -22.92 -5.98
N SER D 81 30.56 -23.26 -4.71
CA SER D 81 29.50 -24.16 -4.27
C SER D 81 29.18 -23.89 -2.80
N ILE D 82 27.96 -24.21 -2.38
CA ILE D 82 27.58 -24.08 -0.97
C ILE D 82 26.78 -25.30 -0.51
N GLU D 83 26.84 -25.60 0.78
CA GLU D 83 25.84 -26.50 1.36
C GLU D 83 24.58 -25.71 1.71
N MET D 84 23.46 -26.12 1.12
CA MET D 84 22.20 -25.39 1.26
C MET D 84 21.78 -25.36 2.73
N ALA D 85 21.22 -24.24 3.17
CA ALA D 85 20.83 -24.12 4.56
C ALA D 85 19.69 -25.09 4.86
N PHE D 86 19.75 -25.71 6.03
CA PHE D 86 18.72 -26.64 6.49
C PHE D 86 18.46 -27.78 5.52
N SER D 87 19.52 -28.25 4.86
CA SER D 87 19.39 -29.27 3.84
C SER D 87 20.75 -29.94 3.65
N ASP D 88 20.75 -31.14 3.08
CA ASP D 88 21.99 -31.82 2.75
C ASP D 88 22.37 -31.57 1.30
N LEU D 89 21.51 -30.83 0.59
CA LEU D 89 21.74 -30.52 -0.81
C LEU D 89 22.90 -29.53 -1.00
N ILE D 90 23.58 -29.67 -2.13
CA ILE D 90 24.63 -28.74 -2.54
C ILE D 90 24.15 -27.92 -3.71
N ILE D 91 24.52 -26.65 -3.73
CA ILE D 91 24.29 -25.80 -4.88
C ILE D 91 25.67 -25.44 -5.42
N GLU D 92 25.86 -25.62 -6.72
CA GLU D 92 27.15 -25.33 -7.32
C GLU D 92 26.96 -24.47 -8.56
N TRP D 93 27.87 -23.52 -8.75
CA TRP D 93 27.85 -22.67 -9.94
C TRP D 93 28.90 -23.14 -10.91
N PHE D 94 28.49 -23.50 -12.13
CA PHE D 94 29.45 -23.96 -13.13
C PHE D 94 29.38 -23.13 -14.40
N LYS D 95 30.52 -22.57 -14.80
CA LYS D 95 30.58 -21.75 -16.01
C LYS D 95 30.95 -22.56 -17.24
N VAL D 96 30.11 -22.47 -18.26
CA VAL D 96 30.33 -23.18 -19.52
C VAL D 96 31.33 -22.39 -20.36
N GLU D 97 32.54 -22.93 -20.52
CA GLU D 97 33.61 -22.24 -21.24
C GLU D 97 33.71 -22.67 -22.71
N LYS D 98 34.85 -22.37 -23.32
CA LYS D 98 35.07 -22.66 -24.73
C LYS D 98 35.18 -24.16 -25.00
N GLY D 99 34.60 -24.61 -26.10
CA GLY D 99 34.73 -25.99 -26.53
C GLY D 99 33.92 -26.98 -25.73
N ALA D 100 33.06 -26.48 -24.84
CA ALA D 100 32.17 -27.36 -24.10
C ALA D 100 31.21 -28.04 -25.07
N LYS D 101 31.20 -29.37 -25.05
CA LYS D 101 30.31 -30.17 -25.88
C LYS D 101 28.84 -29.75 -25.77
N SER D 102 28.45 -29.26 -24.60
CA SER D 102 27.06 -28.96 -24.32
C SER D 102 26.61 -27.61 -24.91
N ILE D 103 27.56 -26.84 -25.42
CA ILE D 103 27.24 -25.56 -26.05
C ILE D 103 26.34 -25.78 -27.26
N GLY D 104 25.20 -25.08 -27.28
CA GLY D 104 24.26 -25.19 -28.37
C GLY D 104 23.15 -26.19 -28.12
N ARG D 105 23.28 -26.98 -27.07
CA ARG D 105 22.28 -27.99 -26.73
C ARG D 105 21.29 -27.46 -25.70
N THR D 106 20.08 -28.01 -25.70
CA THR D 106 19.06 -27.61 -24.74
C THR D 106 19.08 -28.52 -23.51
N LEU D 107 18.59 -28.04 -22.38
CA LEU D 107 18.51 -28.86 -21.19
C LEU D 107 17.82 -30.21 -21.46
N GLY D 108 16.77 -30.19 -22.28
CA GLY D 108 16.04 -31.39 -22.63
C GLY D 108 16.82 -32.39 -23.49
N GLU D 109 17.62 -31.87 -24.42
CA GLU D 109 18.48 -32.74 -25.21
C GLU D 109 19.56 -33.35 -24.32
N LEU D 110 20.11 -32.55 -23.42
CA LEU D 110 21.11 -33.04 -22.49
C LEU D 110 20.46 -33.92 -21.43
N ASP D 111 19.18 -33.67 -21.18
CA ASP D 111 18.41 -34.42 -20.19
C ASP D 111 19.10 -34.53 -18.83
N VAL D 112 19.54 -33.39 -18.32
CA VAL D 112 20.32 -33.32 -17.10
C VAL D 112 19.71 -34.03 -15.88
N ARG D 113 18.51 -33.63 -15.47
CA ARG D 113 17.90 -34.21 -14.27
C ARG D 113 17.60 -35.70 -14.40
N GLN D 114 17.16 -36.12 -15.58
CA GLN D 114 16.81 -37.53 -15.77
C GLN D 114 18.04 -38.41 -15.65
N ASN D 115 19.15 -37.94 -16.21
CA ASN D 115 20.38 -38.70 -16.27
C ASN D 115 21.27 -38.61 -15.03
N TYR D 116 21.22 -37.46 -14.36
CA TYR D 116 22.16 -37.19 -13.27
C TYR D 116 21.52 -36.92 -11.90
N ASP D 117 20.20 -36.84 -11.86
CA ASP D 117 19.49 -36.36 -10.66
C ASP D 117 20.02 -34.99 -10.19
N VAL D 118 20.40 -34.14 -11.15
CA VAL D 118 20.76 -32.75 -10.86
C VAL D 118 19.74 -31.80 -11.49
N THR D 119 19.26 -30.83 -10.71
CA THR D 119 18.34 -29.81 -11.21
C THR D 119 19.10 -28.53 -11.55
N VAL D 120 18.96 -28.05 -12.79
CA VAL D 120 19.43 -26.71 -13.10
C VAL D 120 18.38 -25.73 -12.58
N ILE D 121 18.69 -25.03 -11.48
CA ILE D 121 17.70 -24.15 -10.87
C ILE D 121 17.77 -22.73 -11.45
N ALA D 122 18.84 -22.43 -12.17
CA ALA D 122 18.96 -21.12 -12.81
C ALA D 122 20.04 -21.11 -13.89
N ILE D 123 19.86 -20.25 -14.90
CA ILE D 123 20.95 -19.97 -15.83
C ILE D 123 21.33 -18.49 -15.78
N ILE D 124 22.62 -18.22 -15.58
CA ILE D 124 23.12 -16.84 -15.54
C ILE D 124 23.91 -16.55 -16.80
N LYS D 125 23.37 -15.68 -17.65
CA LYS D 125 24.08 -15.26 -18.84
C LYS D 125 25.29 -14.42 -18.45
N HIS D 126 26.21 -14.26 -19.39
CA HIS D 126 27.42 -13.46 -19.17
C HIS D 126 27.05 -12.03 -18.76
N ASN D 127 25.96 -11.52 -19.32
CA ASN D 127 25.47 -10.17 -19.05
C ASN D 127 24.87 -9.98 -17.65
N GLN D 128 24.86 -11.06 -16.87
CA GLN D 128 24.44 -11.11 -15.45
C GLN D 128 22.96 -11.41 -15.17
N GLU D 129 22.12 -11.44 -16.20
CA GLU D 129 20.70 -11.68 -15.99
C GLU D 129 20.48 -13.18 -15.75
N LYS D 130 19.66 -13.50 -14.75
CA LYS D 130 19.46 -14.89 -14.38
C LYS D 130 18.05 -15.36 -14.69
N LEU D 131 17.97 -16.45 -15.44
CA LEU D 131 16.72 -17.12 -15.73
C LEU D 131 16.47 -18.15 -14.65
N LEU D 132 15.33 -18.04 -13.99
CA LEU D 132 14.97 -18.96 -12.94
C LEU D 132 14.16 -20.12 -13.48
N ASN D 133 14.33 -21.29 -12.86
CA ASN D 133 13.68 -22.52 -13.28
C ASN D 133 13.65 -22.70 -14.80
N PRO D 134 14.84 -22.83 -15.40
CA PRO D 134 14.96 -23.14 -16.83
C PRO D 134 14.23 -24.41 -17.18
N GLY D 135 13.84 -24.54 -18.44
CA GLY D 135 13.09 -25.72 -18.87
C GLY D 135 13.82 -26.52 -19.94
N ALA D 136 13.09 -27.41 -20.60
CA ALA D 136 13.70 -28.28 -21.58
C ALA D 136 14.33 -27.54 -22.75
N ASP D 137 13.72 -26.44 -23.17
CA ASP D 137 14.15 -25.75 -24.40
C ASP D 137 15.18 -24.63 -24.17
N SER D 138 15.60 -24.43 -22.92
CA SER D 138 16.66 -23.46 -22.65
C SER D 138 17.96 -23.95 -23.29
N ILE D 139 18.57 -23.11 -24.12
CA ILE D 139 19.81 -23.48 -24.78
C ILE D 139 21.01 -23.09 -23.93
N ILE D 140 21.98 -23.99 -23.82
CA ILE D 140 23.24 -23.66 -23.17
C ILE D 140 24.14 -22.88 -24.12
N GLU D 141 24.55 -21.69 -23.68
CA GLU D 141 25.38 -20.80 -24.50
C GLU D 141 26.74 -20.59 -23.85
N GLU D 142 27.75 -20.29 -24.66
CA GLU D 142 29.10 -20.06 -24.15
C GLU D 142 29.09 -18.96 -23.08
N ASN D 143 29.80 -19.23 -21.98
CA ASN D 143 29.92 -18.30 -20.86
C ASN D 143 28.67 -18.13 -19.97
N ASP D 144 27.69 -19.03 -20.15
CA ASP D 144 26.60 -19.14 -19.19
C ASP D 144 27.13 -19.74 -17.90
N THR D 145 26.55 -19.35 -16.77
CA THR D 145 26.77 -20.10 -15.54
C THR D 145 25.51 -20.86 -15.16
N LEU D 146 25.60 -22.18 -15.15
CA LEU D 146 24.49 -23.01 -14.69
C LEU D 146 24.50 -23.11 -13.18
N VAL D 147 23.36 -22.84 -12.53
CA VAL D 147 23.29 -23.01 -11.07
C VAL D 147 22.66 -24.38 -10.82
N LEU D 148 23.44 -25.27 -10.22
CA LEU D 148 23.09 -26.70 -10.18
C LEU D 148 22.79 -27.13 -8.75
N SER D 149 21.72 -27.89 -8.57
CA SER D 149 21.39 -28.38 -7.24
C SER D 149 21.27 -29.89 -7.23
N GLY D 150 21.88 -30.53 -6.24
CA GLY D 150 21.88 -31.97 -6.15
C GLY D 150 22.81 -32.47 -5.07
N GLU D 151 23.00 -33.79 -5.04
CA GLU D 151 23.90 -34.45 -4.09
C GLU D 151 25.32 -34.30 -4.59
N ARG D 152 26.28 -34.22 -3.68
CA ARG D 152 27.68 -33.99 -4.04
C ARG D 152 28.16 -35.03 -5.04
N LYS D 153 27.78 -36.28 -4.81
CA LYS D 153 28.15 -37.38 -5.68
C LYS D 153 27.64 -37.16 -7.09
N HIS D 154 26.39 -36.69 -7.21
CA HIS D 154 25.77 -36.48 -8.51
C HIS D 154 26.32 -35.26 -9.23
N LEU D 155 26.54 -34.18 -8.49
CA LEU D 155 27.17 -32.99 -9.06
C LEU D 155 28.55 -33.34 -9.62
N LYS D 156 29.33 -34.06 -8.83
CA LYS D 156 30.69 -34.43 -9.22
C LYS D 156 30.72 -35.21 -10.53
N LYS D 157 29.76 -36.12 -10.70
CA LYS D 157 29.73 -36.96 -11.90
C LYS D 157 29.24 -36.20 -13.13
N LEU D 158 28.30 -35.27 -12.91
CA LEU D 158 27.80 -34.44 -14.00
C LEU D 158 28.90 -33.51 -14.48
N ILE D 159 29.61 -32.92 -13.53
CA ILE D 159 30.70 -32.00 -13.83
C ILE D 159 31.90 -32.71 -14.44
N HIS D 160 32.18 -33.93 -14.00
CA HIS D 160 33.21 -34.76 -14.62
C HIS D 160 32.87 -35.02 -16.08
N ASP D 161 31.58 -35.26 -16.35
CA ASP D 161 31.11 -35.47 -17.71
C ASP D 161 31.07 -34.15 -18.47
N PHE D 162 30.91 -33.05 -17.73
CA PHE D 162 31.04 -31.71 -18.29
C PHE D 162 32.50 -31.45 -18.66
N SER E 2 -31.87 8.16 -27.53
CA SER E 2 -32.88 9.00 -26.86
C SER E 2 -32.36 9.64 -25.56
N GLY E 3 -31.57 10.71 -25.70
CA GLY E 3 -31.08 11.41 -24.53
C GLY E 3 -29.70 12.07 -24.57
N LEU E 4 -28.65 11.25 -24.55
CA LEU E 4 -27.31 11.75 -24.24
C LEU E 4 -26.67 12.62 -25.32
N ASN E 5 -25.98 13.68 -24.89
CA ASN E 5 -24.96 14.30 -25.73
C ASN E 5 -23.64 13.63 -25.43
N ILE E 6 -22.97 13.16 -26.47
CA ILE E 6 -21.72 12.46 -26.29
C ILE E 6 -20.70 13.08 -27.21
N LYS E 7 -19.54 13.42 -26.68
CA LYS E 7 -18.45 13.91 -27.49
C LYS E 7 -17.26 12.97 -27.29
N GLU E 8 -16.67 12.49 -28.38
CA GLU E 8 -15.52 11.60 -28.31
C GLU E 8 -14.30 12.35 -28.83
N ASN E 9 -13.19 12.24 -28.11
CA ASN E 9 -11.92 12.82 -28.56
C ASN E 9 -10.82 11.77 -28.53
N ASP E 10 -9.86 11.88 -29.43
CA ASP E 10 -8.73 10.97 -29.41
C ASP E 10 -7.72 11.37 -28.33
N LEU E 11 -7.11 10.38 -27.69
CA LEU E 11 -5.99 10.62 -26.78
C LEU E 11 -4.77 9.85 -27.29
N PRO E 12 -3.88 10.53 -28.03
CA PRO E 12 -2.66 9.99 -28.64
C PRO E 12 -1.94 8.95 -27.77
N GLY E 13 -1.78 7.73 -28.31
CA GLY E 13 -1.07 6.68 -27.62
C GLY E 13 -1.65 6.29 -26.27
N ILE E 14 -2.91 6.65 -26.05
CA ILE E 14 -3.59 6.35 -24.80
C ILE E 14 -4.89 5.61 -25.09
N GLY E 15 -5.73 6.21 -25.92
CA GLY E 15 -7.03 5.63 -26.20
C GLY E 15 -7.99 6.71 -26.66
N LYS E 16 -9.14 6.77 -26.01
CA LYS E 16 -10.20 7.71 -26.38
C LYS E 16 -10.88 8.24 -25.13
N LYS E 17 -11.38 9.46 -25.24
CA LYS E 17 -12.12 10.12 -24.18
C LYS E 17 -13.56 10.36 -24.67
N PHE E 18 -14.55 9.95 -23.88
CA PHE E 18 -15.94 10.23 -24.12
C PHE E 18 -16.47 11.14 -23.03
N GLU E 19 -16.95 12.31 -23.42
CA GLU E 19 -17.65 13.19 -22.47
C GLU E 19 -19.14 13.04 -22.71
N ILE E 20 -19.86 12.69 -21.66
CA ILE E 20 -21.28 12.36 -21.76
C ILE E 20 -22.15 13.30 -20.89
N GLU E 21 -23.20 13.86 -21.46
CA GLU E 21 -24.09 14.70 -20.65
C GLU E 21 -25.52 14.19 -20.81
N THR E 22 -26.18 13.92 -19.69
CA THR E 22 -27.54 13.43 -19.72
C THR E 22 -28.52 14.58 -19.92
N ARG E 23 -29.79 14.23 -20.12
CA ARG E 23 -30.83 15.22 -20.34
C ARG E 23 -30.93 16.23 -19.18
N SER E 24 -30.73 15.73 -17.95
CA SER E 24 -30.86 16.58 -16.78
C SER E 24 -29.54 17.28 -16.43
N HIS E 25 -28.58 17.23 -17.35
CA HIS E 25 -27.29 17.90 -17.21
C HIS E 25 -26.31 17.25 -16.23
N GLU E 26 -26.44 15.94 -16.01
CA GLU E 26 -25.41 15.21 -15.26
C GLU E 26 -24.33 14.76 -16.22
N LYS E 27 -23.08 14.76 -15.75
CA LYS E 27 -21.93 14.60 -16.63
C LYS E 27 -21.07 13.44 -16.19
N MET E 28 -20.64 12.64 -17.15
CA MET E 28 -19.61 11.68 -16.86
C MET E 28 -18.58 11.70 -17.97
N THR E 29 -17.36 11.30 -17.64
CA THR E 29 -16.33 11.16 -18.64
C THR E 29 -15.75 9.78 -18.56
N ILE E 30 -15.67 9.11 -19.70
CA ILE E 30 -15.10 7.76 -19.70
C ILE E 30 -13.84 7.81 -20.51
N ILE E 31 -12.74 7.37 -19.91
CA ILE E 31 -11.48 7.22 -20.62
C ILE E 31 -11.30 5.74 -20.96
N ILE E 32 -11.08 5.42 -22.24
CA ILE E 32 -10.75 4.04 -22.61
C ILE E 32 -9.31 3.96 -23.10
N HIS E 33 -8.51 3.15 -22.41
CA HIS E 33 -7.12 2.91 -22.74
C HIS E 33 -6.96 1.75 -23.71
N ASP E 34 -5.93 1.82 -24.55
CA ASP E 34 -5.69 0.73 -25.49
C ASP E 34 -5.34 -0.59 -24.81
N ASP E 35 -4.82 -0.54 -23.59
CA ASP E 35 -4.53 -1.76 -22.85
C ASP E 35 -5.76 -2.40 -22.20
N GLY E 36 -6.89 -1.70 -22.27
CA GLY E 36 -8.13 -2.23 -21.74
C GLY E 36 -8.68 -1.57 -20.49
N ARG E 37 -7.87 -0.79 -19.80
N ARG E 37 -7.85 -0.80 -19.79
CA ARG E 37 -8.32 -0.12 -18.58
CA ARG E 37 -8.32 -0.10 -18.59
C ARG E 37 -9.34 0.98 -18.90
C ARG E 37 -9.39 0.93 -18.94
N ARG E 38 -10.32 1.15 -18.01
CA ARG E 38 -11.29 2.23 -18.14
C ARG E 38 -11.21 3.06 -16.86
N GLU E 39 -11.34 4.37 -17.01
CA GLU E 39 -11.63 5.24 -15.89
C GLU E 39 -12.89 6.01 -16.14
N ILE E 40 -13.73 6.10 -15.10
CA ILE E 40 -14.94 6.90 -15.16
C ILE E 40 -14.85 8.02 -14.13
N TYR E 41 -15.19 9.24 -14.55
CA TYR E 41 -15.23 10.41 -13.69
C TYR E 41 -16.63 11.00 -13.73
N ARG E 42 -17.19 11.32 -12.56
CA ARG E 42 -18.49 11.98 -12.47
C ARG E 42 -18.30 13.40 -11.96
N PHE E 43 -18.92 14.36 -12.63
CA PHE E 43 -18.81 15.75 -12.23
C PHE E 43 -20.15 16.40 -11.89
N ASN E 44 -20.07 17.41 -11.04
CA ASN E 44 -21.17 18.30 -10.70
C ASN E 44 -21.81 18.89 -11.95
N ASP E 45 -23.14 18.96 -11.98
CA ASP E 45 -23.83 19.67 -13.05
C ASP E 45 -23.45 21.15 -13.00
N ARG E 46 -23.32 21.67 -11.79
CA ARG E 46 -22.97 23.07 -11.56
C ARG E 46 -21.50 23.35 -11.85
N ASP E 47 -20.61 22.83 -11.00
CA ASP E 47 -19.18 23.11 -11.11
C ASP E 47 -18.42 21.97 -11.78
N PRO E 48 -17.95 22.21 -13.02
CA PRO E 48 -17.23 21.22 -13.84
C PRO E 48 -15.86 20.84 -13.27
N ASP E 49 -15.32 21.66 -12.38
CA ASP E 49 -14.01 21.38 -11.79
C ASP E 49 -14.11 20.51 -10.55
N GLU E 50 -15.33 20.36 -10.02
CA GLU E 50 -15.52 19.52 -8.84
C GLU E 50 -15.91 18.09 -9.20
N LEU E 51 -15.02 17.16 -8.84
CA LEU E 51 -15.23 15.74 -9.07
C LEU E 51 -16.11 15.16 -7.97
N LEU E 52 -17.15 14.45 -8.36
CA LEU E 52 -18.04 13.83 -7.37
C LEU E 52 -17.54 12.45 -7.00
N SER E 53 -17.01 11.72 -7.98
CA SER E 53 -16.51 10.38 -7.79
C SER E 53 -15.76 9.92 -9.03
N ASN E 54 -14.95 8.89 -8.86
CA ASN E 54 -14.29 8.27 -10.01
C ASN E 54 -14.05 6.81 -9.66
N ILE E 55 -13.94 5.99 -10.69
CA ILE E 55 -13.71 4.57 -10.49
C ILE E 55 -12.78 4.07 -11.57
N SER E 56 -11.88 3.18 -11.21
CA SER E 56 -10.98 2.57 -12.21
C SER E 56 -11.32 1.11 -12.40
N LEU E 57 -11.34 0.66 -13.66
CA LEU E 57 -11.77 -0.70 -13.99
C LEU E 57 -10.81 -1.33 -14.97
N ASP E 58 -10.60 -2.64 -14.86
CA ASP E 58 -9.90 -3.32 -15.95
C ASP E 58 -10.91 -3.75 -16.99
N ASP E 59 -10.44 -4.34 -18.09
CA ASP E 59 -11.32 -4.71 -19.20
C ASP E 59 -12.44 -5.67 -18.78
N SER E 60 -12.09 -6.71 -18.03
CA SER E 60 -13.09 -7.67 -17.58
C SER E 60 -14.16 -7.02 -16.70
N GLU E 61 -13.72 -6.15 -15.79
CA GLU E 61 -14.65 -5.44 -14.92
C GLU E 61 -15.57 -4.52 -15.71
N ALA E 62 -14.99 -3.77 -16.64
CA ALA E 62 -15.78 -2.87 -17.45
C ALA E 62 -16.85 -3.61 -18.24
N ARG E 63 -16.48 -4.77 -18.81
CA ARG E 63 -17.42 -5.57 -19.60
C ARG E 63 -18.53 -6.20 -18.75
N GLN E 64 -18.21 -6.60 -17.52
CA GLN E 64 -19.24 -7.11 -16.62
C GLN E 64 -20.24 -6.03 -16.24
N ILE E 65 -19.75 -4.83 -15.92
CA ILE E 65 -20.63 -3.74 -15.61
C ILE E 65 -21.46 -3.30 -16.81
N ALA E 66 -20.83 -3.30 -17.98
CA ALA E 66 -21.54 -2.93 -19.22
C ALA E 66 -22.68 -3.94 -19.48
N ALA E 67 -22.40 -5.20 -19.22
CA ALA E 67 -23.38 -6.26 -19.41
C ALA E 67 -24.59 -6.05 -18.49
N ILE E 68 -24.32 -5.76 -17.23
CA ILE E 68 -25.41 -5.49 -16.28
C ILE E 68 -26.18 -4.24 -16.68
N LEU E 69 -25.47 -3.12 -16.84
CA LEU E 69 -26.07 -1.85 -17.25
C LEU E 69 -26.87 -1.97 -18.54
N GLY E 70 -26.34 -2.73 -19.49
CA GLY E 70 -26.92 -2.81 -20.82
C GLY E 70 -28.09 -3.77 -20.94
N GLY E 71 -28.47 -4.38 -19.83
CA GLY E 71 -29.62 -5.30 -19.82
C GLY E 71 -29.35 -6.70 -20.33
N MET E 72 -28.08 -7.06 -20.36
CA MET E 72 -27.63 -8.37 -20.84
C MET E 72 -27.65 -9.42 -19.74
N VAL E 73 -27.85 -9.01 -18.49
CA VAL E 73 -27.96 -9.99 -17.42
C VAL E 73 -29.42 -10.15 -17.02
N TYR E 74 -30.00 -9.05 -16.53
CA TYR E 74 -31.44 -9.00 -16.30
C TYR E 74 -31.97 -8.04 -17.35
N LYS E 75 -32.95 -8.50 -18.11
CA LYS E 75 -33.59 -7.66 -19.12
C LYS E 75 -34.84 -7.05 -18.50
N PRO E 76 -35.01 -5.74 -18.65
CA PRO E 76 -36.24 -5.09 -18.16
C PRO E 76 -37.45 -5.80 -18.75
N GLN E 77 -38.34 -6.28 -17.89
CA GLN E 77 -39.41 -7.16 -18.32
C GLN E 77 -40.41 -6.48 -19.23
N ALA E 78 -40.57 -5.16 -19.10
CA ALA E 78 -41.61 -4.50 -19.87
C ALA E 78 -41.24 -4.18 -21.32
N LEU E 79 -39.95 -4.30 -21.65
CA LEU E 79 -39.49 -3.91 -22.98
C LEU E 79 -39.55 -5.08 -23.95
N GLU E 80 -40.28 -4.91 -25.05
CA GLU E 80 -40.43 -5.98 -26.03
C GLU E 80 -39.49 -5.80 -27.23
N SER E 81 -39.14 -4.56 -27.55
CA SER E 81 -38.11 -4.32 -28.53
C SER E 81 -37.37 -3.02 -28.22
N ILE E 82 -36.18 -2.87 -28.79
CA ILE E 82 -35.35 -1.69 -28.59
C ILE E 82 -34.61 -1.36 -29.88
N GLU E 83 -34.17 -0.11 -30.00
CA GLU E 83 -33.31 0.30 -31.09
C GLU E 83 -31.91 0.18 -30.55
N MET E 84 -31.09 -0.66 -31.19
CA MET E 84 -29.77 -0.99 -30.68
C MET E 84 -28.87 0.26 -30.60
N ALA E 85 -28.06 0.37 -29.54
CA ALA E 85 -27.20 1.54 -29.37
C ALA E 85 -26.27 1.71 -30.55
N PHE E 86 -26.23 2.94 -31.06
CA PHE E 86 -25.32 3.37 -32.10
C PHE E 86 -25.54 2.59 -33.39
N SER E 87 -26.79 2.25 -33.67
CA SER E 87 -27.13 1.45 -34.85
C SER E 87 -28.56 1.73 -35.25
N ASP E 88 -28.95 1.32 -36.46
CA ASP E 88 -30.35 1.40 -36.87
C ASP E 88 -31.09 0.09 -36.67
N LEU E 89 -30.35 -0.97 -36.33
CA LEU E 89 -30.94 -2.28 -36.11
C LEU E 89 -31.88 -2.29 -34.92
N ILE E 90 -32.89 -3.14 -35.00
CA ILE E 90 -33.81 -3.35 -33.89
C ILE E 90 -33.58 -4.72 -33.28
N ILE E 91 -33.69 -4.80 -31.96
CA ILE E 91 -33.68 -6.10 -31.26
C ILE E 91 -35.06 -6.35 -30.65
N GLU E 92 -35.60 -7.55 -30.88
CA GLU E 92 -36.94 -7.85 -30.42
C GLU E 92 -37.01 -9.21 -29.75
N TRP E 93 -37.72 -9.29 -28.63
CA TRP E 93 -37.89 -10.56 -27.91
C TRP E 93 -39.23 -11.20 -28.27
N PHE E 94 -39.19 -12.45 -28.74
CA PHE E 94 -40.41 -13.15 -29.10
C PHE E 94 -40.55 -14.49 -28.37
N LYS E 95 -41.63 -14.63 -27.60
CA LYS E 95 -41.97 -15.89 -26.95
C LYS E 95 -42.80 -16.77 -27.89
N VAL E 96 -42.26 -17.93 -28.26
CA VAL E 96 -42.97 -18.86 -29.13
C VAL E 96 -44.08 -19.56 -28.36
N GLU E 97 -45.31 -19.36 -28.81
CA GLU E 97 -46.49 -19.72 -28.02
C GLU E 97 -46.97 -21.14 -28.25
N LYS E 98 -48.12 -21.46 -27.68
CA LYS E 98 -48.72 -22.78 -27.82
C LYS E 98 -49.16 -23.05 -29.26
N GLY E 99 -48.68 -24.15 -29.83
CA GLY E 99 -49.08 -24.56 -31.15
C GLY E 99 -48.63 -23.62 -32.27
N ALA E 100 -47.38 -23.18 -32.21
CA ALA E 100 -46.78 -22.43 -33.31
C ALA E 100 -45.99 -23.38 -34.19
N LYS E 101 -46.00 -23.12 -35.50
CA LYS E 101 -45.36 -24.01 -36.48
C LYS E 101 -43.92 -24.36 -36.13
N SER E 102 -43.20 -23.39 -35.57
CA SER E 102 -41.77 -23.47 -35.37
C SER E 102 -41.34 -24.49 -34.31
N ILE E 103 -42.26 -24.84 -33.42
CA ILE E 103 -41.94 -25.78 -32.35
C ILE E 103 -41.58 -27.14 -32.94
N GLY E 104 -40.34 -27.57 -32.72
CA GLY E 104 -39.83 -28.80 -33.26
C GLY E 104 -39.07 -28.63 -34.57
N ARG E 105 -38.99 -27.39 -35.04
CA ARG E 105 -38.23 -27.07 -36.24
C ARG E 105 -36.91 -26.41 -35.86
N THR E 106 -35.86 -26.69 -36.62
CA THR E 106 -34.55 -26.07 -36.36
C THR E 106 -34.43 -24.72 -37.06
N LEU E 107 -33.46 -23.92 -36.61
CA LEU E 107 -33.19 -22.64 -37.27
C LEU E 107 -32.79 -22.84 -38.73
N GLY E 108 -32.12 -23.95 -39.01
CA GLY E 108 -31.75 -24.29 -40.39
C GLY E 108 -32.97 -24.54 -41.24
N GLU E 109 -33.93 -25.30 -40.70
CA GLU E 109 -35.18 -25.57 -41.41
C GLU E 109 -36.00 -24.32 -41.69
N LEU E 110 -36.01 -23.38 -40.74
CA LEU E 110 -36.78 -22.15 -40.89
C LEU E 110 -36.10 -21.12 -41.79
N ASP E 111 -34.78 -21.23 -41.94
CA ASP E 111 -34.02 -20.38 -42.85
C ASP E 111 -34.18 -18.89 -42.56
N VAL E 112 -34.32 -18.55 -41.29
CA VAL E 112 -34.66 -17.19 -40.88
C VAL E 112 -33.78 -16.07 -41.47
N ARG E 113 -32.47 -16.17 -41.30
N ARG E 113 -32.47 -16.18 -41.29
CA ARG E 113 -31.61 -15.07 -41.73
CA ARG E 113 -31.55 -15.11 -41.70
C ARG E 113 -31.56 -14.91 -43.23
C ARG E 113 -31.50 -14.93 -43.21
N GLN E 114 -31.55 -16.04 -43.94
CA GLN E 114 -31.49 -15.99 -45.39
C GLN E 114 -32.71 -15.35 -46.02
N ASN E 115 -33.90 -15.77 -45.58
CA ASN E 115 -35.14 -15.30 -46.19
C ASN E 115 -35.69 -14.00 -45.62
N TYR E 116 -35.17 -13.58 -44.46
CA TYR E 116 -35.69 -12.40 -43.77
C TYR E 116 -34.66 -11.35 -43.39
N ASP E 117 -33.37 -11.70 -43.45
CA ASP E 117 -32.29 -10.83 -42.99
C ASP E 117 -32.47 -10.51 -41.52
N VAL E 118 -32.94 -11.51 -40.77
CA VAL E 118 -33.09 -11.40 -39.32
C VAL E 118 -32.24 -12.46 -38.63
N THR E 119 -31.35 -12.05 -37.74
CA THR E 119 -30.48 -12.99 -37.04
C THR E 119 -31.05 -13.34 -35.67
N VAL E 120 -31.13 -14.64 -35.36
CA VAL E 120 -31.45 -15.04 -34.00
C VAL E 120 -30.16 -14.98 -33.20
N ILE E 121 -30.03 -13.98 -32.33
CA ILE E 121 -28.78 -13.79 -31.59
C ILE E 121 -28.75 -14.54 -30.26
N ALA E 122 -29.92 -14.90 -29.75
CA ALA E 122 -29.97 -15.69 -28.53
C ALA E 122 -31.29 -16.45 -28.42
N ILE E 123 -31.28 -17.49 -27.61
CA ILE E 123 -32.49 -18.24 -27.27
C ILE E 123 -32.58 -18.43 -25.77
N ILE E 124 -33.68 -17.94 -25.20
CA ILE E 124 -33.90 -18.04 -23.77
C ILE E 124 -34.96 -19.10 -23.53
N LYS E 125 -34.64 -20.09 -22.71
CA LYS E 125 -35.57 -21.17 -22.43
C LYS E 125 -36.18 -21.00 -21.04
N HIS E 126 -36.94 -21.99 -20.60
CA HIS E 126 -37.67 -21.91 -19.34
C HIS E 126 -36.77 -21.53 -18.18
N ASN E 127 -37.31 -20.74 -17.25
CA ASN E 127 -36.52 -20.07 -16.23
C ASN E 127 -35.48 -19.16 -16.89
N GLN E 128 -34.21 -19.29 -16.51
CA GLN E 128 -33.18 -18.40 -17.04
C GLN E 128 -31.96 -19.11 -17.61
N GLU E 129 -32.09 -19.63 -18.83
CA GLU E 129 -30.96 -20.22 -19.54
C GLU E 129 -30.80 -19.56 -20.90
N LYS E 130 -29.66 -18.91 -21.13
CA LYS E 130 -29.46 -18.14 -22.35
C LYS E 130 -28.41 -18.75 -23.30
N LEU E 131 -28.86 -19.23 -24.44
CA LEU E 131 -27.95 -19.71 -25.48
C LEU E 131 -27.57 -18.59 -26.43
N LEU E 132 -26.29 -18.21 -26.41
CA LEU E 132 -25.78 -17.15 -27.28
C LEU E 132 -25.40 -17.69 -28.66
N ASN E 133 -25.71 -16.92 -29.69
CA ASN E 133 -25.50 -17.29 -31.09
C ASN E 133 -25.88 -18.74 -31.41
N PRO E 134 -27.19 -19.03 -31.41
CA PRO E 134 -27.60 -20.36 -31.85
C PRO E 134 -27.32 -20.52 -33.33
N GLY E 135 -27.18 -21.77 -33.76
CA GLY E 135 -26.93 -22.09 -35.14
C GLY E 135 -28.05 -22.92 -35.73
N ALA E 136 -27.79 -23.49 -36.90
CA ALA E 136 -28.83 -24.14 -37.67
C ALA E 136 -29.46 -25.32 -36.93
N ASP E 137 -28.68 -25.98 -36.08
CA ASP E 137 -29.12 -27.22 -35.45
C ASP E 137 -29.90 -27.01 -34.14
N SER E 138 -30.07 -25.76 -33.72
CA SER E 138 -30.86 -25.48 -32.53
C SER E 138 -32.34 -25.68 -32.80
N ILE E 139 -33.00 -26.46 -31.96
CA ILE E 139 -34.44 -26.73 -32.07
C ILE E 139 -35.20 -25.73 -31.20
N ILE E 140 -36.34 -25.25 -31.69
CA ILE E 140 -37.02 -24.11 -31.10
C ILE E 140 -37.76 -24.36 -29.77
N GLU E 141 -38.67 -25.33 -29.73
CA GLU E 141 -39.38 -25.73 -28.50
C GLU E 141 -40.35 -24.69 -27.94
N GLU E 142 -41.26 -25.14 -27.08
CA GLU E 142 -42.24 -24.28 -26.44
C GLU E 142 -41.64 -23.44 -25.31
N ASN E 143 -42.34 -22.38 -24.92
CA ASN E 143 -41.90 -21.46 -23.87
C ASN E 143 -40.53 -20.80 -24.12
N ASP E 144 -40.02 -20.95 -25.33
CA ASP E 144 -38.74 -20.35 -25.68
C ASP E 144 -38.91 -18.90 -26.12
N THR E 145 -37.97 -18.07 -25.70
CA THR E 145 -37.94 -16.68 -26.13
C THR E 145 -36.85 -16.49 -27.17
N LEU E 146 -37.24 -16.11 -28.39
CA LEU E 146 -36.26 -15.80 -29.42
C LEU E 146 -35.85 -14.32 -29.36
N VAL E 147 -34.54 -14.07 -29.35
CA VAL E 147 -34.04 -12.70 -29.37
C VAL E 147 -33.65 -12.36 -30.80
N LEU E 148 -34.36 -11.40 -31.39
CA LEU E 148 -34.29 -11.20 -32.84
C LEU E 148 -33.66 -9.87 -33.19
N SER E 149 -32.75 -9.87 -34.16
CA SER E 149 -32.09 -8.63 -34.58
C SER E 149 -32.18 -8.41 -36.09
N GLY E 150 -32.64 -7.23 -36.49
CA GLY E 150 -32.68 -6.86 -37.90
C GLY E 150 -33.27 -5.50 -38.13
N GLU E 151 -33.45 -5.12 -39.39
CA GLU E 151 -34.09 -3.85 -39.69
C GLU E 151 -35.57 -3.94 -39.39
N ARG E 152 -36.20 -2.81 -39.13
CA ARG E 152 -37.58 -2.80 -38.68
C ARG E 152 -38.51 -3.47 -39.69
N LYS E 153 -38.27 -3.19 -40.97
CA LYS E 153 -39.11 -3.71 -42.04
C LYS E 153 -39.10 -5.25 -42.08
N HIS E 154 -37.93 -5.84 -41.87
CA HIS E 154 -37.79 -7.29 -41.97
C HIS E 154 -38.36 -8.02 -40.76
N LEU E 155 -38.18 -7.44 -39.58
CA LEU E 155 -38.71 -8.02 -38.34
C LEU E 155 -40.22 -8.15 -38.40
N LYS E 156 -40.89 -7.11 -38.89
CA LYS E 156 -42.34 -7.11 -38.95
C LYS E 156 -42.79 -8.22 -39.86
N LYS E 157 -42.13 -8.32 -41.02
CA LYS E 157 -42.45 -9.36 -41.99
C LYS E 157 -42.26 -10.76 -41.39
N LEU E 158 -41.20 -10.93 -40.61
CA LEU E 158 -40.94 -12.22 -39.96
C LEU E 158 -41.98 -12.49 -38.87
N ILE E 159 -42.31 -11.45 -38.12
CA ILE E 159 -43.33 -11.57 -37.08
C ILE E 159 -44.68 -11.90 -37.71
N HIS E 160 -44.99 -11.27 -38.83
CA HIS E 160 -46.22 -11.52 -39.56
C HIS E 160 -46.33 -12.97 -40.05
N ASP E 161 -45.21 -13.54 -40.49
CA ASP E 161 -45.18 -14.92 -40.98
C ASP E 161 -45.14 -15.94 -39.85
N PHE E 162 -44.49 -15.57 -38.75
CA PHE E 162 -44.44 -16.42 -37.56
C PHE E 162 -45.84 -16.69 -37.01
N GLY F 3 -12.21 -11.17 -9.32
CA GLY F 3 -12.13 -9.85 -9.90
C GLY F 3 -13.27 -8.94 -9.46
N LEU F 4 -14.50 -9.40 -9.66
CA LEU F 4 -15.68 -8.61 -9.28
C LEU F 4 -16.57 -9.36 -8.29
N ASN F 5 -16.82 -8.73 -7.15
CA ASN F 5 -17.84 -9.24 -6.24
C ASN F 5 -19.17 -8.72 -6.69
N ILE F 6 -20.01 -9.57 -7.26
CA ILE F 6 -21.33 -9.10 -7.70
C ILE F 6 -22.45 -9.81 -6.93
N LYS F 7 -23.31 -9.02 -6.29
CA LYS F 7 -24.48 -9.56 -5.61
C LYS F 7 -25.72 -9.06 -6.33
N GLU F 8 -26.63 -9.97 -6.67
CA GLU F 8 -27.90 -9.57 -7.26
C GLU F 8 -29.00 -9.86 -6.26
N ASN F 9 -29.98 -8.98 -6.16
CA ASN F 9 -31.12 -9.23 -5.29
C ASN F 9 -32.41 -8.82 -5.99
N ASP F 10 -33.48 -9.58 -5.77
CA ASP F 10 -34.77 -9.27 -6.37
C ASP F 10 -35.39 -8.04 -5.70
N LEU F 11 -35.94 -7.13 -6.51
CA LEU F 11 -36.82 -6.08 -5.98
C LEU F 11 -38.24 -6.35 -6.47
N PRO F 12 -39.06 -7.05 -5.66
CA PRO F 12 -40.32 -7.58 -6.19
C PRO F 12 -41.28 -6.52 -6.74
N GLY F 13 -41.80 -6.78 -7.93
CA GLY F 13 -42.66 -5.84 -8.64
C GLY F 13 -41.95 -4.62 -9.23
N ILE F 14 -40.64 -4.53 -9.03
CA ILE F 14 -39.90 -3.33 -9.40
C ILE F 14 -38.78 -3.59 -10.41
N GLY F 15 -37.95 -4.59 -10.14
CA GLY F 15 -36.80 -4.87 -10.99
C GLY F 15 -35.76 -5.66 -10.23
N LYS F 16 -34.49 -5.36 -10.49
CA LYS F 16 -33.39 -6.04 -9.81
C LYS F 16 -32.34 -5.03 -9.34
N LYS F 17 -31.61 -5.41 -8.29
CA LYS F 17 -30.55 -4.61 -7.72
C LYS F 17 -29.26 -5.39 -7.81
N PHE F 18 -28.22 -4.77 -8.38
CA PHE F 18 -26.89 -5.34 -8.45
C PHE F 18 -25.90 -4.52 -7.60
N GLU F 19 -25.18 -5.19 -6.72
CA GLU F 19 -24.13 -4.58 -5.92
C GLU F 19 -22.77 -5.09 -6.38
N ILE F 20 -21.95 -4.17 -6.87
CA ILE F 20 -20.65 -4.52 -7.43
C ILE F 20 -19.53 -3.96 -6.55
N GLU F 21 -18.56 -4.78 -6.21
CA GLU F 21 -17.33 -4.31 -5.58
C GLU F 21 -16.12 -4.75 -6.40
N THR F 22 -15.20 -3.83 -6.63
CA THR F 22 -14.13 -4.04 -7.60
C THR F 22 -12.83 -4.52 -7.01
N ARG F 23 -11.86 -4.78 -7.88
CA ARG F 23 -10.49 -5.07 -7.47
C ARG F 23 -9.89 -3.83 -6.83
N SER F 24 -10.15 -2.67 -7.43
CA SER F 24 -9.71 -1.38 -6.90
C SER F 24 -10.33 -1.01 -5.54
N HIS F 25 -11.14 -1.92 -5.00
CA HIS F 25 -11.88 -1.70 -3.75
C HIS F 25 -12.79 -0.49 -3.85
N GLU F 26 -13.75 -0.54 -4.75
CA GLU F 26 -14.72 0.54 -4.91
C GLU F 26 -16.11 -0.07 -5.13
N LYS F 27 -17.16 0.64 -4.73
CA LYS F 27 -18.51 0.08 -4.70
C LYS F 27 -19.52 0.82 -5.57
N MET F 28 -20.29 0.06 -6.34
CA MET F 28 -21.30 0.65 -7.22
C MET F 28 -22.58 -0.19 -7.09
N THR F 29 -23.74 0.46 -7.05
CA THR F 29 -25.00 -0.26 -7.09
C THR F 29 -25.73 0.13 -8.36
N ILE F 30 -26.28 -0.87 -9.07
CA ILE F 30 -27.07 -0.58 -10.25
C ILE F 30 -28.47 -1.13 -10.04
N ILE F 31 -29.47 -0.27 -10.18
CA ILE F 31 -30.86 -0.70 -10.08
C ILE F 31 -31.43 -0.72 -11.49
N ILE F 32 -31.94 -1.88 -11.91
CA ILE F 32 -32.60 -1.99 -13.21
C ILE F 32 -34.09 -2.16 -12.97
N HIS F 33 -34.86 -1.17 -13.41
CA HIS F 33 -36.32 -1.20 -13.31
C HIS F 33 -36.92 -1.93 -14.51
N ASP F 34 -38.11 -2.49 -14.32
CA ASP F 34 -38.74 -3.22 -15.40
C ASP F 34 -39.19 -2.35 -16.57
N ASP F 35 -39.38 -1.06 -16.31
CA ASP F 35 -39.80 -0.14 -17.37
C ASP F 35 -38.58 0.35 -18.18
N GLY F 36 -37.38 -0.05 -17.79
CA GLY F 36 -36.18 0.31 -18.52
C GLY F 36 -35.26 1.32 -17.82
N ARG F 37 -35.78 2.04 -16.83
CA ARG F 37 -34.94 2.95 -16.05
C ARG F 37 -33.80 2.22 -15.34
N ARG F 38 -32.62 2.85 -15.33
CA ARG F 38 -31.52 2.45 -14.45
C ARG F 38 -31.22 3.56 -13.43
N GLU F 39 -30.84 3.18 -12.21
CA GLU F 39 -30.19 4.13 -11.30
C GLU F 39 -28.83 3.55 -10.92
N ILE F 40 -27.79 4.39 -10.89
CA ILE F 40 -26.48 3.91 -10.51
C ILE F 40 -26.11 4.70 -9.26
N TYR F 41 -25.57 4.04 -8.23
CA TYR F 41 -25.16 4.73 -7.01
C TYR F 41 -23.71 4.37 -6.78
N ARG F 42 -22.92 5.33 -6.33
CA ARG F 42 -21.50 5.07 -6.00
C ARG F 42 -21.29 5.36 -4.51
N PHE F 43 -20.72 4.40 -3.77
CA PHE F 43 -20.58 4.52 -2.32
C PHE F 43 -19.12 4.48 -1.84
N ASN F 44 -18.90 5.10 -0.69
CA ASN F 44 -17.62 4.98 0.00
C ASN F 44 -17.33 3.50 0.27
N ASP F 45 -16.14 3.03 -0.12
CA ASP F 45 -15.79 1.62 0.06
C ASP F 45 -15.70 1.25 1.53
N ARG F 46 -15.27 2.19 2.36
CA ARG F 46 -15.08 1.95 3.78
C ARG F 46 -16.34 2.26 4.59
N ASP F 47 -17.32 2.87 3.93
CA ASP F 47 -18.54 3.35 4.60
C ASP F 47 -19.71 3.30 3.62
N PRO F 48 -20.41 2.17 3.56
CA PRO F 48 -21.49 1.95 2.58
C PRO F 48 -22.68 2.88 2.78
N ASP F 49 -22.75 3.55 3.93
CA ASP F 49 -23.84 4.47 4.22
C ASP F 49 -23.57 5.85 3.63
N GLU F 50 -22.43 6.00 2.95
CA GLU F 50 -22.05 7.32 2.45
C GLU F 50 -22.09 7.38 0.94
N LEU F 51 -23.07 8.11 0.40
CA LEU F 51 -23.26 8.18 -1.04
C LEU F 51 -22.28 9.19 -1.62
N LEU F 52 -21.57 8.80 -2.67
CA LEU F 52 -20.61 9.69 -3.33
C LEU F 52 -21.28 10.37 -4.51
N SER F 53 -22.01 9.59 -5.30
CA SER F 53 -22.72 10.14 -6.44
C SER F 53 -23.79 9.16 -6.90
N ASN F 54 -24.72 9.64 -7.73
CA ASN F 54 -25.74 8.78 -8.31
C ASN F 54 -26.23 9.40 -9.61
N ILE F 55 -26.75 8.56 -10.49
CA ILE F 55 -27.25 9.07 -11.76
C ILE F 55 -28.45 8.24 -12.21
N SER F 56 -29.41 8.91 -12.84
N SER F 56 -29.40 8.89 -12.89
CA SER F 56 -30.58 8.21 -13.37
CA SER F 56 -30.61 8.22 -13.35
C SER F 56 -30.40 8.18 -14.87
C SER F 56 -30.64 8.26 -14.87
N LEU F 57 -30.83 7.10 -15.49
CA LEU F 57 -30.70 6.93 -16.94
C LEU F 57 -31.93 6.21 -17.49
N ASP F 58 -32.36 6.57 -18.70
CA ASP F 58 -33.41 5.77 -19.31
C ASP F 58 -32.78 4.57 -20.01
N ASP F 59 -33.61 3.69 -20.58
CA ASP F 59 -33.07 2.52 -21.24
C ASP F 59 -32.05 2.83 -22.33
N SER F 60 -32.38 3.78 -23.21
CA SER F 60 -31.52 4.08 -24.34
C SER F 60 -30.20 4.67 -23.85
N GLU F 61 -30.27 5.55 -22.86
CA GLU F 61 -29.05 6.11 -22.26
C GLU F 61 -28.15 5.08 -21.61
N ALA F 62 -28.77 4.18 -20.84
CA ALA F 62 -28.00 3.12 -20.19
C ALA F 62 -27.29 2.25 -21.24
N ARG F 63 -27.99 1.91 -22.32
CA ARG F 63 -27.37 1.05 -23.33
C ARG F 63 -26.26 1.77 -24.11
N GLN F 64 -26.39 3.07 -24.29
CA GLN F 64 -25.34 3.82 -24.97
C GLN F 64 -24.10 3.85 -24.07
N ILE F 65 -24.30 4.17 -22.78
CA ILE F 65 -23.17 4.15 -21.86
C ILE F 65 -22.53 2.75 -21.78
N ALA F 66 -23.38 1.71 -21.71
CA ALA F 66 -22.90 0.33 -21.72
C ALA F 66 -22.06 -0.01 -22.94
N ALA F 67 -22.52 0.41 -24.13
CA ALA F 67 -21.77 0.14 -25.36
C ALA F 67 -20.40 0.81 -25.32
N ILE F 68 -20.35 2.04 -24.81
CA ILE F 68 -19.06 2.75 -24.72
C ILE F 68 -18.16 2.04 -23.72
N LEU F 69 -18.70 1.75 -22.54
CA LEU F 69 -17.93 1.15 -21.47
C LEU F 69 -17.46 -0.23 -21.87
N GLY F 70 -18.30 -0.94 -22.62
CA GLY F 70 -18.06 -2.32 -22.98
C GLY F 70 -17.16 -2.52 -24.19
N GLY F 71 -16.63 -1.43 -24.76
CA GLY F 71 -15.71 -1.56 -25.89
C GLY F 71 -16.40 -1.75 -27.24
N MET F 72 -17.68 -1.44 -27.30
CA MET F 72 -18.43 -1.63 -28.55
C MET F 72 -18.41 -0.39 -29.46
N VAL F 73 -17.90 0.72 -28.97
CA VAL F 73 -17.74 1.90 -29.81
C VAL F 73 -16.29 2.07 -30.21
N TYR F 74 -15.43 2.28 -29.22
CA TYR F 74 -14.00 2.19 -29.44
C TYR F 74 -13.52 0.89 -28.80
N LYS F 75 -12.92 0.01 -29.58
CA LYS F 75 -12.32 -1.19 -29.01
C LYS F 75 -10.87 -0.90 -28.59
N PRO F 76 -10.50 -1.25 -27.35
CA PRO F 76 -9.09 -1.12 -26.97
C PRO F 76 -8.20 -1.87 -27.94
N GLN F 77 -7.18 -1.20 -28.45
CA GLN F 77 -6.45 -1.74 -29.57
C GLN F 77 -5.60 -2.95 -29.23
N ALA F 78 -5.17 -3.08 -27.98
CA ALA F 78 -4.22 -4.17 -27.68
C ALA F 78 -4.90 -5.53 -27.55
N LEU F 79 -6.21 -5.54 -27.32
CA LEU F 79 -6.91 -6.80 -27.12
C LEU F 79 -7.12 -7.56 -28.43
N GLU F 80 -6.72 -8.83 -28.44
CA GLU F 80 -6.90 -9.67 -29.61
C GLU F 80 -8.02 -10.70 -29.36
N SER F 81 -8.27 -10.96 -28.08
CA SER F 81 -9.35 -11.87 -27.67
C SER F 81 -9.80 -11.56 -26.24
N ILE F 82 -11.03 -11.91 -25.91
CA ILE F 82 -11.55 -11.75 -24.56
C ILE F 82 -12.43 -12.92 -24.19
N GLU F 83 -12.55 -13.16 -22.89
CA GLU F 83 -13.55 -14.11 -22.40
C GLU F 83 -14.81 -13.30 -22.12
N MET F 84 -15.89 -13.58 -22.85
CA MET F 84 -17.17 -12.89 -22.68
C MET F 84 -17.59 -12.86 -21.22
N ALA F 85 -18.18 -11.73 -20.81
CA ALA F 85 -18.70 -11.60 -19.44
C ALA F 85 -19.86 -12.56 -19.26
N PHE F 86 -19.94 -13.18 -18.08
CA PHE F 86 -21.05 -14.05 -17.73
C PHE F 86 -21.29 -15.14 -18.76
N SER F 87 -20.19 -15.64 -19.33
CA SER F 87 -20.26 -16.65 -20.37
C SER F 87 -18.90 -17.32 -20.46
N ASP F 88 -18.88 -18.53 -21.02
CA ASP F 88 -17.63 -19.24 -21.24
C ASP F 88 -17.14 -19.04 -22.67
N LEU F 89 -17.91 -18.30 -23.46
CA LEU F 89 -17.54 -18.04 -24.86
C LEU F 89 -16.39 -17.04 -24.96
N ILE F 90 -15.64 -17.17 -26.05
CA ILE F 90 -14.51 -16.29 -26.33
C ILE F 90 -14.80 -15.46 -27.56
N ILE F 91 -14.43 -14.18 -27.51
CA ILE F 91 -14.49 -13.34 -28.70
C ILE F 91 -13.09 -13.06 -29.17
N GLU F 92 -12.83 -13.29 -30.45
CA GLU F 92 -11.49 -13.10 -30.98
C GLU F 92 -11.53 -12.20 -32.22
N TRP F 93 -10.58 -11.29 -32.33
CA TRP F 93 -10.44 -10.43 -33.50
C TRP F 93 -9.37 -10.98 -34.43
N PHE F 94 -9.77 -11.44 -35.61
CA PHE F 94 -8.82 -12.04 -36.54
C PHE F 94 -8.75 -11.26 -37.85
N LYS F 95 -7.59 -10.70 -38.15
CA LYS F 95 -7.39 -9.91 -39.36
C LYS F 95 -6.95 -10.76 -40.55
N VAL F 96 -7.73 -10.69 -41.63
CA VAL F 96 -7.43 -11.41 -42.86
C VAL F 96 -6.30 -10.71 -43.60
N GLU F 97 -5.20 -11.42 -43.82
CA GLU F 97 -4.01 -10.79 -44.40
C GLU F 97 -3.81 -11.07 -45.88
N LYS F 98 -2.76 -10.47 -46.43
CA LYS F 98 -2.38 -10.63 -47.83
C LYS F 98 -2.32 -12.10 -48.24
N GLY F 99 -2.96 -12.43 -49.35
CA GLY F 99 -2.91 -13.76 -49.93
C GLY F 99 -3.75 -14.84 -49.26
N ALA F 100 -4.62 -14.45 -48.34
CA ALA F 100 -5.43 -15.41 -47.61
C ALA F 100 -6.46 -16.09 -48.53
N LYS F 101 -6.63 -17.40 -48.36
CA LYS F 101 -7.49 -18.20 -49.23
C LYS F 101 -8.95 -17.73 -49.23
N SER F 102 -9.39 -17.19 -48.10
CA SER F 102 -10.79 -16.84 -47.94
C SER F 102 -11.15 -15.54 -48.67
N ILE F 103 -10.15 -14.79 -49.08
CA ILE F 103 -10.36 -13.52 -49.77
C ILE F 103 -11.19 -13.67 -51.04
N GLY F 104 -12.31 -12.94 -51.09
CA GLY F 104 -13.19 -13.00 -52.25
C GLY F 104 -14.32 -14.01 -52.09
N ARG F 105 -14.29 -14.77 -51.00
CA ARG F 105 -15.31 -15.77 -50.73
C ARG F 105 -16.31 -15.22 -49.73
N THR F 106 -17.54 -15.72 -49.79
CA THR F 106 -18.59 -15.24 -48.89
C THR F 106 -18.67 -16.12 -47.66
N LEU F 107 -19.32 -15.63 -46.60
CA LEU F 107 -19.51 -16.43 -45.39
C LEU F 107 -20.29 -17.71 -45.69
N GLY F 108 -21.18 -17.64 -46.67
CA GLY F 108 -21.99 -18.78 -47.04
C GLY F 108 -21.18 -19.81 -47.80
N GLU F 109 -20.26 -19.33 -48.65
CA GLU F 109 -19.38 -20.25 -49.39
C GLU F 109 -18.39 -20.92 -48.45
N LEU F 110 -17.85 -20.15 -47.51
CA LEU F 110 -16.95 -20.69 -46.50
C LEU F 110 -17.70 -21.55 -45.48
N ASP F 111 -19.00 -21.28 -45.32
CA ASP F 111 -19.84 -22.00 -44.36
C ASP F 111 -19.21 -22.08 -42.96
N VAL F 112 -18.85 -20.91 -42.41
CA VAL F 112 -18.10 -20.83 -41.16
C VAL F 112 -18.79 -21.45 -39.95
N ARG F 113 -20.04 -21.08 -39.69
CA ARG F 113 -20.73 -21.61 -38.51
C ARG F 113 -21.08 -23.10 -38.64
N GLN F 114 -21.59 -23.50 -39.81
CA GLN F 114 -21.91 -24.91 -40.05
C GLN F 114 -20.70 -25.81 -39.81
N ASN F 115 -19.55 -25.39 -40.31
CA ASN F 115 -18.35 -26.21 -40.26
C ASN F 115 -17.50 -26.10 -38.99
N TYR F 116 -17.60 -24.99 -38.26
CA TYR F 116 -16.71 -24.76 -37.13
C TYR F 116 -17.39 -24.40 -35.81
N ASP F 117 -18.70 -24.27 -35.82
CA ASP F 117 -19.45 -23.78 -34.66
C ASP F 117 -18.91 -22.43 -34.17
N VAL F 118 -18.48 -21.60 -35.11
CA VAL F 118 -18.04 -20.25 -34.80
C VAL F 118 -18.93 -19.25 -35.54
N THR F 119 -19.41 -18.25 -34.83
CA THR F 119 -20.22 -17.20 -35.43
C THR F 119 -19.40 -15.93 -35.66
N VAL F 120 -19.40 -15.46 -36.91
CA VAL F 120 -18.82 -14.16 -37.21
C VAL F 120 -19.83 -13.10 -36.82
N ILE F 121 -19.60 -12.42 -35.71
CA ILE F 121 -20.59 -11.48 -35.18
C ILE F 121 -20.41 -10.08 -35.74
N ALA F 122 -19.26 -9.82 -36.33
CA ALA F 122 -19.02 -8.54 -36.97
C ALA F 122 -17.85 -8.64 -37.92
N ILE F 123 -17.82 -7.76 -38.91
CA ILE F 123 -16.67 -7.61 -39.78
C ILE F 123 -16.26 -6.15 -39.78
N ILE F 124 -14.98 -5.90 -39.52
CA ILE F 124 -14.41 -4.55 -39.43
C ILE F 124 -13.45 -4.29 -40.58
N LYS F 125 -13.80 -3.35 -41.46
CA LYS F 125 -12.93 -2.98 -42.55
C LYS F 125 -11.72 -2.23 -42.02
N HIS F 126 -10.69 -2.11 -42.84
CA HIS F 126 -9.48 -1.42 -42.43
C HIS F 126 -9.77 0.03 -42.04
N ASN F 127 -10.77 0.63 -42.69
CA ASN F 127 -11.15 2.02 -42.38
C ASN F 127 -12.03 2.13 -41.12
N GLN F 128 -12.18 1.00 -40.43
CA GLN F 128 -12.86 0.89 -39.14
C GLN F 128 -14.38 0.89 -39.20
N GLU F 129 -14.95 0.96 -40.41
CA GLU F 129 -16.38 0.73 -40.56
C GLU F 129 -16.72 -0.69 -40.14
N LYS F 130 -17.81 -0.83 -39.39
N LYS F 130 -17.80 -0.83 -39.37
CA LYS F 130 -18.17 -2.11 -38.78
CA LYS F 130 -18.15 -2.12 -38.80
C LYS F 130 -19.56 -2.59 -39.22
C LYS F 130 -19.54 -2.59 -39.23
N LEU F 131 -19.60 -3.80 -39.80
CA LEU F 131 -20.87 -4.43 -40.15
C LEU F 131 -21.26 -5.44 -39.06
N LEU F 132 -22.45 -5.27 -38.47
CA LEU F 132 -22.95 -6.21 -37.46
C LEU F 132 -23.78 -7.36 -38.06
N ASN F 133 -23.72 -8.52 -37.41
CA ASN F 133 -24.39 -9.73 -37.86
C ASN F 133 -24.33 -9.93 -39.36
N PRO F 134 -23.10 -10.09 -39.87
CA PRO F 134 -23.00 -10.41 -41.30
C PRO F 134 -23.75 -11.70 -41.62
N GLY F 135 -24.13 -11.85 -42.89
CA GLY F 135 -24.86 -13.01 -43.35
C GLY F 135 -24.08 -13.77 -44.40
N ALA F 136 -24.74 -14.72 -45.05
CA ALA F 136 -24.05 -15.61 -45.97
C ALA F 136 -23.45 -14.87 -47.18
N ASP F 137 -23.99 -13.71 -47.53
CA ASP F 137 -23.54 -13.01 -48.71
C ASP F 137 -22.39 -12.02 -48.49
N SER F 138 -21.96 -11.84 -47.24
CA SER F 138 -20.83 -10.95 -46.98
C SER F 138 -19.52 -11.53 -47.53
N ILE F 139 -18.86 -10.76 -48.37
CA ILE F 139 -17.59 -11.19 -48.98
C ILE F 139 -16.40 -10.82 -48.10
N ILE F 140 -15.52 -11.77 -47.85
CA ILE F 140 -14.29 -11.50 -47.14
C ILE F 140 -13.27 -10.78 -48.03
N GLU F 141 -12.79 -9.63 -47.57
CA GLU F 141 -11.82 -8.84 -48.31
C GLU F 141 -10.51 -8.72 -47.54
N GLU F 142 -9.41 -8.46 -48.25
CA GLU F 142 -8.11 -8.28 -47.62
C GLU F 142 -8.18 -7.16 -46.57
N ASN F 143 -7.46 -7.37 -45.46
CA ASN F 143 -7.40 -6.41 -44.36
C ASN F 143 -8.69 -6.26 -43.56
N ASP F 144 -9.68 -7.10 -43.84
CA ASP F 144 -10.86 -7.19 -42.99
C ASP F 144 -10.47 -7.77 -41.64
N THR F 145 -11.10 -7.30 -40.58
CA THR F 145 -10.91 -7.96 -39.29
C THR F 145 -12.21 -8.65 -38.90
N LEU F 146 -12.17 -9.98 -38.82
CA LEU F 146 -13.34 -10.74 -38.44
C LEU F 146 -13.46 -10.81 -36.92
N VAL F 147 -14.64 -10.49 -36.40
CA VAL F 147 -14.90 -10.66 -34.96
C VAL F 147 -15.62 -11.99 -34.75
N LEU F 148 -14.89 -12.95 -34.15
CA LEU F 148 -15.36 -14.34 -34.09
C LEU F 148 -15.79 -14.71 -32.67
N SER F 149 -16.89 -15.43 -32.57
CA SER F 149 -17.37 -15.87 -31.26
C SER F 149 -17.61 -17.38 -31.23
N GLY F 150 -17.05 -18.04 -30.23
CA GLY F 150 -17.23 -19.47 -30.04
C GLY F 150 -16.39 -19.99 -28.88
N GLU F 151 -16.55 -21.27 -28.56
CA GLU F 151 -15.73 -21.94 -27.55
C GLU F 151 -14.27 -21.93 -28.00
N ARG F 152 -13.35 -21.95 -27.05
CA ARG F 152 -11.93 -21.81 -27.37
C ARG F 152 -11.45 -22.88 -28.35
N LYS F 153 -11.89 -24.12 -28.15
CA LYS F 153 -11.47 -25.23 -28.99
C LYS F 153 -11.85 -25.00 -30.45
N HIS F 154 -13.08 -24.57 -30.69
CA HIS F 154 -13.54 -24.35 -32.05
C HIS F 154 -12.84 -23.15 -32.72
N LEU F 155 -12.66 -22.04 -31.99
CA LEU F 155 -11.93 -20.90 -32.53
C LEU F 155 -10.52 -21.30 -32.96
N LYS F 156 -9.88 -22.16 -32.17
CA LYS F 156 -8.52 -22.60 -32.45
C LYS F 156 -8.45 -23.28 -33.81
N LYS F 157 -9.35 -24.24 -34.04
CA LYS F 157 -9.38 -25.01 -35.27
C LYS F 157 -9.68 -24.13 -36.49
N LEU F 158 -10.54 -23.14 -36.33
CA LEU F 158 -10.88 -22.24 -37.43
C LEU F 158 -9.73 -21.31 -37.79
N ILE F 159 -9.07 -20.76 -36.78
CA ILE F 159 -7.91 -19.90 -37.02
C ILE F 159 -6.76 -20.74 -37.58
N HIS F 160 -6.70 -22.00 -37.17
CA HIS F 160 -5.74 -22.93 -37.74
C HIS F 160 -5.95 -23.10 -39.24
N ASP F 161 -7.19 -23.31 -39.66
CA ASP F 161 -7.51 -23.57 -41.06
C ASP F 161 -7.53 -22.32 -41.93
N PHE F 162 -7.71 -21.16 -41.30
CA PHE F 162 -7.58 -19.89 -41.99
C PHE F 162 -6.15 -19.75 -42.49
N LEU F 163 -5.20 -19.90 -41.57
CA LEU F 163 -3.79 -19.72 -41.87
C LEU F 163 -3.24 -20.77 -42.84
N SER F 164 -3.89 -21.93 -42.88
CA SER F 164 -3.56 -22.98 -43.86
C SER F 164 -4.60 -24.09 -43.85
N GLY F 165 -5.49 -24.10 -44.83
CA GLY F 165 -6.51 -25.12 -44.93
C GLY F 165 -7.67 -24.71 -45.82
N SER G 2 5.04 1.28 -2.49
CA SER G 2 5.58 1.40 -3.83
C SER G 2 6.98 1.98 -3.81
N GLY G 3 7.98 1.11 -3.76
CA GLY G 3 9.36 1.54 -3.68
C GLY G 3 10.21 1.05 -4.83
N LEU G 4 11.25 1.81 -5.14
CA LEU G 4 12.09 1.51 -6.26
C LEU G 4 13.30 0.66 -5.86
N ASN G 5 13.80 -0.10 -6.82
N ASN G 5 13.83 -0.08 -6.83
CA ASN G 5 15.13 -0.69 -6.70
CA ASN G 5 15.12 -0.73 -6.68
C ASN G 5 15.99 0.13 -7.61
C ASN G 5 16.08 -0.04 -7.64
N ILE G 6 17.11 0.61 -7.10
CA ILE G 6 18.00 1.40 -7.92
C ILE G 6 19.41 0.87 -7.77
N LYS G 7 20.07 0.63 -8.90
CA LYS G 7 21.44 0.13 -8.87
C LYS G 7 22.26 1.21 -9.55
N GLU G 8 23.29 1.68 -8.87
CA GLU G 8 24.16 2.68 -9.43
C GLU G 8 25.51 2.06 -9.77
N ASN G 9 26.06 2.42 -10.93
CA ASN G 9 27.42 2.02 -11.25
C ASN G 9 28.18 3.15 -11.88
N ASP G 10 29.50 3.09 -11.73
CA ASP G 10 30.38 4.13 -12.26
C ASP G 10 30.70 3.90 -13.72
N LEU G 11 30.66 4.98 -14.50
CA LEU G 11 31.11 4.95 -15.89
C LEU G 11 32.31 5.88 -16.04
N PRO G 12 33.52 5.32 -15.92
CA PRO G 12 34.77 6.09 -16.02
C PRO G 12 34.80 6.91 -17.31
N GLY G 13 35.12 8.20 -17.19
CA GLY G 13 35.23 9.05 -18.35
C GLY G 13 33.89 9.54 -18.87
N ILE G 14 32.81 9.00 -18.32
CA ILE G 14 31.48 9.38 -18.76
C ILE G 14 30.69 10.02 -17.62
N GLY G 15 30.53 9.28 -16.53
CA GLY G 15 29.70 9.75 -15.43
C GLY G 15 29.16 8.58 -14.62
N LYS G 16 27.85 8.47 -14.56
CA LYS G 16 27.19 7.42 -13.76
C LYS G 16 26.01 6.78 -14.47
N LYS G 17 25.73 5.55 -14.05
CA LYS G 17 24.64 4.78 -14.61
C LYS G 17 23.73 4.41 -13.46
N PHE G 18 22.43 4.64 -13.65
CA PHE G 18 21.43 4.26 -12.66
C PHE G 18 20.42 3.34 -13.31
N GLU G 19 20.29 2.11 -12.83
CA GLU G 19 19.23 1.23 -13.33
C GLU G 19 18.11 1.19 -12.31
N ILE G 20 16.91 1.59 -12.72
CA ILE G 20 15.79 1.74 -11.81
C ILE G 20 14.71 0.73 -12.19
N GLU G 21 14.20 0.00 -11.21
CA GLU G 21 13.10 -0.91 -11.43
C GLU G 21 11.93 -0.55 -10.54
N THR G 22 10.74 -0.41 -11.12
CA THR G 22 9.55 -0.08 -10.36
C THR G 22 8.81 -1.33 -9.89
N ARG G 23 7.87 -1.12 -8.97
CA ARG G 23 7.02 -2.20 -8.50
C ARG G 23 6.24 -2.80 -9.66
N SER G 24 5.76 -1.95 -10.56
CA SER G 24 5.05 -2.38 -11.76
C SER G 24 5.94 -3.17 -12.71
N HIS G 25 7.21 -3.35 -12.30
CA HIS G 25 8.19 -4.10 -13.06
C HIS G 25 8.60 -3.41 -14.37
N GLU G 26 8.57 -2.08 -14.39
CA GLU G 26 9.12 -1.37 -15.51
C GLU G 26 10.55 -1.02 -15.18
N LYS G 27 11.40 -0.95 -16.20
CA LYS G 27 12.81 -0.63 -16.01
C LYS G 27 13.20 0.60 -16.79
N MET G 28 14.02 1.43 -16.17
CA MET G 28 14.50 2.65 -16.79
C MET G 28 15.98 2.70 -16.47
N THR G 29 16.80 3.04 -17.45
CA THR G 29 18.22 3.24 -17.15
C THR G 29 18.54 4.69 -17.48
N ILE G 30 19.13 5.40 -16.53
CA ILE G 30 19.53 6.78 -16.76
C ILE G 30 21.05 6.85 -16.77
N ILE G 31 21.63 7.39 -17.84
CA ILE G 31 23.06 7.56 -17.92
C ILE G 31 23.26 9.06 -17.72
N ILE G 32 24.04 9.43 -16.73
CA ILE G 32 24.36 10.84 -16.53
C ILE G 32 25.80 11.10 -16.87
N HIS G 33 26.01 12.06 -17.78
CA HIS G 33 27.31 12.46 -18.25
C HIS G 33 27.88 13.63 -17.45
N ASP G 34 29.18 13.63 -17.23
CA ASP G 34 29.82 14.75 -16.58
C ASP G 34 29.69 16.06 -17.36
N ASP G 35 29.43 15.97 -18.67
CA ASP G 35 29.23 17.19 -19.46
C ASP G 35 27.79 17.68 -19.37
N GLY G 36 26.95 16.91 -18.68
CA GLY G 36 25.56 17.30 -18.47
C GLY G 36 24.53 16.61 -19.34
N ARG G 37 24.96 15.86 -20.35
CA ARG G 37 24.02 15.06 -21.14
C ARG G 37 23.41 13.95 -20.29
N ARG G 38 22.14 13.65 -20.55
CA ARG G 38 21.48 12.46 -20.02
C ARG G 38 20.97 11.60 -21.18
N GLU G 39 21.04 10.28 -21.02
CA GLU G 39 20.31 9.37 -21.90
C GLU G 39 19.40 8.54 -21.00
N ILE G 40 18.17 8.35 -21.43
CA ILE G 40 17.27 7.46 -20.71
C ILE G 40 16.92 6.32 -21.64
N TYR G 41 16.95 5.09 -21.12
CA TYR G 41 16.55 3.91 -21.91
C TYR G 41 15.44 3.20 -21.17
N ARG G 42 14.42 2.78 -21.90
CA ARG G 42 13.34 1.99 -21.31
C ARG G 42 13.35 0.56 -21.83
N PHE G 43 13.34 -0.41 -20.93
N PHE G 43 13.24 -0.38 -20.89
CA PHE G 43 13.57 -1.79 -21.33
CA PHE G 43 13.04 -1.80 -21.15
C PHE G 43 12.37 -2.69 -21.07
C PHE G 43 11.85 -2.32 -20.34
N ASN G 44 12.20 -3.69 -21.92
N ASN G 44 11.29 -3.45 -20.78
CA ASN G 44 11.11 -4.64 -21.72
CA ASN G 44 10.29 -4.17 -20.02
C ASN G 44 11.25 -5.40 -20.41
C ASN G 44 10.98 -5.24 -19.19
N ASP G 45 10.11 -5.55 -19.71
N ASP G 45 10.43 -5.54 -18.03
CA ASP G 45 10.08 -6.08 -18.36
CA ASP G 45 11.04 -6.48 -17.08
C ASP G 45 10.76 -7.44 -18.19
C ASP G 45 11.42 -7.83 -17.65
N ARG G 46 10.27 -8.43 -18.91
N ARG G 46 10.53 -8.40 -18.47
CA ARG G 46 10.77 -9.80 -18.80
CA ARG G 46 10.64 -9.79 -18.89
C ARG G 46 11.81 -10.11 -19.87
C ARG G 46 11.81 -10.08 -19.83
N ASP G 47 12.10 -9.13 -20.72
CA ASP G 47 13.15 -9.27 -21.71
C ASP G 47 13.95 -7.98 -21.76
N PRO G 48 14.90 -7.82 -20.83
CA PRO G 48 15.61 -6.53 -20.70
C PRO G 48 16.66 -6.31 -21.80
N ASP G 49 16.80 -7.27 -22.71
CA ASP G 49 17.64 -7.05 -23.88
C ASP G 49 16.92 -6.17 -24.90
N GLU G 50 15.60 -6.20 -24.87
CA GLU G 50 14.79 -5.47 -25.85
C GLU G 50 14.51 -4.03 -25.43
N LEU G 51 15.07 -3.09 -26.19
CA LEU G 51 14.90 -1.68 -25.92
C LEU G 51 13.51 -1.21 -26.37
N LEU G 52 12.77 -0.55 -25.49
CA LEU G 52 11.42 -0.07 -25.83
C LEU G 52 11.45 1.34 -26.39
N SER G 53 12.25 2.20 -25.78
CA SER G 53 12.39 3.58 -26.21
C SER G 53 13.67 4.16 -25.62
N ASN G 54 14.12 5.29 -26.14
CA ASN G 54 15.24 5.98 -25.51
C ASN G 54 15.16 7.44 -25.85
N ILE G 55 15.74 8.29 -25.01
CA ILE G 55 15.70 9.71 -25.27
C ILE G 55 17.01 10.35 -24.85
N SER G 56 17.49 11.30 -25.66
CA SER G 56 18.71 12.03 -25.35
C SER G 56 18.36 13.45 -24.92
N LEU G 57 18.89 13.88 -23.78
CA LEU G 57 18.59 15.20 -23.25
C LEU G 57 19.87 15.98 -22.96
N ASP G 58 19.80 17.31 -23.03
CA ASP G 58 20.92 18.09 -22.52
C ASP G 58 20.62 18.46 -21.08
N ASP G 59 21.55 19.18 -20.45
CA ASP G 59 21.40 19.44 -19.03
C ASP G 59 20.12 20.22 -18.74
N SER G 60 19.87 21.26 -19.52
CA SER G 60 18.69 22.11 -19.34
C SER G 60 17.40 21.30 -19.49
N GLU G 61 17.33 20.48 -20.52
CA GLU G 61 16.15 19.66 -20.77
C GLU G 61 15.89 18.66 -19.65
N ALA G 62 16.95 18.04 -19.17
CA ALA G 62 16.79 17.06 -18.10
C ALA G 62 16.26 17.72 -16.82
N ARG G 63 16.78 18.89 -16.50
CA ARG G 63 16.35 19.59 -15.28
C ARG G 63 14.91 20.11 -15.40
N GLN G 64 14.52 20.52 -16.60
CA GLN G 64 13.12 20.92 -16.82
C GLN G 64 12.17 19.74 -16.61
N ILE G 65 12.49 18.62 -17.23
CA ILE G 65 11.66 17.42 -17.09
C ILE G 65 11.69 16.95 -15.63
N ALA G 66 12.88 16.96 -15.02
CA ALA G 66 13.00 16.60 -13.60
C ALA G 66 12.10 17.48 -12.73
N ALA G 67 12.08 18.78 -13.04
CA ALA G 67 11.26 19.71 -12.26
C ALA G 67 9.77 19.40 -12.39
N ILE G 68 9.34 19.03 -13.59
CA ILE G 68 7.95 18.70 -13.80
C ILE G 68 7.60 17.39 -13.09
N LEU G 69 8.44 16.39 -13.29
CA LEU G 69 8.22 15.05 -12.74
C LEU G 69 8.20 15.07 -11.22
N GLY G 70 9.14 15.84 -10.65
CA GLY G 70 9.27 15.93 -9.21
C GLY G 70 8.31 16.85 -8.48
N GLY G 71 7.36 17.44 -9.20
CA GLY G 71 6.37 18.28 -8.56
C GLY G 71 6.83 19.71 -8.28
N MET G 72 7.96 20.09 -8.85
CA MET G 72 8.53 21.43 -8.66
C MET G 72 7.78 22.49 -9.46
N VAL G 73 7.05 22.08 -10.48
CA VAL G 73 6.27 23.03 -11.27
C VAL G 73 4.83 23.07 -10.80
N TYR G 74 4.12 21.97 -11.01
CA TYR G 74 2.80 21.81 -10.43
C TYR G 74 2.92 20.79 -9.32
N LYS G 75 2.48 21.18 -8.13
CA LYS G 75 2.48 20.32 -6.96
C LYS G 75 1.13 19.59 -6.93
N PRO G 76 1.15 18.26 -6.80
CA PRO G 76 -0.08 17.48 -6.57
C PRO G 76 -0.80 18.01 -5.34
N GLN G 77 -2.03 18.48 -5.54
CA GLN G 77 -2.79 19.16 -4.49
C GLN G 77 -2.93 18.41 -3.16
N ALA G 78 -3.11 17.10 -3.23
CA ALA G 78 -3.39 16.32 -2.02
C ALA G 78 -2.19 16.21 -1.08
N LEU G 79 -1.00 16.43 -1.60
CA LEU G 79 0.20 16.35 -0.78
C LEU G 79 0.30 17.55 0.16
N GLU G 80 0.97 17.36 1.29
CA GLU G 80 1.11 18.44 2.27
C GLU G 80 2.48 18.37 2.93
N SER G 81 3.06 17.17 2.92
CA SER G 81 4.42 16.95 3.37
C SER G 81 4.96 15.68 2.72
N ILE G 82 6.28 15.62 2.51
CA ILE G 82 6.96 14.45 1.99
C ILE G 82 8.29 14.27 2.71
N GLU G 83 8.88 13.09 2.63
N GLU G 83 8.86 13.07 2.61
CA GLU G 83 10.26 12.93 3.07
CA GLU G 83 10.25 12.88 2.98
C GLU G 83 11.16 13.02 1.84
C GLU G 83 11.01 12.50 1.73
N MET G 84 12.08 13.99 1.85
N MET G 84 12.19 13.07 1.55
CA MET G 84 12.89 14.29 0.68
CA MET G 84 13.05 12.67 0.45
C MET G 84 13.64 13.06 0.13
C MET G 84 13.53 11.25 0.73
N ALA G 85 13.72 12.97 -1.20
N ALA G 85 13.88 10.52 -0.32
CA ALA G 85 14.36 11.83 -1.85
CA ALA G 85 14.34 9.15 -0.16
C ALA G 85 15.80 11.68 -1.36
C ALA G 85 15.64 9.12 0.64
N PHE G 86 16.17 10.45 -1.03
N PHE G 86 15.66 8.33 1.71
CA PHE G 86 17.53 10.12 -0.60
CA PHE G 86 16.85 8.13 2.53
C PHE G 86 18.04 10.97 0.57
C PHE G 86 17.26 9.40 3.29
N SER G 87 17.12 11.41 1.43
N SER G 87 17.42 10.50 2.55
CA SER G 87 17.46 12.20 2.60
CA SER G 87 17.66 11.80 3.18
C SER G 87 16.54 11.85 3.77
C SER G 87 16.54 12.07 4.17
N ASP G 88 16.75 12.51 4.91
N ASP G 88 16.94 12.37 5.40
CA ASP G 88 15.89 12.31 6.07
CA ASP G 88 15.99 12.42 6.51
C ASP G 88 15.02 13.55 6.30
C ASP G 88 15.09 13.65 6.49
N LEU G 89 15.43 14.65 5.67
CA LEU G 89 14.69 15.91 5.69
C LEU G 89 13.24 15.79 5.25
N ILE G 90 12.38 16.57 5.88
CA ILE G 90 10.99 16.65 5.47
C ILE G 90 10.71 18.00 4.82
N ILE G 91 9.88 18.00 3.79
CA ILE G 91 9.42 19.23 3.16
C ILE G 91 7.92 19.38 3.35
N GLU G 92 7.48 20.55 3.79
CA GLU G 92 6.07 20.78 4.07
C GLU G 92 5.54 22.09 3.50
N TRP G 93 4.37 22.00 2.87
CA TRP G 93 3.66 23.16 2.32
C TRP G 93 2.65 23.66 3.34
N PHE G 94 2.76 24.93 3.73
CA PHE G 94 1.82 25.52 4.66
C PHE G 94 1.22 26.81 4.10
N LYS G 95 -0.11 26.83 3.97
CA LYS G 95 -0.77 28.01 3.42
C LYS G 95 -1.21 28.93 4.55
N VAL G 96 -0.85 30.21 4.44
CA VAL G 96 -1.24 31.20 5.44
C VAL G 96 -2.56 31.88 5.05
N GLU G 97 -3.61 31.59 5.79
CA GLU G 97 -4.96 32.06 5.45
C GLU G 97 -5.18 33.56 5.67
N LYS G 98 -6.42 33.99 5.44
CA LYS G 98 -6.80 35.41 5.54
C LYS G 98 -6.49 36.02 6.90
N GLY G 99 -6.61 35.21 7.96
CA GLY G 99 -6.34 35.67 9.30
C GLY G 99 -5.26 34.87 10.00
N ALA G 100 -4.01 35.27 9.81
CA ALA G 100 -2.88 34.60 10.44
C ALA G 100 -1.96 35.61 11.11
N LYS G 101 -1.33 35.21 12.22
CA LYS G 101 -0.49 36.12 13.02
C LYS G 101 0.78 36.56 12.31
N SER G 102 1.14 35.86 11.23
CA SER G 102 2.38 36.13 10.51
C SER G 102 2.17 37.03 9.29
N ILE G 103 0.91 37.38 9.03
CA ILE G 103 0.58 38.23 7.89
C ILE G 103 1.18 39.62 8.06
N GLY G 104 1.92 40.06 7.05
CA GLY G 104 2.51 41.38 7.07
C GLY G 104 3.81 41.44 7.85
N ARG G 105 4.27 40.27 8.31
CA ARG G 105 5.54 40.16 8.99
C ARG G 105 6.56 39.56 8.04
N THR G 106 7.83 39.92 8.21
CA THR G 106 8.88 39.42 7.33
C THR G 106 9.53 38.16 7.90
N LEU G 107 10.27 37.44 7.06
CA LEU G 107 10.96 36.25 7.53
C LEU G 107 11.96 36.60 8.63
N GLY G 108 12.55 37.80 8.54
CA GLY G 108 13.54 38.23 9.50
C GLY G 108 12.93 38.58 10.85
N GLU G 109 11.71 39.10 10.83
CA GLU G 109 10.98 39.39 12.06
C GLU G 109 10.54 38.09 12.73
N LEU G 110 10.17 37.09 11.92
CA LEU G 110 9.79 35.79 12.45
C LEU G 110 11.00 34.99 12.92
N ASP G 111 12.17 35.29 12.33
CA ASP G 111 13.41 34.56 12.60
C ASP G 111 13.21 33.06 12.48
N VAL G 112 12.55 32.64 11.41
CA VAL G 112 12.16 31.23 11.23
C VAL G 112 13.33 30.26 11.36
N ARG G 113 14.39 30.50 10.59
CA ARG G 113 15.57 29.66 10.67
C ARG G 113 16.24 29.78 12.03
N GLN G 114 16.52 31.01 12.48
CA GLN G 114 17.24 31.21 13.74
C GLN G 114 16.56 30.52 14.92
N ASN G 115 15.26 30.71 15.06
CA ASN G 115 14.56 30.27 16.27
C ASN G 115 13.80 28.93 16.13
N TYR G 116 13.74 28.40 14.92
CA TYR G 116 12.97 27.17 14.70
C TYR G 116 13.77 26.09 13.98
N ASP G 117 14.96 26.45 13.49
CA ASP G 117 15.76 25.53 12.68
C ASP G 117 14.97 24.98 11.50
N VAL G 118 14.10 25.82 10.93
CA VAL G 118 13.37 25.50 9.72
C VAL G 118 13.77 26.47 8.60
N THR G 119 13.96 25.96 7.39
CA THR G 119 14.27 26.84 6.28
C THR G 119 13.06 27.02 5.38
N VAL G 120 12.69 28.27 5.11
CA VAL G 120 11.68 28.53 4.09
C VAL G 120 12.39 28.54 2.75
N ILE G 121 12.18 27.50 1.93
CA ILE G 121 12.95 27.38 0.69
C ILE G 121 12.22 28.04 -0.49
N ALA G 122 10.93 28.30 -0.31
CA ALA G 122 10.15 28.93 -1.37
C ALA G 122 8.85 29.49 -0.83
N ILE G 123 8.36 30.54 -1.50
CA ILE G 123 7.07 31.14 -1.17
C ILE G 123 6.19 31.08 -2.41
N ILE G 124 5.16 30.25 -2.35
CA ILE G 124 4.25 30.10 -3.49
C ILE G 124 3.02 30.98 -3.31
N LYS G 125 2.65 31.68 -4.38
CA LYS G 125 1.39 32.40 -4.41
C LYS G 125 0.89 32.48 -5.85
N HIS G 126 -0.39 32.18 -6.05
CA HIS G 126 -1.01 32.27 -7.36
C HIS G 126 -1.16 33.73 -7.73
N ASN G 127 -0.99 34.59 -6.72
CA ASN G 127 -0.88 36.03 -6.91
C ASN G 127 0.26 36.36 -7.87
N GLN G 128 1.40 35.70 -7.68
CA GLN G 128 2.57 35.91 -8.52
C GLN G 128 3.60 34.77 -8.37
N GLU G 129 3.37 33.70 -9.12
CA GLU G 129 4.29 32.55 -9.23
C GLU G 129 5.03 32.10 -7.95
N LYS G 130 6.23 31.55 -8.15
CA LYS G 130 7.00 30.97 -7.06
C LYS G 130 8.20 31.84 -6.69
N LEU G 131 8.25 32.29 -5.45
CA LEU G 131 9.44 33.00 -4.97
C LEU G 131 10.43 31.99 -4.39
N LEU G 132 11.60 31.89 -5.02
CA LEU G 132 12.63 30.96 -4.59
C LEU G 132 13.64 31.66 -3.68
N ASN G 133 14.14 30.93 -2.70
CA ASN G 133 15.08 31.46 -1.72
C ASN G 133 14.69 32.82 -1.15
N PRO G 134 13.55 32.87 -0.44
CA PRO G 134 13.13 34.14 0.17
C PRO G 134 14.14 34.53 1.24
N GLY G 135 14.22 35.82 1.53
CA GLY G 135 15.18 36.31 2.49
C GLY G 135 14.53 36.95 3.69
N ALA G 136 15.33 37.65 4.48
CA ALA G 136 14.82 38.27 5.69
C ALA G 136 13.76 39.32 5.40
N ASP G 137 13.78 39.88 4.19
CA ASP G 137 12.88 40.97 3.86
C ASP G 137 11.59 40.51 3.18
N SER G 138 11.49 39.22 2.90
CA SER G 138 10.27 38.67 2.30
C SER G 138 9.10 38.79 3.27
N ILE G 139 8.09 39.56 2.87
CA ILE G 139 6.88 39.69 3.69
C ILE G 139 5.98 38.47 3.46
N ILE G 140 5.23 38.10 4.50
CA ILE G 140 4.25 37.04 4.37
C ILE G 140 2.86 37.63 4.16
N GLU G 141 2.29 37.35 3.00
CA GLU G 141 0.98 37.90 2.65
C GLU G 141 -0.12 36.84 2.78
N GLU G 142 -1.37 37.29 2.75
CA GLU G 142 -2.50 36.37 2.87
C GLU G 142 -2.59 35.40 1.69
N ASN G 143 -2.86 34.13 2.00
CA ASN G 143 -2.96 33.06 1.02
C ASN G 143 -1.66 32.72 0.29
N ASP G 144 -0.54 33.07 0.90
CA ASP G 144 0.75 32.59 0.45
C ASP G 144 0.87 31.13 0.85
N THR G 145 1.65 30.36 0.12
CA THR G 145 2.02 29.03 0.56
C THR G 145 3.49 29.04 0.91
N LEU G 146 3.82 28.68 2.13
CA LEU G 146 5.21 28.61 2.56
C LEU G 146 5.75 27.20 2.39
N VAL G 147 6.87 27.09 1.68
CA VAL G 147 7.50 25.80 1.47
C VAL G 147 8.61 25.69 2.49
N LEU G 148 8.40 24.79 3.46
CA LEU G 148 9.25 24.66 4.62
C LEU G 148 10.05 23.36 4.58
N SER G 149 11.31 23.45 4.98
CA SER G 149 12.18 22.28 5.03
C SER G 149 12.82 22.17 6.41
N GLY G 150 12.70 21.01 7.03
CA GLY G 150 13.36 20.77 8.30
C GLY G 150 12.93 19.50 8.98
N GLU G 151 13.47 19.27 10.18
CA GLU G 151 13.15 18.08 10.94
C GLU G 151 11.70 18.16 11.42
N ARG G 152 11.01 17.01 11.37
CA ARG G 152 9.59 16.90 11.68
C ARG G 152 9.16 17.61 12.97
N LYS G 153 9.94 17.46 14.03
CA LYS G 153 9.61 18.08 15.30
C LYS G 153 9.72 19.60 15.24
N HIS G 154 10.72 20.11 14.53
CA HIS G 154 10.88 21.55 14.37
C HIS G 154 9.72 22.15 13.57
N LEU G 155 9.39 21.51 12.46
CA LEU G 155 8.23 21.90 11.64
C LEU G 155 6.96 21.98 12.48
N LYS G 156 6.70 20.94 13.26
CA LYS G 156 5.53 20.86 14.13
C LYS G 156 5.39 22.09 15.04
N LYS G 157 6.50 22.54 15.59
CA LYS G 157 6.50 23.67 16.51
C LYS G 157 6.25 25.01 15.80
N LEU G 158 6.73 25.13 14.56
CA LEU G 158 6.57 26.34 13.78
C LEU G 158 5.13 26.55 13.35
N ILE G 159 4.52 25.50 12.80
CA ILE G 159 3.11 25.53 12.40
C ILE G 159 2.24 25.86 13.60
N HIS G 160 2.54 25.24 14.73
CA HIS G 160 1.83 25.47 15.98
C HIS G 160 1.90 26.95 16.38
N ASP G 161 3.10 27.48 16.49
CA ASP G 161 3.29 28.88 16.88
C ASP G 161 2.84 29.83 15.78
N GLY H 3 16.27 24.36 -26.24
CA GLY H 3 14.97 24.25 -26.88
C GLY H 3 14.10 23.17 -26.24
N LEU H 4 13.04 23.60 -25.56
CA LEU H 4 12.08 22.66 -25.01
C LEU H 4 10.66 23.18 -25.10
N ASN H 5 9.91 22.65 -26.07
CA ASN H 5 8.51 23.00 -26.22
C ASN H 5 7.67 22.32 -25.16
N ILE H 6 7.07 23.11 -24.27
CA ILE H 6 6.29 22.60 -23.16
C ILE H 6 4.90 23.23 -23.12
N LYS H 7 3.87 22.38 -23.05
CA LYS H 7 2.49 22.85 -22.94
C LYS H 7 1.83 22.24 -21.71
N GLU H 8 1.22 23.08 -20.87
CA GLU H 8 0.59 22.58 -19.65
C GLU H 8 -0.93 22.81 -19.63
N ASN H 9 -1.70 21.72 -19.61
CA ASN H 9 -3.15 21.81 -19.62
C ASN H 9 -3.78 21.28 -18.34
N ASP H 10 -4.92 21.82 -17.94
CA ASP H 10 -5.58 21.30 -16.76
C ASP H 10 -6.42 20.06 -17.07
N LEU H 11 -6.43 19.12 -16.14
CA LEU H 11 -7.25 17.92 -16.27
C LEU H 11 -8.23 17.80 -15.11
N PRO H 12 -9.43 18.34 -15.28
CA PRO H 12 -10.49 18.33 -14.27
C PRO H 12 -10.61 16.95 -13.62
N GLY H 13 -10.63 16.93 -12.29
CA GLY H 13 -10.72 15.67 -11.55
C GLY H 13 -9.45 14.81 -11.56
N ILE H 14 -8.45 15.20 -12.35
CA ILE H 14 -7.23 14.41 -12.37
C ILE H 14 -6.02 15.19 -11.86
N GLY H 15 -5.75 16.32 -12.49
CA GLY H 15 -4.53 17.05 -12.23
C GLY H 15 -4.12 17.86 -13.45
N LYS H 16 -2.88 17.71 -13.87
CA LYS H 16 -2.35 18.48 -14.98
C LYS H 16 -1.67 17.55 -15.98
N LYS H 17 -1.73 17.95 -17.25
CA LYS H 17 -1.01 17.28 -18.32
C LYS H 17 0.10 18.20 -18.79
N PHE H 18 1.30 17.66 -18.93
CA PHE H 18 2.41 18.38 -19.56
C PHE H 18 2.82 17.64 -20.82
N GLU H 19 2.84 18.33 -21.95
CA GLU H 19 3.33 17.75 -23.19
C GLU H 19 4.69 18.32 -23.55
N ILE H 20 5.69 17.46 -23.63
CA ILE H 20 7.07 17.90 -23.82
C ILE H 20 7.60 17.48 -25.18
N GLU H 21 8.32 18.40 -25.83
CA GLU H 21 8.94 18.13 -27.12
C GLU H 21 10.37 18.67 -27.10
N THR H 22 11.34 17.80 -27.38
CA THR H 22 12.75 18.16 -27.30
C THR H 22 13.23 19.03 -28.45
N ARG H 23 14.55 19.16 -28.56
CA ARG H 23 15.17 19.84 -29.70
C ARG H 23 15.11 18.95 -30.92
N SER H 24 15.50 17.69 -30.72
CA SER H 24 15.53 16.68 -31.77
C SER H 24 14.14 16.14 -32.08
N HIS H 25 13.13 16.74 -31.46
CA HIS H 25 11.72 16.36 -31.67
C HIS H 25 11.40 14.94 -31.18
N GLU H 26 11.66 14.69 -29.91
CA GLU H 26 11.17 13.47 -29.28
C GLU H 26 10.05 13.90 -28.36
N LYS H 27 8.98 13.10 -28.29
CA LYS H 27 7.79 13.50 -27.53
C LYS H 27 7.59 12.69 -26.25
N MET H 28 7.33 13.40 -25.14
CA MET H 28 6.80 12.75 -23.96
C MET H 28 5.65 13.54 -23.31
N THR H 29 4.73 12.81 -22.69
CA THR H 29 3.66 13.42 -21.93
C THR H 29 3.74 12.95 -20.49
N ILE H 30 3.68 13.89 -19.55
CA ILE H 30 3.63 13.57 -18.12
C ILE H 30 2.27 13.99 -17.56
N ILE H 31 1.56 13.06 -16.93
CA ILE H 31 0.29 13.38 -16.30
C ILE H 31 0.55 13.38 -14.82
N ILE H 32 0.18 14.46 -14.13
CA ILE H 32 0.38 14.52 -12.68
C ILE H 32 -0.97 14.53 -12.01
N HIS H 33 -1.24 13.46 -11.26
CA HIS H 33 -2.51 13.36 -10.54
C HIS H 33 -2.38 14.10 -9.20
N ASP H 34 -3.48 14.70 -8.76
CA ASP H 34 -3.47 15.35 -7.47
C ASP H 34 -3.23 14.38 -6.30
N ASP H 35 -3.55 13.10 -6.51
CA ASP H 35 -3.26 12.09 -5.50
C ASP H 35 -1.76 11.75 -5.45
N GLY H 36 -0.99 12.26 -6.42
CA GLY H 36 0.44 12.06 -6.42
C GLY H 36 0.97 11.14 -7.50
N ARG H 37 0.09 10.39 -8.15
CA ARG H 37 0.55 9.45 -9.16
C ARG H 37 1.02 10.21 -10.38
N ARG H 38 2.02 9.68 -11.07
CA ARG H 38 2.43 10.21 -12.37
C ARG H 38 2.32 9.10 -13.42
N GLU H 39 1.86 9.44 -14.61
CA GLU H 39 2.06 8.58 -15.76
C GLU H 39 2.92 9.32 -16.76
N ILE H 40 3.81 8.59 -17.44
CA ILE H 40 4.64 9.16 -18.49
C ILE H 40 4.45 8.36 -19.77
N TYR H 41 4.29 9.06 -20.89
CA TYR H 41 4.04 8.42 -22.17
C TYR H 41 5.10 8.90 -23.14
N ARG H 42 5.66 8.01 -23.95
CA ARG H 42 6.70 8.38 -24.92
C ARG H 42 6.25 8.09 -26.35
N PHE H 43 6.37 9.10 -27.21
CA PHE H 43 5.85 8.99 -28.56
C PHE H 43 6.90 8.95 -29.66
N ASN H 44 6.55 8.26 -30.74
CA ASN H 44 7.37 8.14 -31.93
C ASN H 44 7.77 9.51 -32.47
N ASP H 45 9.06 9.68 -32.69
CA ASP H 45 9.68 10.95 -33.06
C ASP H 45 8.86 11.85 -33.98
N ARG H 46 8.39 11.30 -35.10
CA ARG H 46 7.64 12.09 -36.06
C ARG H 46 6.34 11.38 -36.43
N ASP H 47 5.71 10.78 -35.42
CA ASP H 47 4.43 10.10 -35.57
C ASP H 47 3.84 9.90 -34.19
N PRO H 48 3.28 10.99 -33.60
CA PRO H 48 2.77 11.00 -32.22
C PRO H 48 1.51 10.16 -32.04
N ASP H 49 1.24 9.28 -32.98
CA ASP H 49 0.09 8.39 -32.91
C ASP H 49 0.53 7.08 -32.26
N GLU H 50 1.81 6.79 -32.37
CA GLU H 50 2.35 5.50 -31.96
C GLU H 50 3.07 5.62 -30.63
N LEU H 51 2.61 4.81 -29.68
CA LEU H 51 3.16 4.81 -28.34
C LEU H 51 4.34 3.86 -28.28
N LEU H 52 5.48 4.37 -27.84
CA LEU H 52 6.70 3.58 -27.73
C LEU H 52 6.79 2.91 -26.38
N SER H 53 6.46 3.68 -25.33
CA SER H 53 6.51 3.16 -24.00
C SER H 53 5.70 4.04 -23.07
N ASN H 54 5.45 3.54 -21.87
CA ASN H 54 4.80 4.32 -20.85
C ASN H 54 5.11 3.72 -19.50
N ILE H 55 4.93 4.50 -18.46
CA ILE H 55 5.29 4.05 -17.13
C ILE H 55 4.43 4.78 -16.09
N SER H 56 4.05 4.06 -15.04
CA SER H 56 3.23 4.62 -13.98
C SER H 56 4.05 4.63 -12.69
N LEU H 57 4.00 5.76 -11.98
CA LEU H 57 4.85 5.99 -10.82
C LEU H 57 4.02 6.59 -9.71
N ASP H 58 4.32 6.24 -8.46
CA ASP H 58 3.68 6.93 -7.33
C ASP H 58 4.54 8.15 -6.94
N ASP H 59 4.10 8.91 -5.94
CA ASP H 59 4.81 10.16 -5.62
C ASP H 59 6.28 9.99 -5.25
N SER H 60 6.54 9.08 -4.32
CA SER H 60 7.91 8.80 -3.90
C SER H 60 8.80 8.39 -5.09
N GLU H 61 8.28 7.50 -5.93
CA GLU H 61 9.07 7.05 -7.11
C GLU H 61 9.38 8.15 -8.08
N ALA H 62 8.38 8.98 -8.38
CA ALA H 62 8.59 10.06 -9.33
C ALA H 62 9.63 11.05 -8.79
N ARG H 63 9.58 11.30 -7.49
CA ARG H 63 10.53 12.22 -6.87
C ARG H 63 11.95 11.67 -6.85
N GLN H 64 12.10 10.38 -6.60
CA GLN H 64 13.44 9.76 -6.64
C GLN H 64 14.02 9.81 -8.03
N ILE H 65 13.22 9.42 -9.01
CA ILE H 65 13.64 9.56 -10.39
C ILE H 65 13.97 10.98 -10.81
N ALA H 66 13.14 11.94 -10.42
CA ALA H 66 13.41 13.34 -10.72
C ALA H 66 14.75 13.78 -10.11
N ALA H 67 15.06 13.27 -8.92
CA ALA H 67 16.29 13.65 -8.23
C ALA H 67 17.52 13.18 -8.99
N ILE H 68 17.46 11.95 -9.50
CA ILE H 68 18.56 11.39 -10.29
C ILE H 68 18.66 12.14 -11.61
N LEU H 69 17.53 12.28 -12.28
CA LEU H 69 17.52 12.94 -13.59
C LEU H 69 18.02 14.37 -13.51
N GLY H 70 17.66 15.09 -12.45
CA GLY H 70 17.97 16.50 -12.37
C GLY H 70 19.33 16.81 -11.73
N GLY H 71 20.18 15.81 -11.60
CA GLY H 71 21.54 16.04 -11.11
C GLY H 71 21.65 16.24 -9.59
N MET H 72 20.62 15.83 -8.86
CA MET H 72 20.64 16.00 -7.40
C MET H 72 21.29 14.81 -6.67
N VAL H 73 21.48 13.69 -7.36
CA VAL H 73 22.10 12.52 -6.73
C VAL H 73 23.57 12.49 -7.14
N TYR H 74 23.82 12.30 -8.42
CA TYR H 74 25.15 12.53 -9.02
C TYR H 74 25.15 13.83 -9.83
N LYS H 75 26.07 14.74 -9.48
CA LYS H 75 26.22 16.02 -10.18
C LYS H 75 27.16 15.86 -11.35
N PRO H 76 26.72 16.23 -12.57
CA PRO H 76 27.65 16.21 -13.71
C PRO H 76 28.89 17.01 -13.31
N GLN H 77 30.05 16.38 -13.36
CA GLN H 77 31.25 16.99 -12.77
C GLN H 77 31.75 18.26 -13.48
N ALA H 78 31.46 18.39 -14.77
CA ALA H 78 32.03 19.48 -15.54
C ALA H 78 31.27 20.79 -15.41
N LEU H 79 30.05 20.74 -14.89
CA LEU H 79 29.22 21.94 -14.79
C LEU H 79 29.54 22.75 -13.53
N GLU H 80 29.94 24.01 -13.73
N GLU H 80 29.99 23.99 -13.73
CA GLU H 80 30.30 24.88 -12.62
CA GLU H 80 30.28 24.86 -12.59
C GLU H 80 29.24 25.95 -12.36
C GLU H 80 29.07 25.75 -12.28
N SER H 81 28.31 26.11 -13.31
CA SER H 81 27.12 26.93 -13.12
C SER H 81 25.98 26.50 -14.05
N ILE H 82 24.75 26.75 -13.63
CA ILE H 82 23.59 26.46 -14.47
C ILE H 82 22.53 27.54 -14.28
N GLU H 83 21.76 27.81 -15.33
CA GLU H 83 20.57 28.63 -15.17
C GLU H 83 19.42 27.73 -14.70
N MET H 84 18.78 28.08 -13.59
CA MET H 84 17.75 27.22 -13.02
C MET H 84 16.56 27.02 -13.96
N ALA H 85 16.02 25.80 -13.98
CA ALA H 85 14.81 25.53 -14.74
C ALA H 85 13.65 26.38 -14.21
N PHE H 86 12.95 27.04 -15.13
CA PHE H 86 11.76 27.81 -14.81
C PHE H 86 12.07 28.93 -13.81
N SER H 87 13.21 29.57 -14.02
CA SER H 87 13.67 30.63 -13.15
C SER H 87 14.80 31.37 -13.84
N ASP H 88 15.04 32.60 -13.42
CA ASP H 88 16.17 33.36 -13.91
C ASP H 88 17.34 33.26 -12.95
N LEU H 89 17.14 32.54 -11.84
CA LEU H 89 18.20 32.33 -10.86
C LEU H 89 19.31 31.45 -11.41
N ILE H 90 20.52 31.64 -10.88
CA ILE H 90 21.69 30.89 -11.28
C ILE H 90 22.22 30.07 -10.11
N ILE H 91 22.63 28.84 -10.37
CA ILE H 91 23.28 28.01 -9.36
C ILE H 91 24.74 27.80 -9.71
N GLU H 92 25.63 28.09 -8.76
CA GLU H 92 27.07 27.97 -9.02
C GLU H 92 27.74 27.12 -7.97
N TRP H 93 28.67 26.27 -8.42
CA TRP H 93 29.53 25.51 -7.53
C TRP H 93 30.89 26.17 -7.47
N PHE H 94 31.23 26.73 -6.32
CA PHE H 94 32.52 27.41 -6.17
C PHE H 94 33.32 26.86 -4.99
N LYS H 95 34.56 26.47 -5.29
CA LYS H 95 35.41 25.84 -4.28
C LYS H 95 36.36 26.87 -3.67
N VAL H 96 36.35 26.97 -2.34
CA VAL H 96 37.25 27.89 -1.67
C VAL H 96 38.64 27.29 -1.56
N GLU H 97 39.67 28.14 -1.62
CA GLU H 97 41.04 27.64 -1.62
C GLU H 97 41.93 28.47 -0.71
N LYS H 98 43.24 28.36 -0.90
CA LYS H 98 44.22 29.13 -0.13
C LYS H 98 43.98 30.63 -0.28
N GLY H 99 44.02 31.34 0.85
CA GLY H 99 43.99 32.78 0.82
C GLY H 99 42.63 33.44 0.98
N ALA H 100 41.56 32.71 0.67
CA ALA H 100 40.21 33.26 0.74
C ALA H 100 39.90 33.89 2.09
N LYS H 101 39.23 35.05 2.08
CA LYS H 101 38.96 35.79 3.31
C LYS H 101 37.80 35.23 4.13
N SER H 102 37.08 34.27 3.53
CA SER H 102 35.94 33.63 4.20
C SER H 102 36.39 32.47 5.09
N ILE H 103 37.60 31.98 4.86
CA ILE H 103 38.13 30.82 5.59
C ILE H 103 37.99 30.95 7.10
N GLY H 104 37.32 29.97 7.71
CA GLY H 104 37.17 29.92 9.15
C GLY H 104 36.01 30.74 9.69
N ARG H 105 35.37 31.54 8.83
CA ARG H 105 34.28 32.39 9.27
C ARG H 105 32.92 31.78 8.91
N THR H 106 31.91 32.02 9.75
CA THR H 106 30.60 31.41 9.57
C THR H 106 29.72 32.18 8.58
N LEU H 107 28.69 31.52 8.06
CA LEU H 107 27.75 32.14 7.14
C LEU H 107 27.10 33.38 7.78
N GLY H 108 26.85 33.31 9.09
CA GLY H 108 26.24 34.41 9.81
C GLY H 108 27.14 35.62 9.87
N GLU H 109 28.41 35.39 10.18
CA GLU H 109 29.39 36.46 10.31
C GLU H 109 29.71 37.08 8.95
N LEU H 110 29.88 36.24 7.93
CA LEU H 110 30.03 36.73 6.57
C LEU H 110 28.75 37.40 6.10
N ASP H 111 27.61 36.94 6.62
CA ASP H 111 26.30 37.56 6.36
C ASP H 111 25.96 37.53 4.88
N VAL H 112 26.17 36.36 4.27
CA VAL H 112 26.09 36.21 2.81
C VAL H 112 24.77 36.62 2.16
N ARG H 113 23.64 36.09 2.60
CA ARG H 113 22.39 36.44 1.95
C ARG H 113 22.02 37.92 2.13
N GLN H 114 22.16 38.41 3.35
CA GLN H 114 21.83 39.80 3.64
C GLN H 114 22.61 40.78 2.78
N ASN H 115 23.92 40.60 2.71
CA ASN H 115 24.78 41.56 2.04
C ASN H 115 25.04 41.30 0.55
N TYR H 116 24.75 40.08 0.08
CA TYR H 116 25.02 39.73 -1.31
C TYR H 116 23.83 39.19 -2.10
N ASP H 117 22.68 39.09 -1.45
CA ASP H 117 21.48 38.50 -2.05
C ASP H 117 21.76 37.12 -2.63
N VAL H 118 22.67 36.38 -1.99
CA VAL H 118 23.00 35.03 -2.41
C VAL H 118 22.70 34.00 -1.32
N THR H 119 22.04 32.90 -1.70
CA THR H 119 21.78 31.83 -0.76
C THR H 119 22.71 30.67 -1.00
N VAL H 120 23.44 30.29 0.05
CA VAL H 120 24.20 29.04 0.04
C VAL H 120 23.23 27.89 0.29
N ILE H 121 22.87 27.13 -0.76
CA ILE H 121 21.84 26.12 -0.60
C ILE H 121 22.43 24.80 -0.08
N ALA H 122 23.73 24.65 -0.24
CA ALA H 122 24.44 23.49 0.27
C ALA H 122 25.93 23.75 0.44
N ILE H 123 26.54 22.96 1.31
CA ILE H 123 27.99 22.94 1.46
C ILE H 123 28.48 21.50 1.33
N ILE H 124 29.51 21.30 0.51
CA ILE H 124 30.12 19.99 0.35
C ILE H 124 31.53 20.05 0.91
N LYS H 125 31.68 19.66 2.18
CA LYS H 125 32.99 19.55 2.81
C LYS H 125 33.84 18.57 2.01
N HIS H 126 35.13 18.86 1.89
CA HIS H 126 36.03 17.97 1.17
C HIS H 126 36.03 16.61 1.84
N ASN H 127 35.80 15.57 1.05
CA ASN H 127 35.71 14.21 1.57
C ASN H 127 34.65 14.07 2.67
N GLN H 128 33.43 14.49 2.36
CA GLN H 128 32.32 14.38 3.31
C GLN H 128 30.98 14.40 2.60
N GLU H 129 29.90 14.27 3.38
CA GLU H 129 28.55 14.31 2.85
C GLU H 129 28.19 15.71 2.36
N LYS H 130 27.03 15.81 1.72
CA LYS H 130 26.53 17.09 1.25
C LYS H 130 25.58 17.66 2.29
N LEU H 131 25.94 18.80 2.86
CA LEU H 131 25.12 19.44 3.88
C LEU H 131 24.06 20.34 3.24
N LEU H 132 22.80 19.98 3.43
CA LEU H 132 21.68 20.71 2.83
C LEU H 132 21.22 21.88 3.68
N ASN H 133 20.90 23.00 3.03
CA ASN H 133 20.48 24.23 3.69
C ASN H 133 21.27 24.54 4.95
N PRO H 134 22.56 24.85 4.80
CA PRO H 134 23.33 25.30 5.97
C PRO H 134 22.75 26.60 6.51
N GLY H 135 23.07 26.94 7.75
CA GLY H 135 22.55 28.14 8.38
C GLY H 135 23.66 29.05 8.88
N ALA H 136 23.32 29.99 9.75
CA ALA H 136 24.25 31.04 10.19
C ALA H 136 25.52 30.53 10.87
N ASP H 137 25.45 29.32 11.44
CA ASP H 137 26.56 28.81 12.23
C ASP H 137 27.57 27.95 11.45
N SER H 138 27.19 27.51 10.25
CA SER H 138 28.09 26.68 9.44
C SER H 138 29.35 27.44 9.06
N ILE H 139 30.50 26.87 9.40
CA ILE H 139 31.79 27.50 9.13
C ILE H 139 32.31 27.11 7.76
N ILE H 140 32.83 28.10 7.04
CA ILE H 140 33.50 27.85 5.77
C ILE H 140 34.98 27.49 6.00
N GLU H 141 35.36 26.29 5.54
CA GLU H 141 36.75 25.85 5.64
C GLU H 141 37.35 25.70 4.24
N GLU H 142 38.67 25.76 4.15
CA GLU H 142 39.36 25.66 2.87
C GLU H 142 39.01 24.37 2.14
N ASN H 143 38.91 24.47 0.81
CA ASN H 143 38.63 23.32 -0.07
C ASN H 143 37.21 22.79 -0.01
N ASP H 144 36.34 23.48 0.73
CA ASP H 144 34.91 23.20 0.65
C ASP H 144 34.41 23.72 -0.69
N THR H 145 33.33 23.12 -1.19
CA THR H 145 32.67 23.63 -2.37
C THR H 145 31.31 24.20 -1.98
N LEU H 146 31.11 25.49 -2.18
CA LEU H 146 29.84 26.14 -1.82
C LEU H 146 28.87 26.11 -3.00
N VAL H 147 27.65 25.65 -2.75
CA VAL H 147 26.63 25.63 -3.80
C VAL H 147 25.78 26.89 -3.66
N LEU H 148 25.92 27.78 -4.63
CA LEU H 148 25.39 29.15 -4.50
C LEU H 148 24.21 29.36 -5.44
N SER H 149 23.21 30.09 -4.97
CA SER H 149 22.06 30.46 -5.78
C SER H 149 21.76 31.95 -5.73
N GLY H 150 21.76 32.59 -6.89
CA GLY H 150 21.42 34.01 -6.96
C GLY H 150 21.54 34.59 -8.35
N GLU H 151 21.44 35.93 -8.45
CA GLU H 151 21.64 36.63 -9.70
C GLU H 151 23.11 36.69 -10.06
N ARG H 152 23.41 36.63 -11.36
CA ARG H 152 24.78 36.56 -11.86
C ARG H 152 25.68 37.69 -11.33
N LYS H 153 25.13 38.90 -11.24
CA LYS H 153 25.87 40.05 -10.74
C LYS H 153 26.32 39.84 -9.30
N HIS H 154 25.38 39.45 -8.45
CA HIS H 154 25.64 39.23 -7.04
C HIS H 154 26.62 38.08 -6.78
N LEU H 155 26.48 37.00 -7.55
CA LEU H 155 27.42 35.88 -7.46
C LEU H 155 28.86 36.32 -7.73
N LYS H 156 29.04 37.10 -8.78
CA LYS H 156 30.38 37.56 -9.17
C LYS H 156 31.07 38.32 -8.05
N LYS H 157 30.32 39.20 -7.39
CA LYS H 157 30.89 40.09 -6.37
C LYS H 157 31.16 39.34 -5.05
N LEU H 158 30.30 38.39 -4.73
CA LEU H 158 30.54 37.50 -3.60
C LEU H 158 31.82 36.71 -3.79
N ILE H 159 32.00 36.16 -4.99
CA ILE H 159 33.19 35.39 -5.30
C ILE H 159 34.45 36.26 -5.26
N HIS H 160 34.35 37.46 -5.79
CA HIS H 160 35.49 38.37 -5.88
C HIS H 160 36.13 38.73 -4.54
N ASP H 161 35.31 39.17 -3.59
CA ASP H 161 35.85 39.69 -2.34
C ASP H 161 35.77 38.74 -1.14
N PHE H 162 35.10 37.60 -1.32
CA PHE H 162 34.95 36.66 -0.21
C PHE H 162 35.54 35.26 -0.44
N LEU H 163 35.35 34.72 -1.64
CA LEU H 163 35.73 33.33 -1.89
C LEU H 163 37.06 33.20 -2.66
N SER H 164 37.72 34.34 -2.86
CA SER H 164 39.06 34.39 -3.43
C SER H 164 39.62 35.82 -3.38
CA CA I . -5.56 22.30 55.06
C ACT J . 0.65 4.04 28.61
O ACT J . 0.81 4.95 27.75
OXT ACT J . 0.67 2.84 28.29
CH3 ACT J . 0.67 4.42 30.06
C ACT K . -10.93 -7.43 20.57
O ACT K . -11.75 -7.45 21.52
OXT ACT K . -11.06 -8.18 19.59
CH3 ACT K . -9.92 -6.31 20.46
P 2BA L . -3.15 18.06 51.93
O1P 2BA L . -3.71 16.74 51.47
O2P 2BA L . -2.49 18.17 53.29
O5' 2BA L . -2.12 18.62 50.83
C5' 2BA L . -1.20 19.63 51.20
C4' 2BA L . -0.47 20.11 49.96
O4' 2BA L . 0.40 19.07 49.51
C3' 2BA L . -1.39 20.40 48.78
O3' 2BA L . -1.83 21.75 48.76
C2' 2BA L . -0.49 20.12 47.59
O2' 2BA L . 0.24 21.32 47.26
C1' 2BA L . 0.48 19.08 48.09
N9 2BA L . 0.05 17.73 47.61
C8 2BA L . -0.62 16.81 48.32
N7 2BA L . -0.85 15.69 47.58
C5 2BA L . -0.31 15.91 46.36
C6 2BA L . -0.18 15.14 45.10
N6 2BA L . -0.69 13.90 45.01
N1 2BA L . 0.45 15.74 44.05
C2 2BA L . 0.97 16.98 44.15
N3 2BA L . 0.89 17.73 45.27
C4 2BA L . 0.28 17.25 46.38
P1 2BA L . -3.18 22.13 47.96
O1P1 2BA L . -3.10 21.54 46.56
O2P1 2BA L . -3.36 23.62 48.10
O5'1 2BA L . -4.28 21.33 48.81
C5'1 2BA L . -4.73 21.83 50.07
C4'1 2BA L . -5.66 20.83 50.71
O4'1 2BA L . -6.89 20.76 49.97
C3'1 2BA L . -5.15 19.39 50.74
O3'1 2BA L . -4.33 19.16 51.89
C2'1 2BA L . -6.44 18.57 50.76
O2'1 2BA L . -6.95 18.39 52.10
C1'1 2BA L . -7.41 19.43 49.97
N91 2BA L . -7.46 18.97 48.55
C81 2BA L . -6.97 19.64 47.49
N71 2BA L . -7.16 18.96 46.33
C51 2BA L . -7.79 17.81 46.66
C61 2BA L . -8.29 16.62 45.93
N61 2BA L . -8.15 16.54 44.58
N11 2BA L . -8.88 15.64 46.64
C21 2BA L . -9.03 15.72 47.98
N31 2BA L . -8.59 16.77 48.71
C41 2BA L . -7.98 17.83 48.11
C ACT M . -17.13 1.46 35.51
O ACT M . -16.94 0.56 36.35
OXT ACT M . -17.57 1.21 34.38
CH3 ACT M . -16.63 2.85 35.78
P 2BA N . 10.27 -31.39 -19.75
O1P 2BA N . 10.10 -30.21 -18.82
O2P 2BA N . 10.05 -31.14 -21.22
O5' 2BA N . 11.70 -32.04 -19.42
C5' 2BA N . 12.37 -32.79 -20.43
C4' 2BA N . 13.69 -33.27 -19.84
O4' 2BA N . 14.63 -32.19 -19.87
C3' 2BA N . 13.54 -33.62 -18.38
O3' 2BA N . 13.27 -34.99 -18.18
C2' 2BA N . 14.90 -33.29 -17.80
O2' 2BA N . 15.78 -34.43 -17.88
C1' 2BA N . 15.42 -32.18 -18.68
N9 2BA N . 15.23 -30.90 -17.95
C8 2BA N . 14.23 -30.01 -18.14
N7 2BA N . 14.34 -28.96 -17.27
C5 2BA N . 15.43 -29.19 -16.51
C6 2BA N . 16.15 -28.49 -15.41
N6 2BA N . 15.69 -27.29 -14.96
N1 2BA N . 17.24 -29.08 -14.89
C2 2BA N . 17.71 -30.25 -15.35
N3 2BA N . 17.12 -30.93 -16.35
C4 2BA N . 16.01 -30.47 -16.95
P1 2BA N . 12.55 -35.55 -16.86
O1P1 2BA N . 13.33 -35.25 -15.61
O2P1 2BA N . 12.24 -37.00 -17.17
O5'1 2BA N . 11.15 -34.78 -16.89
C5'1 2BA N . 10.10 -35.37 -17.65
C4'1 2BA N . 8.92 -34.43 -17.67
O4'1 2BA N . 8.33 -34.45 -16.38
C3'1 2BA N . 9.32 -32.97 -17.90
O3'1 2BA N . 9.27 -32.58 -19.27
C2'1 2BA N . 8.29 -32.20 -17.11
O2'1 2BA N . 7.18 -31.87 -17.95
C1'1 2BA N . 7.87 -33.16 -16.00
N91 2BA N . 8.58 -32.78 -14.74
C81 2BA N . 9.61 -33.43 -14.14
N71 2BA N . 9.97 -32.79 -12.99
C51 2BA N . 9.16 -31.73 -12.87
C61 2BA N . 8.99 -30.62 -11.90
N61 2BA N . 9.79 -30.56 -10.81
N11 2BA N . 8.02 -29.72 -12.14
C21 2BA N . 7.20 -29.79 -13.22
N31 2BA N . 7.31 -30.76 -14.15
C41 2BA N . 8.24 -31.73 -14.01
C ACT O . 18.67 -6.61 11.62
O ACT O . 18.35 -5.65 12.34
OXT ACT O . 19.76 -7.21 11.77
CH3 ACT O . 17.64 -7.16 10.67
C ACT P . 25.60 -17.35 -1.33
O ACT P . 25.58 -16.14 -1.00
OXT ACT P . 26.26 -18.19 -0.69
CH3 ACT P . 24.86 -17.79 -2.56
C ACT Q . 6.65 -16.72 2.55
O ACT Q . 7.05 -16.51 3.69
OXT ACT Q . 5.91 -15.88 1.99
CH3 ACT Q . 6.90 -18.07 1.92
P 2BA R . -27.81 -18.52 -44.40
O1P 2BA R . -28.04 -17.35 -43.48
O2P 2BA R . -27.85 -18.28 -45.89
O5' 2BA R . -26.43 -19.22 -43.95
C5' 2BA R . -25.66 -19.91 -44.94
C4' 2BA R . -24.40 -20.47 -44.31
O4' 2BA R . -23.41 -19.45 -44.26
C3' 2BA R . -24.62 -20.88 -42.87
O3' 2BA R . -25.00 -22.25 -42.75
C2' 2BA R . -23.27 -20.64 -42.23
O2' 2BA R . -22.41 -21.79 -42.39
C1' 2BA R . -22.68 -19.51 -43.03
N9 2BA R . -22.90 -18.23 -42.28
C8 2BA R . -23.84 -17.31 -42.53
N7 2BA R . -23.75 -16.26 -41.66
C5 2BA R . -22.72 -16.52 -40.85
C6 2BA R . -22.06 -15.84 -39.71
N6 2BA R . -22.50 -14.63 -39.26
N1 2BA R . -21.00 -16.47 -39.14
C2 2BA R . -20.53 -17.66 -39.59
N3 2BA R . -21.09 -18.33 -40.60
C4 2BA R . -22.15 -17.82 -41.26
P1 2BA R . -25.81 -22.75 -41.45
O1P1 2BA R . -25.16 -22.33 -40.18
O2P1 2BA R . -26.10 -24.23 -41.63
O5'1 2BA R . -27.18 -21.95 -41.67
C5'1 2BA R . -28.24 -22.50 -42.43
C4'1 2BA R . -29.39 -21.50 -42.45
O4'1 2BA R . -30.03 -21.50 -41.17
C3'1 2BA R . -28.93 -20.06 -42.65
O3'1 2BA R . -28.87 -19.67 -44.02
C2'1 2BA R . -29.97 -19.25 -41.92
O2'1 2BA R . -31.04 -18.90 -42.81
C1'1 2BA R . -30.48 -20.18 -40.84
N91 2BA R . -29.84 -19.78 -39.56
C81 2BA R . -28.84 -20.41 -38.92
N71 2BA R . -28.50 -19.76 -37.77
C51 2BA R . -29.29 -18.69 -37.67
C61 2BA R . -29.47 -17.59 -36.70
N61 2BA R . -28.68 -17.54 -35.60
N11 2BA R . -30.41 -16.67 -36.96
C21 2BA R . -31.19 -16.73 -38.05
N31 2BA R . -31.10 -17.71 -38.98
C41 2BA R . -30.18 -18.69 -38.84
C ACT S . -20.59 5.97 -12.18
O ACT S . -20.78 6.80 -11.28
OXT ACT S . -19.58 5.22 -12.19
CH3 ACT S . -21.60 5.88 -13.29
C ACT T . -13.48 -5.05 -25.08
O ACT T . -13.21 -3.86 -24.81
OXT ACT T . -13.02 -5.99 -24.39
CH3 ACT T . -14.06 -5.35 -26.43
C ACT U . -32.46 -3.68 -22.49
O ACT U . -32.09 -3.45 -21.35
OXT ACT U . -33.10 -2.82 -23.16
CH3 ACT U . -32.17 -5.03 -23.08
CA CA V . 17.47 37.52 14.06
C ACT W . 22.87 19.55 -12.91
O ACT W . 22.85 20.47 -13.76
OXT ACT W . 22.82 18.34 -13.23
CH3 ACT W . 23.06 19.89 -11.46
P 2BA X . 19.49 37.43 6.92
O1P 2BA X . 19.50 36.89 5.50
O2P 2BA X . 19.18 38.90 7.12
O5' 2BA X . 18.50 36.56 7.84
C5' 2BA X . 18.08 37.10 9.08
C4' 2BA X . 17.20 36.08 9.78
O4' 2BA X . 15.95 35.97 9.09
C3' 2BA X . 17.80 34.69 9.74
O3' 2BA X . 18.69 34.52 10.83
C2' 2BA X . 16.58 33.81 9.84
O2' 2BA X . 16.18 33.54 11.19
C1' 2BA X . 15.50 34.62 9.12
N9 2BA X . 15.46 34.15 7.72
C8 2BA X . 15.93 34.79 6.62
N7 2BA X . 15.71 34.08 5.49
C5 2BA X . 15.09 32.94 5.87
C6 2BA X . 14.56 31.75 5.17
N6 2BA X . 14.69 31.64 3.82
N1 2BA X . 13.98 30.80 5.94
C2 2BA X . 13.87 30.90 7.27
N3 2BA X . 14.31 31.96 7.97
C4 2BA X . 14.92 32.99 7.33
P1 2BA X . 19.84 33.40 10.80
O1P1 2BA X . 19.25 32.09 10.32
O2P1 2BA X . 20.55 33.45 12.12
O5'1 2BA X . 20.82 33.99 9.67
C5'1 2BA X . 21.74 35.02 10.00
C4'1 2BA X . 22.39 35.53 8.73
O4'1 2BA X . 23.33 34.54 8.27
C3'1 2BA X . 21.42 35.74 7.57
O3'1 2BA X . 20.92 37.08 7.56
C2'1 2BA X . 22.27 35.46 6.35
O2'1 2BA X . 22.93 36.65 5.87
C1'1 2BA X . 23.35 34.52 6.84
N91 2BA X . 22.96 33.16 6.41
C81 2BA X . 22.42 32.19 7.16
N71 2BA X . 22.18 31.07 6.40
C51 2BA X . 22.58 31.35 5.14
C61 2BA X . 22.62 30.64 3.84
N61 2BA X . 22.19 29.35 3.70
N11 2BA X . 23.12 31.33 2.79
C21 2BA X . 23.56 32.60 2.88
N31 2BA X . 23.55 33.31 4.03
C41 2BA X . 23.09 32.73 5.16
C ACT Y . 10.79 7.92 -20.15
O ACT Y . 10.11 7.61 -19.15
OXT ACT Y . 10.64 7.36 -21.24
CH3 ACT Y . 11.82 9.00 -20.06
C ACT Z . 5.75 16.37 -4.99
O ACT Z . 5.71 15.46 -4.14
OXT ACT Z . 5.24 16.23 -6.11
CH3 ACT Z . 6.27 17.72 -4.61
#